data_3VLJ
#
_entry.id   3VLJ
#
_cell.length_a   315.209
_cell.length_b   80.762
_cell.length_c   75.433
_cell.angle_alpha   90.00
_cell.angle_beta   99.50
_cell.angle_gamma   90.00
#
_symmetry.space_group_name_H-M   'C 1 2 1'
#
loop_
_entity.id
_entity.type
_entity.pdbx_description
1 polymer 'Catalase-peroxidase 2'
2 non-polymer 'PROTOPORPHYRIN IX CONTAINING FE'
3 non-polymer "3,3'-dimethoxybiphenyl-4,4'-diamine"
4 non-polymer 'CYANIDE ION'
5 water water
#
_entity_poly.entity_id   1
_entity_poly.type   'polypeptide(L)'
_entity_poly.pdbx_seq_one_letter_code
;MAETPNSDMSGATGGRSKRPKSNQDWWPSKLNLEILDQNARDVGPVEDDFDYAEEFQKLDLEAVKSDLEELMTSSQDWWP
ADYGHYGPLFIRMAWHSAGTYRTADGRGGAAGGRQRFAPINSWPDNANLDKARRLLLPIKQKYGQKISWADLMILAGNVA
IESMGFKTFGYAGGREDAFEEDKAVNWGPEDEFETQERFDEPGEIQEGLGASVMGLIYVNPEGPDGNPDPEASAKNIRQT
FDRMAMNDKETAALIAGGHTFGKVHGADDPEENLGPEPEAAPIEQQGLGWQNKNGNSKGGEMITSGIEGPWTQSPTEWDM
GYINNLLDYEWEPEKGPGGAWQWAPKSEELKNSVPDAHDPDEKQTPMMLTTDIALKRDPDYREVMETFQENPMEFGMNFA
KAWYKLTHLDMGPPERFLGPEVPDEEMIWQDPLPDADYDLIGDEEIAELKEEILDSDLSVSQLVKTAWASASTYRDSDKR
GGANGARLRLEPQKNWEVNEPEQLETVLGTLENIQTEFNDSRSDGTQVSLADLIVLGGNAAVEQAAANAGYDVEIPFEPG
RVDAGPEHTDAPSFDALKPKVDGVRNYIQDDITRPAEEVLVDNADLLNLTASELTALIGGMRSIGANYQDTDLGVFTDEP
ETLTNDFFVNLLDMGTEWEPAADSEHRYKGLDRDTGEVKWEATRIDLIFGSNDRLRAISEVYGSADAEKKLVHDFVDTWS
KVMKLDRFDLEHHHHHH
;
_entity_poly.pdbx_strand_id   A,B
#
loop_
_chem_comp.id
_chem_comp.type
_chem_comp.name
_chem_comp.formula
CYN non-polymer 'CYANIDE ION' 'C N -1'
DDJ non-polymer 3,3'-dimethoxybiphenyl-4,4'-diamine 'C14 H16 N2 O2'
HEM non-polymer 'PROTOPORPHYRIN IX CONTAINING FE' 'C34 H32 Fe N4 O4'
#
# COMPACT_ATOMS: atom_id res chain seq x y z
N LYS A 18 11.08 7.43 -15.66
CA LYS A 18 10.33 6.29 -16.25
C LYS A 18 9.32 5.74 -15.26
N ARG A 19 9.62 5.88 -13.96
CA ARG A 19 8.73 5.41 -12.92
C ARG A 19 9.04 6.09 -11.58
N PRO A 20 8.02 6.26 -10.72
CA PRO A 20 8.20 6.91 -9.42
C PRO A 20 9.08 6.10 -8.46
N LYS A 21 9.94 6.82 -7.73
CA LYS A 21 10.84 6.18 -6.78
C LYS A 21 10.11 5.95 -5.46
N SER A 22 10.71 5.15 -4.59
CA SER A 22 10.12 4.86 -3.29
C SER A 22 11.01 5.38 -2.16
N ASN A 23 10.38 5.76 -1.06
CA ASN A 23 11.12 6.26 0.08
C ASN A 23 11.97 5.14 0.64
N GLN A 24 11.57 3.91 0.35
CA GLN A 24 12.28 2.71 0.79
C GLN A 24 13.71 2.73 0.27
N ASP A 25 13.86 3.16 -0.98
CA ASP A 25 15.17 3.24 -1.62
C ASP A 25 16.04 4.34 -1.04
N TRP A 26 15.44 5.50 -0.78
CA TRP A 26 16.20 6.62 -0.21
C TRP A 26 16.59 6.34 1.24
N TRP A 27 15.65 5.75 1.99
CA TRP A 27 15.86 5.46 3.40
C TRP A 27 15.51 4.02 3.74
N PRO A 28 16.50 3.11 3.65
CA PRO A 28 16.33 1.68 3.94
C PRO A 28 15.80 1.36 5.34
N SER A 29 16.10 2.22 6.31
CA SER A 29 15.64 1.99 7.68
C SER A 29 14.25 2.52 7.97
N LYS A 30 13.60 3.09 6.96
CA LYS A 30 12.26 3.64 7.16
C LYS A 30 11.26 2.54 7.47
N LEU A 31 10.40 2.79 8.46
CA LEU A 31 9.39 1.82 8.85
C LEU A 31 8.52 1.42 7.66
N ASN A 32 8.24 0.12 7.56
CA ASN A 32 7.41 -0.36 6.46
C ASN A 32 5.96 -0.40 6.91
N LEU A 33 5.32 0.77 6.96
CA LEU A 33 3.93 0.84 7.39
C LEU A 33 2.96 0.31 6.34
N GLU A 34 3.48 -0.02 5.16
CA GLU A 34 2.64 -0.56 4.09
C GLU A 34 2.01 -1.88 4.55
N ILE A 35 2.67 -2.58 5.48
CA ILE A 35 2.12 -3.84 5.95
C ILE A 35 0.84 -3.61 6.75
N LEU A 36 0.76 -2.49 7.45
CA LEU A 36 -0.44 -2.20 8.24
C LEU A 36 -1.54 -1.67 7.34
N ASP A 37 -1.14 -1.03 6.25
CA ASP A 37 -2.12 -0.50 5.31
C ASP A 37 -2.90 -1.64 4.68
N GLN A 38 -2.27 -2.82 4.56
CA GLN A 38 -2.96 -3.97 3.98
C GLN A 38 -4.14 -4.37 4.87
N ASN A 39 -4.13 -3.94 6.12
CA ASN A 39 -5.21 -4.26 7.05
C ASN A 39 -6.34 -3.25 7.04
N ALA A 40 -6.12 -2.13 6.35
CA ALA A 40 -7.12 -1.07 6.28
C ALA A 40 -8.18 -1.37 5.22
N ARG A 41 -7.76 -2.02 4.14
CA ARG A 41 -8.67 -2.36 3.05
C ARG A 41 -8.38 -3.75 2.52
N ASP A 42 -9.41 -4.39 1.96
CA ASP A 42 -9.25 -5.72 1.40
C ASP A 42 -9.21 -5.59 -0.11
N VAL A 43 -8.02 -5.44 -0.69
CA VAL A 43 -7.90 -5.30 -2.13
C VAL A 43 -8.63 -6.49 -2.76
N GLY A 44 -9.08 -6.29 -3.99
CA GLY A 44 -9.80 -7.35 -4.67
C GLY A 44 -11.19 -6.83 -4.99
N PRO A 45 -11.86 -7.44 -5.98
CA PRO A 45 -13.21 -7.05 -6.42
C PRO A 45 -14.34 -7.58 -5.54
N VAL A 46 -14.00 -8.40 -4.56
CA VAL A 46 -15.00 -8.97 -3.66
C VAL A 46 -15.31 -8.04 -2.50
N GLU A 47 -16.60 -7.92 -2.18
CA GLU A 47 -17.05 -7.07 -1.07
C GLU A 47 -16.66 -7.69 0.26
N ASP A 48 -17.44 -7.41 1.29
CA ASP A 48 -17.14 -7.95 2.62
C ASP A 48 -18.40 -8.44 3.34
N ASP A 49 -19.56 -7.97 2.89
CA ASP A 49 -20.82 -8.38 3.50
C ASP A 49 -21.00 -9.89 3.45
N PHE A 50 -20.37 -10.53 2.48
CA PHE A 50 -20.48 -11.97 2.31
C PHE A 50 -19.18 -12.68 2.68
N ASP A 51 -19.29 -13.77 3.42
CA ASP A 51 -18.11 -14.53 3.82
C ASP A 51 -17.93 -15.73 2.92
N TYR A 52 -16.67 -16.12 2.73
CA TYR A 52 -16.34 -17.25 1.88
C TYR A 52 -16.94 -18.55 2.39
N ALA A 53 -16.98 -18.71 3.72
CA ALA A 53 -17.52 -19.92 4.31
C ALA A 53 -18.92 -20.21 3.80
N GLU A 54 -19.75 -19.18 3.74
CA GLU A 54 -21.12 -19.31 3.26
C GLU A 54 -21.15 -19.78 1.82
N GLU A 55 -20.21 -19.30 1.02
CA GLU A 55 -20.16 -19.68 -0.39
C GLU A 55 -19.65 -21.11 -0.55
N PHE A 56 -18.64 -21.48 0.24
CA PHE A 56 -18.10 -22.82 0.16
C PHE A 56 -19.18 -23.83 0.54
N GLN A 57 -20.04 -23.45 1.48
CA GLN A 57 -21.13 -24.32 1.92
C GLN A 57 -22.07 -24.69 0.77
N LYS A 58 -22.15 -23.82 -0.23
CA LYS A 58 -23.03 -24.07 -1.38
C LYS A 58 -22.35 -24.95 -2.43
N LEU A 59 -21.07 -25.21 -2.25
CA LEU A 59 -20.31 -26.02 -3.19
C LEU A 59 -20.60 -27.51 -3.11
N ASP A 60 -20.67 -28.16 -4.27
CA ASP A 60 -20.88 -29.60 -4.34
C ASP A 60 -19.46 -30.16 -4.41
N LEU A 61 -18.85 -30.40 -3.26
CA LEU A 61 -17.48 -30.90 -3.22
C LEU A 61 -17.23 -32.13 -4.09
N GLU A 62 -18.13 -33.11 -4.01
CA GLU A 62 -17.98 -34.33 -4.82
C GLU A 62 -17.90 -34.01 -6.31
N ALA A 63 -18.66 -33.03 -6.76
CA ALA A 63 -18.68 -32.64 -8.16
C ALA A 63 -17.31 -32.09 -8.57
N VAL A 64 -16.72 -31.27 -7.71
CA VAL A 64 -15.40 -30.70 -8.01
C VAL A 64 -14.37 -31.83 -8.08
N LYS A 65 -14.43 -32.75 -7.11
CA LYS A 65 -13.50 -33.87 -7.09
C LYS A 65 -13.64 -34.71 -8.34
N SER A 66 -14.87 -34.89 -8.81
CA SER A 66 -15.11 -35.68 -10.01
C SER A 66 -14.41 -35.01 -11.21
N ASP A 67 -14.51 -33.69 -11.29
CA ASP A 67 -13.88 -32.95 -12.38
C ASP A 67 -12.36 -33.02 -12.28
N LEU A 68 -11.85 -32.99 -11.04
CA LEU A 68 -10.41 -33.08 -10.81
C LEU A 68 -9.90 -34.46 -11.22
N GLU A 69 -10.67 -35.50 -10.93
CA GLU A 69 -10.27 -36.85 -11.29
C GLU A 69 -10.12 -36.94 -12.81
N GLU A 70 -11.04 -36.32 -13.54
CA GLU A 70 -11.00 -36.34 -14.99
C GLU A 70 -9.77 -35.58 -15.48
N LEU A 71 -9.49 -34.45 -14.84
CA LEU A 71 -8.36 -33.61 -15.22
C LEU A 71 -7.02 -34.36 -15.14
N MET A 72 -6.88 -35.22 -14.14
CA MET A 72 -5.66 -35.98 -13.95
C MET A 72 -5.13 -36.67 -15.21
N THR A 73 -6.05 -37.17 -16.03
CA THR A 73 -5.64 -37.87 -17.24
C THR A 73 -5.97 -37.13 -18.54
N SER A 74 -6.18 -35.82 -18.43
CA SER A 74 -6.51 -34.98 -19.59
C SER A 74 -5.35 -34.05 -19.95
N SER A 75 -4.44 -34.56 -20.77
CA SER A 75 -3.23 -33.85 -21.20
C SER A 75 -3.41 -32.66 -22.15
N GLN A 76 -2.79 -31.53 -21.81
CA GLN A 76 -2.84 -30.34 -22.66
C GLN A 76 -1.51 -30.27 -23.41
N ASP A 77 -1.55 -29.98 -24.71
CA ASP A 77 -0.34 -29.92 -25.51
C ASP A 77 0.72 -28.91 -25.06
N TRP A 78 0.30 -27.85 -24.36
CA TRP A 78 1.26 -26.85 -23.90
C TRP A 78 2.07 -27.27 -22.67
N TRP A 79 1.68 -28.39 -22.06
CA TRP A 79 2.40 -28.96 -20.91
C TRP A 79 1.89 -30.38 -20.73
N PRO A 80 2.27 -31.28 -21.65
CA PRO A 80 1.86 -32.68 -21.66
C PRO A 80 2.15 -33.44 -20.37
N ALA A 81 1.13 -34.11 -19.87
CA ALA A 81 1.26 -34.87 -18.64
C ALA A 81 2.30 -36.00 -18.70
N ASP A 82 3.10 -36.12 -17.66
CA ASP A 82 4.10 -37.20 -17.53
C ASP A 82 3.31 -38.47 -17.21
N TYR A 83 3.73 -39.60 -17.79
CA TYR A 83 3.09 -40.88 -17.50
C TYR A 83 1.57 -40.84 -17.70
N GLY A 84 1.11 -39.88 -18.49
CA GLY A 84 -0.31 -39.72 -18.76
C GLY A 84 -1.15 -39.38 -17.54
N HIS A 85 -0.50 -38.85 -16.51
CA HIS A 85 -1.21 -38.51 -15.26
C HIS A 85 -0.57 -37.28 -14.61
N TYR A 86 -1.36 -36.22 -14.45
CA TYR A 86 -0.87 -34.97 -13.84
C TYR A 86 -0.78 -35.03 -12.32
N GLY A 87 -1.24 -36.13 -11.73
CA GLY A 87 -1.23 -36.27 -10.28
C GLY A 87 0.02 -35.81 -9.54
N PRO A 88 1.19 -36.38 -9.88
CA PRO A 88 2.43 -35.98 -9.20
C PRO A 88 2.70 -34.49 -9.27
N LEU A 89 2.43 -33.89 -10.44
CA LEU A 89 2.65 -32.47 -10.62
C LEU A 89 1.76 -31.67 -9.65
N PHE A 90 0.50 -32.11 -9.50
CA PHE A 90 -0.39 -31.42 -8.59
C PHE A 90 0.00 -31.62 -7.13
N ILE A 91 0.61 -32.77 -6.80
CA ILE A 91 1.05 -33.02 -5.44
C ILE A 91 2.15 -32.03 -5.14
N ARG A 92 3.06 -31.85 -6.09
CA ARG A 92 4.16 -30.91 -5.91
C ARG A 92 3.61 -29.48 -5.72
N MET A 93 2.62 -29.12 -6.53
CA MET A 93 2.01 -27.81 -6.45
C MET A 93 1.43 -27.57 -5.04
N ALA A 94 0.74 -28.58 -4.52
CA ALA A 94 0.12 -28.49 -3.19
C ALA A 94 1.17 -28.45 -2.07
N TRP A 95 2.19 -29.27 -2.19
CA TRP A 95 3.24 -29.28 -1.18
C TRP A 95 3.94 -27.93 -1.19
N HIS A 96 4.20 -27.37 -2.37
CA HIS A 96 4.84 -26.06 -2.37
C HIS A 96 3.92 -24.97 -1.86
N SER A 97 2.62 -25.11 -2.10
CA SER A 97 1.68 -24.10 -1.62
C SER A 97 1.71 -24.05 -0.10
N ALA A 98 1.66 -25.22 0.54
CA ALA A 98 1.66 -25.29 2.00
C ALA A 98 3.05 -25.18 2.61
N GLY A 99 4.05 -25.55 1.81
CA GLY A 99 5.43 -25.60 2.27
C GLY A 99 6.19 -24.35 2.67
N THR A 100 5.61 -23.18 2.48
CA THR A 100 6.30 -21.95 2.84
C THR A 100 5.97 -21.51 4.26
N TYR A 101 5.11 -22.27 4.93
CA TYR A 101 4.70 -21.97 6.30
C TYR A 101 5.85 -21.91 7.31
N ARG A 102 5.84 -20.92 8.19
CA ARG A 102 6.86 -20.80 9.26
C ARG A 102 6.10 -20.70 10.58
N THR A 103 6.45 -21.54 11.56
CA THR A 103 5.75 -21.49 12.85
C THR A 103 6.07 -20.21 13.63
N ALA A 104 7.25 -19.64 13.38
CA ALA A 104 7.67 -18.43 14.08
C ALA A 104 6.65 -17.30 14.05
N ASP A 105 6.10 -17.01 12.87
CA ASP A 105 5.09 -15.95 12.76
C ASP A 105 3.77 -16.45 12.15
N GLY A 106 3.74 -17.73 11.78
CA GLY A 106 2.55 -18.31 11.21
C GLY A 106 2.28 -17.88 9.78
N ARG A 107 3.19 -17.11 9.21
CA ARG A 107 3.03 -16.64 7.83
C ARG A 107 3.49 -17.69 6.84
N GLY A 108 3.19 -17.46 5.57
CA GLY A 108 3.52 -18.42 4.54
C GLY A 108 2.43 -19.47 4.61
N GLY A 109 2.52 -20.51 3.82
CA GLY A 109 1.48 -21.53 3.88
C GLY A 109 0.48 -21.43 2.74
N ALA A 110 -0.50 -22.33 2.78
CA ALA A 110 -1.50 -22.41 1.72
C ALA A 110 -2.82 -21.66 1.91
N ALA A 111 -3.07 -21.17 3.13
CA ALA A 111 -4.34 -20.52 3.44
C ALA A 111 -4.80 -19.34 2.58
N GLY A 112 -3.89 -18.70 1.85
CA GLY A 112 -4.29 -17.58 1.02
C GLY A 112 -4.02 -17.80 -0.46
N GLY A 113 -3.42 -18.95 -0.77
CA GLY A 113 -3.08 -19.27 -2.15
C GLY A 113 -2.08 -18.27 -2.71
N ARG A 114 -1.25 -17.69 -1.84
CA ARG A 114 -0.31 -16.69 -2.30
C ARG A 114 0.82 -17.18 -3.21
N GLN A 115 0.81 -18.47 -3.53
CA GLN A 115 1.80 -19.02 -4.45
C GLN A 115 1.53 -18.37 -5.81
N ARG A 116 0.34 -17.81 -5.96
CA ARG A 116 -0.07 -17.18 -7.20
C ARG A 116 0.54 -15.79 -7.43
N PHE A 117 1.09 -15.21 -6.37
CA PHE A 117 1.66 -13.86 -6.49
C PHE A 117 3.15 -13.79 -6.25
N ALA A 118 3.78 -12.74 -6.77
CA ALA A 118 5.21 -12.55 -6.57
C ALA A 118 5.38 -12.33 -5.07
N PRO A 119 6.56 -12.67 -4.51
CA PRO A 119 7.71 -13.25 -5.20
C PRO A 119 7.63 -14.75 -5.36
N ILE A 120 6.78 -15.37 -4.54
CA ILE A 120 6.62 -16.82 -4.55
C ILE A 120 6.34 -17.44 -5.91
N ASN A 121 5.51 -16.79 -6.70
CA ASN A 121 5.14 -17.32 -8.01
C ASN A 121 6.33 -17.39 -8.97
N SER A 122 7.41 -16.70 -8.62
CA SER A 122 8.60 -16.68 -9.47
C SER A 122 9.87 -17.27 -8.84
N TRP A 123 9.73 -17.89 -7.68
CA TRP A 123 10.86 -18.53 -7.02
C TRP A 123 11.35 -19.68 -7.91
N PRO A 124 12.65 -19.94 -7.92
CA PRO A 124 13.15 -21.03 -8.75
C PRO A 124 12.52 -22.38 -8.36
N ASP A 125 12.26 -22.57 -7.07
CA ASP A 125 11.65 -23.81 -6.59
C ASP A 125 10.24 -24.00 -7.11
N ASN A 126 9.60 -22.94 -7.60
CA ASN A 126 8.24 -23.08 -8.10
C ASN A 126 8.17 -23.07 -9.62
N ALA A 127 9.31 -23.37 -10.26
CA ALA A 127 9.36 -23.42 -11.71
C ALA A 127 8.34 -24.41 -12.25
N ASN A 128 7.62 -23.98 -13.27
CA ASN A 128 6.59 -24.73 -13.96
C ASN A 128 5.30 -25.01 -13.19
N LEU A 129 5.20 -24.53 -11.95
CA LEU A 129 3.96 -24.70 -11.21
C LEU A 129 2.97 -23.68 -11.78
N ASP A 130 3.48 -22.75 -12.57
CA ASP A 130 2.61 -21.78 -13.23
C ASP A 130 1.74 -22.58 -14.20
N LYS A 131 2.32 -23.63 -14.78
CA LYS A 131 1.57 -24.49 -15.70
C LYS A 131 0.59 -25.37 -14.93
N ALA A 132 1.02 -25.86 -13.77
CA ALA A 132 0.18 -26.71 -12.93
C ALA A 132 -1.07 -25.93 -12.53
N ARG A 133 -0.89 -24.70 -12.06
CA ARG A 133 -2.04 -23.90 -11.66
C ARG A 133 -2.92 -23.55 -12.86
N ARG A 134 -2.30 -23.38 -14.03
CA ARG A 134 -3.05 -23.04 -15.23
C ARG A 134 -3.98 -24.18 -15.65
N LEU A 135 -3.58 -25.42 -15.41
CA LEU A 135 -4.41 -26.57 -15.78
C LEU A 135 -5.71 -26.60 -14.98
N LEU A 136 -5.71 -25.94 -13.83
CA LEU A 136 -6.87 -25.89 -12.94
C LEU A 136 -7.80 -24.73 -13.21
N LEU A 137 -7.40 -23.83 -14.10
CA LEU A 137 -8.22 -22.65 -14.38
C LEU A 137 -9.66 -22.96 -14.82
N PRO A 138 -9.86 -23.91 -15.74
CA PRO A 138 -11.23 -24.23 -16.17
C PRO A 138 -12.14 -24.63 -14.99
N ILE A 139 -11.62 -25.48 -14.11
CA ILE A 139 -12.41 -25.88 -12.95
C ILE A 139 -12.66 -24.68 -12.03
N LYS A 140 -11.67 -23.82 -11.86
CA LYS A 140 -11.84 -22.64 -11.02
C LYS A 140 -12.95 -21.75 -11.58
N GLN A 141 -12.96 -21.55 -12.89
CA GLN A 141 -13.97 -20.71 -13.52
C GLN A 141 -15.35 -21.32 -13.45
N LYS A 142 -15.42 -22.65 -13.56
CA LYS A 142 -16.68 -23.37 -13.51
C LYS A 142 -17.41 -23.23 -12.17
N TYR A 143 -16.66 -23.31 -11.07
CA TYR A 143 -17.28 -23.20 -9.76
C TYR A 143 -17.26 -21.80 -9.15
N GLY A 144 -16.45 -20.93 -9.73
CA GLY A 144 -16.37 -19.55 -9.28
C GLY A 144 -16.07 -19.33 -7.80
N GLN A 145 -16.80 -18.39 -7.20
CA GLN A 145 -16.60 -18.03 -5.80
C GLN A 145 -16.81 -19.17 -4.81
N LYS A 146 -17.49 -20.22 -5.24
CA LYS A 146 -17.78 -21.35 -4.37
C LYS A 146 -16.54 -22.13 -3.94
N ILE A 147 -15.44 -21.97 -4.67
CA ILE A 147 -14.20 -22.62 -4.25
C ILE A 147 -13.02 -21.70 -4.59
N SER A 148 -12.24 -21.39 -3.57
CA SER A 148 -11.08 -20.51 -3.72
C SER A 148 -9.92 -21.24 -4.37
N TRP A 149 -8.96 -20.46 -4.89
CA TRP A 149 -7.77 -21.05 -5.48
C TRP A 149 -7.04 -21.81 -4.38
N ALA A 150 -7.02 -21.21 -3.19
CA ALA A 150 -6.35 -21.82 -2.04
C ALA A 150 -6.91 -23.21 -1.74
N ASP A 151 -8.23 -23.30 -1.69
CA ASP A 151 -8.89 -24.57 -1.42
C ASP A 151 -8.70 -25.54 -2.60
N LEU A 152 -8.79 -25.02 -3.81
CA LEU A 152 -8.66 -25.85 -5.00
C LEU A 152 -7.27 -26.47 -5.16
N MET A 153 -6.22 -25.72 -4.87
CA MET A 153 -4.88 -26.28 -5.00
C MET A 153 -4.66 -27.46 -4.06
N ILE A 154 -5.13 -27.36 -2.83
CA ILE A 154 -4.96 -28.46 -1.88
C ILE A 154 -5.85 -29.62 -2.32
N LEU A 155 -7.08 -29.33 -2.73
CA LEU A 155 -7.98 -30.39 -3.16
C LEU A 155 -7.40 -31.16 -4.34
N ALA A 156 -6.77 -30.46 -5.27
CA ALA A 156 -6.16 -31.09 -6.43
C ALA A 156 -5.08 -32.07 -5.97
N GLY A 157 -4.33 -31.69 -4.94
CA GLY A 157 -3.30 -32.58 -4.42
C GLY A 157 -3.95 -33.81 -3.81
N ASN A 158 -5.02 -33.62 -3.05
CA ASN A 158 -5.72 -34.73 -2.42
C ASN A 158 -6.28 -35.70 -3.46
N VAL A 159 -6.95 -35.17 -4.47
CA VAL A 159 -7.54 -36.01 -5.50
C VAL A 159 -6.45 -36.75 -6.25
N ALA A 160 -5.32 -36.09 -6.48
CA ALA A 160 -4.20 -36.73 -7.16
C ALA A 160 -3.74 -37.95 -6.36
N ILE A 161 -3.53 -37.77 -5.07
CA ILE A 161 -3.09 -38.85 -4.19
C ILE A 161 -4.10 -40.01 -4.16
N GLU A 162 -5.38 -39.67 -4.02
CA GLU A 162 -6.44 -40.67 -3.98
C GLU A 162 -6.54 -41.45 -5.30
N SER A 163 -6.44 -40.74 -6.42
CA SER A 163 -6.53 -41.35 -7.73
C SER A 163 -5.39 -42.33 -8.00
N MET A 164 -4.27 -42.14 -7.30
CA MET A 164 -3.12 -43.02 -7.50
C MET A 164 -3.01 -44.12 -6.46
N GLY A 165 -4.12 -44.41 -5.79
CA GLY A 165 -4.14 -45.50 -4.83
C GLY A 165 -3.90 -45.28 -3.36
N PHE A 166 -3.97 -44.05 -2.88
CA PHE A 166 -3.76 -43.79 -1.46
C PHE A 166 -4.87 -42.93 -0.86
N LYS A 167 -5.52 -43.46 0.18
CA LYS A 167 -6.61 -42.72 0.82
C LYS A 167 -6.10 -41.65 1.76
N THR A 168 -6.64 -40.44 1.61
CA THR A 168 -6.25 -39.32 2.44
C THR A 168 -7.00 -39.36 3.78
N PHE A 169 -6.47 -38.67 4.77
CA PHE A 169 -7.05 -38.65 6.10
C PHE A 169 -8.28 -37.75 6.19
N GLY A 170 -8.35 -36.75 5.32
CA GLY A 170 -9.48 -35.85 5.31
C GLY A 170 -9.16 -34.59 4.53
N TYR A 171 -10.14 -33.70 4.44
CA TYR A 171 -9.97 -32.45 3.72
C TYR A 171 -10.97 -31.43 4.23
N ALA A 172 -10.50 -30.21 4.45
CA ALA A 172 -11.37 -29.14 4.90
C ALA A 172 -11.24 -27.95 3.96
N GLY A 173 -12.37 -27.32 3.67
CA GLY A 173 -12.36 -26.14 2.83
C GLY A 173 -12.42 -24.98 3.81
N GLY A 174 -12.37 -23.75 3.30
CA GLY A 174 -12.42 -22.61 4.19
C GLY A 174 -11.28 -21.62 4.04
N ARG A 175 -10.37 -21.88 3.10
CA ARG A 175 -9.24 -20.97 2.88
C ARG A 175 -9.68 -19.85 1.94
N GLU A 176 -9.80 -18.63 2.47
CA GLU A 176 -10.21 -17.50 1.65
C GLU A 176 -9.02 -16.99 0.84
N ASP A 177 -9.23 -16.77 -0.46
CA ASP A 177 -8.17 -16.29 -1.34
C ASP A 177 -7.69 -14.88 -1.02
N ALA A 178 -6.38 -14.69 -1.15
CA ALA A 178 -5.77 -13.38 -0.96
C ALA A 178 -5.70 -12.78 -2.36
N PHE A 179 -5.53 -11.46 -2.46
CA PHE A 179 -5.45 -10.82 -3.77
C PHE A 179 -4.11 -10.13 -4.03
N GLU A 180 -3.15 -10.37 -3.14
CA GLU A 180 -1.82 -9.81 -3.28
C GLU A 180 -0.88 -10.55 -2.35
N GLU A 181 0.42 -10.30 -2.46
CA GLU A 181 1.40 -10.97 -1.61
C GLU A 181 1.26 -10.49 -0.17
N ASP A 182 1.84 -11.25 0.76
CA ASP A 182 1.83 -10.90 2.17
C ASP A 182 3.07 -10.03 2.36
N LYS A 183 2.89 -8.72 2.42
CA LYS A 183 4.02 -7.81 2.56
C LYS A 183 4.80 -7.89 3.86
N ALA A 184 4.23 -8.54 4.87
CA ALA A 184 4.87 -8.65 6.17
C ALA A 184 5.92 -9.75 6.28
N VAL A 185 5.95 -10.65 5.31
CA VAL A 185 6.91 -11.74 5.38
C VAL A 185 8.33 -11.35 5.01
N ASN A 186 9.26 -11.65 5.90
CA ASN A 186 10.66 -11.39 5.63
C ASN A 186 11.17 -12.75 5.16
N TRP A 187 11.44 -12.88 3.86
CA TRP A 187 11.90 -14.16 3.32
C TRP A 187 13.38 -14.42 3.48
N GLY A 188 14.13 -13.41 3.91
CA GLY A 188 15.56 -13.60 4.09
C GLY A 188 16.38 -12.39 3.68
N PRO A 189 17.67 -12.37 4.05
CA PRO A 189 18.60 -11.27 3.75
C PRO A 189 19.22 -11.23 2.35
N GLU A 190 19.22 -12.36 1.66
CA GLU A 190 19.83 -12.45 0.32
C GLU A 190 19.29 -11.52 -0.76
N ASP A 191 20.19 -11.10 -1.65
CA ASP A 191 19.84 -10.20 -2.74
C ASP A 191 19.72 -10.95 -4.06
N GLU A 192 19.76 -12.28 -3.99
CA GLU A 192 19.66 -13.10 -5.20
C GLU A 192 19.06 -14.46 -4.90
N PHE A 193 18.15 -14.91 -5.75
CA PHE A 193 17.52 -16.22 -5.57
C PHE A 193 18.57 -17.32 -5.73
N GLU A 194 18.38 -18.42 -5.02
CA GLU A 194 19.28 -19.57 -5.07
C GLU A 194 20.63 -19.35 -4.40
N THR A 195 20.72 -18.35 -3.54
CA THR A 195 21.95 -18.10 -2.80
C THR A 195 21.57 -18.10 -1.34
N GLN A 196 22.54 -18.28 -0.46
CA GLN A 196 22.22 -18.27 0.96
C GLN A 196 23.29 -17.52 1.75
N GLU A 197 22.82 -16.70 2.68
CA GLU A 197 23.67 -15.92 3.56
C GLU A 197 22.98 -16.02 4.91
N ARG A 198 22.44 -17.21 5.17
CA ARG A 198 21.72 -17.47 6.41
C ARG A 198 22.24 -18.60 7.30
N PHE A 199 23.25 -19.35 6.83
CA PHE A 199 23.82 -20.40 7.68
C PHE A 199 25.30 -20.61 7.38
N ASP A 200 26.09 -20.77 8.43
CA ASP A 200 27.52 -21.02 8.28
C ASP A 200 27.78 -22.51 8.48
N GLU A 201 26.91 -23.13 9.27
CA GLU A 201 27.00 -24.56 9.54
C GLU A 201 25.61 -25.14 9.34
N PRO A 202 25.51 -26.31 8.70
CA PRO A 202 24.18 -26.89 8.51
C PRO A 202 23.51 -27.12 9.86
N GLY A 203 22.22 -26.81 9.93
CA GLY A 203 21.49 -26.98 11.18
C GLY A 203 21.57 -25.76 12.08
N GLU A 204 22.24 -24.70 11.61
CA GLU A 204 22.37 -23.46 12.37
C GLU A 204 21.89 -22.26 11.55
N ILE A 205 20.70 -22.40 10.97
CA ILE A 205 20.11 -21.34 10.16
C ILE A 205 19.65 -20.19 11.05
N GLN A 206 19.81 -18.97 10.56
CA GLN A 206 19.40 -17.79 11.31
C GLN A 206 17.92 -17.88 11.67
N GLU A 207 17.59 -17.53 12.90
CA GLU A 207 16.21 -17.62 13.37
C GLU A 207 15.20 -16.81 12.56
N GLY A 208 13.97 -17.30 12.53
CA GLY A 208 12.91 -16.60 11.81
C GLY A 208 12.75 -17.00 10.35
N LEU A 209 13.56 -17.95 9.89
CA LEU A 209 13.49 -18.39 8.50
C LEU A 209 13.12 -19.86 8.40
N GLY A 210 12.25 -20.18 7.44
CA GLY A 210 11.82 -21.55 7.28
C GLY A 210 12.60 -22.34 6.24
N ALA A 211 13.48 -21.69 5.51
CA ALA A 211 14.28 -22.36 4.49
C ALA A 211 15.76 -22.05 4.68
N SER A 212 16.61 -22.86 4.05
CA SER A 212 18.05 -22.69 4.17
C SER A 212 18.62 -21.89 3.00
N VAL A 213 17.78 -21.57 2.02
CA VAL A 213 18.20 -20.83 0.82
C VAL A 213 17.10 -19.90 0.35
N MET A 214 17.46 -18.74 -0.20
CA MET A 214 16.46 -17.80 -0.69
C MET A 214 15.83 -18.33 -1.97
N GLY A 215 14.50 -18.41 -1.99
CA GLY A 215 13.82 -18.88 -3.18
C GLY A 215 13.50 -20.38 -3.18
N LEU A 216 13.85 -21.07 -2.11
CA LEU A 216 13.56 -22.49 -2.02
C LEU A 216 12.53 -22.72 -0.91
N ILE A 217 11.83 -23.85 -0.98
CA ILE A 217 10.80 -24.17 0.00
C ILE A 217 11.43 -24.51 1.36
N TYR A 218 12.32 -25.49 1.39
CA TYR A 218 13.00 -25.85 2.64
C TYR A 218 14.52 -25.89 2.48
N VAL A 219 15.02 -26.81 1.65
CA VAL A 219 16.47 -26.96 1.48
C VAL A 219 16.87 -27.13 0.02
N ASN A 220 18.18 -27.08 -0.22
CA ASN A 220 18.75 -27.26 -1.56
C ASN A 220 18.73 -28.75 -1.88
N PRO A 221 18.02 -29.17 -2.94
CA PRO A 221 17.97 -30.60 -3.29
C PRO A 221 19.31 -31.23 -3.63
N GLU A 222 20.30 -30.42 -3.99
CA GLU A 222 21.61 -30.96 -4.33
C GLU A 222 22.49 -31.13 -3.11
N GLY A 223 22.15 -30.44 -2.03
CA GLY A 223 22.93 -30.53 -0.81
C GLY A 223 23.25 -29.13 -0.30
N PRO A 224 23.70 -29.01 0.96
CA PRO A 224 24.03 -27.69 1.50
C PRO A 224 25.15 -27.00 0.72
N ASP A 225 24.90 -25.74 0.36
CA ASP A 225 25.87 -24.94 -0.40
C ASP A 225 26.22 -25.63 -1.72
N GLY A 226 25.30 -26.46 -2.20
CA GLY A 226 25.53 -27.14 -3.46
C GLY A 226 26.47 -28.33 -3.43
N ASN A 227 26.83 -28.78 -2.23
CA ASN A 227 27.71 -29.94 -2.07
C ASN A 227 26.84 -31.18 -1.78
N PRO A 228 27.09 -32.29 -2.50
CA PRO A 228 26.31 -33.52 -2.29
C PRO A 228 26.66 -34.30 -1.02
N ASP A 229 26.49 -33.65 0.13
CA ASP A 229 26.80 -34.21 1.44
C ASP A 229 25.47 -34.55 2.14
N PRO A 230 25.02 -35.81 2.05
CA PRO A 230 23.75 -36.19 2.68
C PRO A 230 23.65 -36.01 4.19
N GLU A 231 24.73 -36.31 4.91
CA GLU A 231 24.73 -36.16 6.36
C GLU A 231 24.49 -34.70 6.75
N ALA A 232 25.14 -33.78 6.04
CA ALA A 232 24.97 -32.37 6.29
C ALA A 232 23.59 -31.91 5.84
N SER A 233 23.12 -32.45 4.72
CA SER A 233 21.81 -32.10 4.21
C SER A 233 20.75 -32.40 5.28
N ALA A 234 20.88 -33.55 5.92
CA ALA A 234 19.93 -33.97 6.95
C ALA A 234 19.79 -32.94 8.07
N LYS A 235 20.88 -32.27 8.42
CA LYS A 235 20.82 -31.27 9.48
C LYS A 235 19.94 -30.08 9.07
N ASN A 236 20.02 -29.67 7.82
CA ASN A 236 19.20 -28.56 7.33
C ASN A 236 17.76 -29.03 7.11
N ILE A 237 17.58 -30.28 6.71
CA ILE A 237 16.22 -30.80 6.51
C ILE A 237 15.53 -30.81 7.87
N ARG A 238 16.23 -31.34 8.87
CA ARG A 238 15.67 -31.41 10.21
C ARG A 238 15.31 -30.04 10.77
N GLN A 239 16.20 -29.07 10.62
CA GLN A 239 15.90 -27.76 11.17
C GLN A 239 14.77 -27.04 10.45
N THR A 240 14.81 -27.06 9.11
CA THR A 240 13.76 -26.38 8.37
C THR A 240 12.38 -27.00 8.59
N PHE A 241 12.31 -28.33 8.61
CA PHE A 241 11.01 -28.95 8.82
C PHE A 241 10.52 -28.69 10.24
N ASP A 242 11.43 -28.57 11.19
CA ASP A 242 11.03 -28.27 12.56
C ASP A 242 10.43 -26.88 12.60
N ARG A 243 11.00 -25.97 11.82
CA ARG A 243 10.51 -24.60 11.76
C ARG A 243 9.19 -24.51 11.00
N MET A 244 8.77 -25.64 10.45
CA MET A 244 7.51 -25.73 9.74
C MET A 244 6.59 -26.68 10.50
N ALA A 245 6.88 -26.84 11.79
CA ALA A 245 6.12 -27.65 12.74
C ALA A 245 6.15 -29.17 12.61
N MET A 246 7.17 -29.70 11.93
CA MET A 246 7.26 -31.15 11.73
C MET A 246 8.45 -31.83 12.39
N ASN A 247 8.20 -33.01 12.96
CA ASN A 247 9.26 -33.79 13.62
C ASN A 247 9.86 -34.82 12.66
N ASP A 248 10.75 -35.67 13.18
CA ASP A 248 11.42 -36.67 12.33
C ASP A 248 10.50 -37.63 11.59
N LYS A 249 9.52 -38.21 12.29
CA LYS A 249 8.62 -39.15 11.65
C LYS A 249 7.75 -38.47 10.59
N GLU A 250 7.27 -37.28 10.90
CA GLU A 250 6.44 -36.54 9.94
C GLU A 250 7.25 -36.14 8.72
N THR A 251 8.47 -35.66 8.96
CA THR A 251 9.35 -35.22 7.88
C THR A 251 9.70 -36.38 6.95
N ALA A 252 10.15 -37.50 7.51
CA ALA A 252 10.49 -38.66 6.70
C ALA A 252 9.26 -39.17 5.94
N ALA A 253 8.11 -39.21 6.61
CA ALA A 253 6.90 -39.68 5.95
C ALA A 253 6.49 -38.78 4.78
N LEU A 254 6.59 -37.47 4.95
CA LEU A 254 6.23 -36.54 3.91
C LEU A 254 7.15 -36.63 2.70
N ILE A 255 8.45 -36.65 2.93
CA ILE A 255 9.40 -36.73 1.81
C ILE A 255 9.27 -38.08 1.09
N ALA A 256 9.28 -39.17 1.83
CA ALA A 256 9.15 -40.50 1.24
C ALA A 256 7.80 -40.68 0.55
N GLY A 257 6.75 -40.19 1.20
CA GLY A 257 5.43 -40.32 0.61
C GLY A 257 5.30 -39.51 -0.67
N GLY A 258 5.81 -38.28 -0.65
CA GLY A 258 5.72 -37.45 -1.82
C GLY A 258 6.54 -38.00 -2.97
N HIS A 259 7.77 -38.42 -2.69
CA HIS A 259 8.64 -38.92 -3.75
C HIS A 259 8.33 -40.33 -4.23
N THR A 260 7.27 -40.89 -3.66
CA THR A 260 6.78 -42.18 -4.11
C THR A 260 6.14 -41.89 -5.47
N PHE A 261 5.85 -40.62 -5.73
CA PHE A 261 5.22 -40.19 -6.96
C PHE A 261 6.05 -39.28 -7.87
N GLY A 262 5.83 -39.41 -9.17
CA GLY A 262 6.50 -38.54 -10.14
C GLY A 262 7.99 -38.62 -10.39
N LYS A 263 8.53 -37.49 -10.84
CA LYS A 263 9.95 -37.41 -11.19
C LYS A 263 10.46 -35.98 -11.11
N VAL A 264 11.76 -35.82 -11.29
CA VAL A 264 12.39 -34.52 -11.32
C VAL A 264 12.73 -34.30 -12.79
N HIS A 265 12.66 -33.05 -13.25
CA HIS A 265 12.90 -32.71 -14.66
C HIS A 265 14.16 -31.88 -14.88
N GLY A 266 15.08 -32.41 -15.69
CA GLY A 266 16.30 -31.70 -15.96
C GLY A 266 16.94 -32.15 -17.26
N ALA A 267 16.20 -32.02 -18.35
CA ALA A 267 16.69 -32.44 -19.67
C ALA A 267 18.00 -31.74 -20.05
N ASP A 268 18.16 -30.52 -19.55
CA ASP A 268 19.37 -29.73 -19.81
C ASP A 268 19.48 -28.70 -18.69
N ASP A 269 20.53 -27.89 -18.73
CA ASP A 269 20.77 -26.86 -17.72
C ASP A 269 19.70 -25.78 -17.75
N PRO A 270 19.02 -25.55 -16.61
CA PRO A 270 17.98 -24.51 -16.59
C PRO A 270 18.53 -23.09 -16.72
N GLU A 271 19.78 -22.89 -16.30
CA GLU A 271 20.42 -21.58 -16.37
C GLU A 271 20.48 -20.98 -17.77
N GLU A 272 20.65 -21.82 -18.79
CA GLU A 272 20.73 -21.32 -20.16
C GLU A 272 19.68 -21.87 -21.12
N ASN A 273 18.71 -22.62 -20.60
CA ASN A 273 17.68 -23.17 -21.47
C ASN A 273 16.28 -22.73 -21.10
N LEU A 274 16.15 -22.05 -19.96
CA LEU A 274 14.84 -21.57 -19.52
C LEU A 274 14.75 -20.04 -19.59
N GLY A 275 13.61 -19.57 -20.09
CA GLY A 275 13.38 -18.15 -20.20
C GLY A 275 13.07 -17.52 -18.84
N PRO A 276 12.83 -16.21 -18.80
CA PRO A 276 12.55 -15.53 -17.54
C PRO A 276 11.38 -16.09 -16.73
N GLU A 277 11.50 -15.98 -15.42
CA GLU A 277 10.47 -16.41 -14.49
C GLU A 277 9.23 -15.56 -14.79
N PRO A 278 8.04 -15.98 -14.31
CA PRO A 278 6.80 -15.23 -14.57
C PRO A 278 6.81 -13.72 -14.46
N GLU A 279 7.30 -13.20 -13.33
CA GLU A 279 7.33 -11.75 -13.12
C GLU A 279 8.20 -10.98 -14.10
N ALA A 280 9.15 -11.66 -14.72
CA ALA A 280 10.06 -11.01 -15.67
C ALA A 280 9.81 -11.40 -17.12
N ALA A 281 8.81 -12.24 -17.34
CA ALA A 281 8.50 -12.73 -18.69
C ALA A 281 7.68 -11.75 -19.53
N PRO A 282 7.79 -11.88 -20.87
CA PRO A 282 7.04 -10.99 -21.77
C PRO A 282 5.54 -11.04 -21.54
N ILE A 283 4.89 -9.91 -21.80
CA ILE A 283 3.46 -9.78 -21.61
C ILE A 283 2.64 -10.84 -22.35
N GLU A 284 3.08 -11.25 -23.54
CA GLU A 284 2.34 -12.25 -24.31
C GLU A 284 2.28 -13.63 -23.64
N GLN A 285 3.18 -13.91 -22.71
CA GLN A 285 3.15 -15.22 -22.04
C GLN A 285 2.01 -15.31 -21.03
N GLN A 286 1.34 -14.18 -20.83
CA GLN A 286 0.18 -14.12 -19.95
C GLN A 286 0.31 -14.84 -18.63
N GLY A 287 1.31 -14.46 -17.84
CA GLY A 287 1.47 -15.04 -16.52
C GLY A 287 2.33 -16.28 -16.40
N LEU A 288 2.70 -16.88 -17.53
CA LEU A 288 3.54 -18.06 -17.50
C LEU A 288 5.00 -17.63 -17.61
N GLY A 289 5.91 -18.52 -17.22
CA GLY A 289 7.32 -18.19 -17.30
C GLY A 289 8.16 -19.42 -17.58
N TRP A 290 9.48 -19.28 -17.49
CA TRP A 290 10.40 -20.38 -17.73
C TRP A 290 10.19 -21.04 -19.10
N GLN A 291 9.91 -20.23 -20.11
CA GLN A 291 9.69 -20.76 -21.45
C GLN A 291 10.98 -21.42 -21.91
N ASN A 292 10.90 -22.69 -22.29
CA ASN A 292 12.08 -23.43 -22.71
C ASN A 292 12.62 -22.90 -24.03
N GLU A 301 11.31 -33.26 -23.04
CA GLU A 301 12.55 -32.65 -22.60
C GLU A 301 12.29 -31.48 -21.65
N MET A 302 11.39 -31.71 -20.70
CA MET A 302 11.06 -30.68 -19.73
C MET A 302 12.24 -30.38 -18.81
N ILE A 303 12.33 -29.12 -18.41
CA ILE A 303 13.39 -28.67 -17.51
C ILE A 303 12.69 -27.88 -16.40
N THR A 304 12.89 -28.31 -15.17
CA THR A 304 12.30 -27.64 -14.03
C THR A 304 13.41 -27.36 -13.03
N SER A 305 13.82 -28.38 -12.28
CA SER A 305 14.88 -28.21 -11.30
C SER A 305 16.28 -28.32 -11.89
N GLY A 306 16.39 -29.03 -13.01
CA GLY A 306 17.69 -29.24 -13.61
C GLY A 306 18.21 -30.60 -13.21
N ILE A 307 17.45 -31.31 -12.37
CA ILE A 307 17.80 -32.66 -11.93
C ILE A 307 16.86 -33.56 -12.73
N GLU A 308 17.31 -34.73 -13.15
CA GLU A 308 16.49 -35.58 -14.02
C GLU A 308 16.27 -37.05 -13.66
N GLY A 309 15.01 -37.46 -13.64
CA GLY A 309 14.71 -38.86 -13.37
C GLY A 309 13.64 -39.17 -12.34
N PRO A 310 13.04 -40.37 -12.41
CA PRO A 310 12.00 -40.81 -11.49
C PRO A 310 12.65 -41.45 -10.25
N TRP A 311 11.92 -41.50 -9.14
CA TRP A 311 12.43 -42.11 -7.92
C TRP A 311 12.07 -43.60 -7.91
N THR A 312 10.90 -43.91 -8.49
CA THR A 312 10.38 -45.27 -8.46
C THR A 312 10.04 -45.87 -9.82
N GLN A 313 9.78 -47.17 -9.83
CA GLN A 313 9.44 -47.90 -11.04
C GLN A 313 8.03 -47.60 -11.57
N SER A 314 7.11 -47.27 -10.68
CA SER A 314 5.72 -46.95 -11.06
C SER A 314 5.40 -45.58 -10.44
N PRO A 315 5.88 -44.50 -11.07
CA PRO A 315 5.65 -43.14 -10.57
C PRO A 315 4.22 -42.65 -10.34
N THR A 316 3.22 -43.38 -10.82
CA THR A 316 1.84 -42.94 -10.62
C THR A 316 1.04 -43.92 -9.78
N GLU A 317 1.73 -44.70 -8.96
CA GLU A 317 1.08 -45.68 -8.09
C GLU A 317 1.64 -45.67 -6.68
N TRP A 318 0.77 -45.68 -5.69
CA TRP A 318 1.23 -45.71 -4.31
C TRP A 318 1.75 -47.11 -4.02
N ASP A 319 2.96 -47.19 -3.47
CA ASP A 319 3.58 -48.45 -3.13
C ASP A 319 4.80 -48.18 -2.24
N MET A 320 5.66 -49.18 -2.08
CA MET A 320 6.84 -49.01 -1.25
C MET A 320 8.07 -48.76 -2.12
N GLY A 321 7.82 -48.41 -3.38
CA GLY A 321 8.88 -48.20 -4.35
C GLY A 321 9.99 -47.23 -3.99
N TYR A 322 9.64 -46.14 -3.31
CA TYR A 322 10.65 -45.15 -2.93
C TYR A 322 11.52 -45.68 -1.80
N ILE A 323 10.89 -46.16 -0.73
CA ILE A 323 11.68 -46.65 0.38
C ILE A 323 12.52 -47.86 -0.02
N ASN A 324 11.95 -48.75 -0.83
CA ASN A 324 12.68 -49.93 -1.28
C ASN A 324 13.88 -49.55 -2.13
N ASN A 325 13.69 -48.65 -3.08
CA ASN A 325 14.80 -48.24 -3.94
C ASN A 325 15.89 -47.57 -3.11
N LEU A 326 15.49 -46.72 -2.18
CA LEU A 326 16.44 -46.01 -1.35
C LEU A 326 17.25 -46.92 -0.43
N LEU A 327 16.57 -47.79 0.31
CA LEU A 327 17.24 -48.66 1.28
C LEU A 327 17.83 -49.98 0.77
N ASP A 328 17.25 -50.54 -0.29
CA ASP A 328 17.74 -51.83 -0.78
C ASP A 328 18.89 -51.80 -1.77
N TYR A 329 19.29 -50.61 -2.18
CA TYR A 329 20.39 -50.45 -3.14
C TYR A 329 21.37 -49.39 -2.70
N GLU A 330 22.62 -49.49 -3.17
CA GLU A 330 23.63 -48.51 -2.84
C GLU A 330 23.60 -47.45 -3.95
N TRP A 331 23.78 -46.19 -3.56
CA TRP A 331 23.74 -45.08 -4.51
C TRP A 331 25.05 -44.30 -4.54
N GLU A 332 25.35 -43.69 -5.67
CA GLU A 332 26.55 -42.89 -5.82
C GLU A 332 26.22 -41.57 -6.47
N PRO A 333 26.89 -40.49 -6.03
CA PRO A 333 26.64 -39.16 -6.57
C PRO A 333 27.28 -38.95 -7.94
N GLU A 334 26.60 -38.16 -8.79
CA GLU A 334 27.05 -37.86 -10.14
C GLU A 334 26.41 -36.55 -10.60
N LYS A 335 26.88 -36.03 -11.74
CA LYS A 335 26.31 -34.83 -12.33
C LYS A 335 25.32 -35.37 -13.38
N GLY A 336 24.07 -34.93 -13.32
CA GLY A 336 23.08 -35.40 -14.27
C GLY A 336 23.10 -34.66 -15.59
N PRO A 337 22.14 -34.94 -16.49
CA PRO A 337 22.08 -34.27 -17.79
C PRO A 337 21.81 -32.77 -17.72
N GLY A 338 21.33 -32.30 -16.57
CA GLY A 338 21.05 -30.90 -16.38
C GLY A 338 22.18 -30.19 -15.65
N GLY A 339 23.25 -30.93 -15.38
CA GLY A 339 24.41 -30.37 -14.72
C GLY A 339 24.27 -30.26 -13.21
N ALA A 340 23.27 -30.93 -12.66
CA ALA A 340 23.04 -30.90 -11.22
C ALA A 340 23.40 -32.19 -10.52
N TRP A 341 23.64 -32.10 -9.21
CA TRP A 341 23.97 -33.28 -8.44
C TRP A 341 22.74 -34.17 -8.26
N GLN A 342 22.94 -35.46 -8.49
CA GLN A 342 21.90 -36.46 -8.27
C GLN A 342 22.60 -37.78 -8.05
N TRP A 343 21.85 -38.77 -7.57
CA TRP A 343 22.45 -40.05 -7.27
C TRP A 343 21.95 -41.15 -8.16
N ALA A 344 22.84 -42.06 -8.51
CA ALA A 344 22.49 -43.17 -9.38
C ALA A 344 22.78 -44.49 -8.67
N PRO A 345 21.99 -45.52 -8.96
CA PRO A 345 22.20 -46.82 -8.31
C PRO A 345 23.39 -47.56 -8.90
N LYS A 346 24.07 -48.34 -8.07
CA LYS A 346 25.23 -49.11 -8.54
C LYS A 346 24.76 -50.36 -9.29
N SER A 347 23.79 -51.05 -8.71
CA SER A 347 23.25 -52.28 -9.30
C SER A 347 22.62 -52.07 -10.68
N GLU A 348 22.87 -53.02 -11.58
CA GLU A 348 22.32 -52.95 -12.93
C GLU A 348 20.86 -53.39 -12.95
N GLU A 349 20.38 -53.89 -11.82
CA GLU A 349 19.00 -54.34 -11.73
C GLU A 349 18.02 -53.20 -11.94
N LEU A 350 18.42 -51.99 -11.56
CA LEU A 350 17.56 -50.83 -11.70
C LEU A 350 17.75 -50.09 -13.03
N LYS A 351 18.79 -50.45 -13.78
CA LYS A 351 19.03 -49.78 -15.04
C LYS A 351 17.82 -49.95 -15.96
N ASN A 352 17.38 -48.84 -16.56
CA ASN A 352 16.23 -48.84 -17.47
C ASN A 352 15.03 -49.63 -16.93
N SER A 353 14.70 -49.40 -15.68
CA SER A 353 13.57 -50.09 -15.05
C SER A 353 12.28 -49.27 -15.02
N VAL A 354 12.34 -48.02 -15.47
CA VAL A 354 11.16 -47.16 -15.44
C VAL A 354 10.78 -46.67 -16.83
N PRO A 355 9.48 -46.71 -17.16
CA PRO A 355 9.11 -46.23 -18.50
C PRO A 355 9.37 -44.72 -18.58
N ASP A 356 9.77 -44.24 -19.76
CA ASP A 356 10.03 -42.82 -19.95
C ASP A 356 8.72 -42.04 -19.75
N ALA A 357 8.82 -40.86 -19.15
CA ALA A 357 7.65 -40.04 -18.86
C ALA A 357 6.76 -39.74 -20.05
N HIS A 358 7.33 -39.56 -21.24
CA HIS A 358 6.49 -39.29 -22.39
C HIS A 358 6.61 -40.35 -23.48
N ASP A 359 7.16 -41.50 -23.11
CA ASP A 359 7.31 -42.59 -24.06
C ASP A 359 7.46 -43.93 -23.37
N PRO A 360 6.33 -44.61 -23.12
CA PRO A 360 6.28 -45.91 -22.46
C PRO A 360 7.11 -46.98 -23.18
N ASP A 361 7.45 -46.73 -24.44
CA ASP A 361 8.22 -47.68 -25.24
C ASP A 361 9.72 -47.63 -24.96
N GLU A 362 10.16 -46.63 -24.21
CA GLU A 362 11.57 -46.50 -23.87
C GLU A 362 11.68 -46.48 -22.34
N LYS A 363 12.89 -46.68 -21.82
CA LYS A 363 13.06 -46.75 -20.38
C LYS A 363 14.09 -45.78 -19.81
N GLN A 364 14.04 -45.63 -18.50
CA GLN A 364 14.93 -44.72 -17.78
C GLN A 364 15.33 -45.36 -16.45
N THR A 365 16.49 -44.97 -15.93
CA THR A 365 16.99 -45.48 -14.65
C THR A 365 16.56 -44.50 -13.55
N PRO A 366 16.16 -45.03 -12.38
CA PRO A 366 15.72 -44.19 -11.25
C PRO A 366 16.89 -43.38 -10.69
N MET A 367 16.56 -42.35 -9.93
CA MET A 367 17.57 -41.51 -9.30
C MET A 367 17.10 -41.14 -7.91
N MET A 368 18.02 -40.64 -7.10
CA MET A 368 17.71 -40.17 -5.75
C MET A 368 18.36 -38.81 -5.62
N LEU A 369 17.78 -37.94 -4.81
CA LEU A 369 18.36 -36.62 -4.58
C LEU A 369 19.27 -36.74 -3.35
N THR A 370 20.17 -35.78 -3.17
CA THR A 370 21.03 -35.78 -2.00
C THR A 370 20.14 -35.76 -0.76
N THR A 371 19.01 -35.06 -0.86
CA THR A 371 18.08 -34.94 0.26
C THR A 371 17.33 -36.24 0.56
N ASP A 372 17.30 -37.16 -0.41
CA ASP A 372 16.67 -38.45 -0.17
C ASP A 372 17.72 -39.34 0.50
N ILE A 373 18.95 -39.29 -0.02
CA ILE A 373 20.03 -40.08 0.57
C ILE A 373 20.23 -39.64 2.03
N ALA A 374 19.88 -38.38 2.32
CA ALA A 374 20.00 -37.85 3.67
C ALA A 374 19.17 -38.68 4.66
N LEU A 375 18.02 -39.18 4.20
CA LEU A 375 17.15 -39.99 5.06
C LEU A 375 17.73 -41.37 5.36
N LYS A 376 18.66 -41.81 4.52
CA LYS A 376 19.29 -43.12 4.69
C LYS A 376 20.61 -43.02 5.46
N ARG A 377 21.30 -41.88 5.31
CA ARG A 377 22.60 -41.68 5.96
C ARG A 377 22.52 -41.12 7.38
N ASP A 378 21.53 -40.27 7.65
CA ASP A 378 21.36 -39.72 8.98
C ASP A 378 20.83 -40.84 9.88
N PRO A 379 21.52 -41.13 10.99
CA PRO A 379 21.13 -42.19 11.93
C PRO A 379 19.67 -42.20 12.39
N ASP A 380 19.17 -41.03 12.78
CA ASP A 380 17.79 -40.94 13.25
C ASP A 380 16.76 -41.12 12.14
N TYR A 381 17.01 -40.54 10.97
CA TYR A 381 16.08 -40.71 9.87
C TYR A 381 16.12 -42.16 9.39
N ARG A 382 17.31 -42.75 9.38
CA ARG A 382 17.46 -44.13 8.93
C ARG A 382 16.61 -45.06 9.77
N GLU A 383 16.60 -44.86 11.08
CA GLU A 383 15.81 -45.70 11.97
C GLU A 383 14.33 -45.60 11.59
N VAL A 384 13.87 -44.38 11.34
CA VAL A 384 12.47 -44.17 10.96
C VAL A 384 12.17 -44.86 9.64
N MET A 385 13.06 -44.70 8.66
CA MET A 385 12.84 -45.31 7.35
C MET A 385 12.80 -46.84 7.43
N GLU A 386 13.65 -47.43 8.26
CA GLU A 386 13.66 -48.88 8.41
C GLU A 386 12.33 -49.35 8.98
N THR A 387 11.80 -48.59 9.93
CA THR A 387 10.51 -48.92 10.53
C THR A 387 9.41 -48.84 9.48
N PHE A 388 9.47 -47.80 8.64
CA PHE A 388 8.49 -47.62 7.57
C PHE A 388 8.55 -48.78 6.57
N GLN A 389 9.74 -49.22 6.22
CA GLN A 389 9.87 -50.31 5.27
C GLN A 389 9.32 -51.61 5.85
N GLU A 390 9.54 -51.82 7.15
CA GLU A 390 9.07 -53.04 7.81
C GLU A 390 7.54 -53.08 7.93
N ASN A 391 6.92 -51.91 8.08
CA ASN A 391 5.46 -51.89 8.18
C ASN A 391 4.84 -50.79 7.33
N PRO A 392 4.45 -51.14 6.10
CA PRO A 392 3.83 -50.22 5.14
C PRO A 392 2.63 -49.49 5.74
N MET A 393 1.96 -50.13 6.69
CA MET A 393 0.80 -49.52 7.31
C MET A 393 1.20 -48.32 8.17
N GLU A 394 2.36 -48.42 8.82
CA GLU A 394 2.83 -47.33 9.67
C GLU A 394 3.29 -46.18 8.78
N PHE A 395 3.98 -46.52 7.70
CA PHE A 395 4.44 -45.52 6.73
C PHE A 395 3.22 -44.77 6.20
N GLY A 396 2.22 -45.53 5.76
CA GLY A 396 1.02 -44.95 5.21
C GLY A 396 0.28 -44.01 6.16
N MET A 397 0.04 -44.46 7.39
CA MET A 397 -0.67 -43.62 8.34
C MET A 397 0.10 -42.35 8.69
N ASN A 398 1.41 -42.47 8.85
CA ASN A 398 2.21 -41.29 9.18
C ASN A 398 2.13 -40.29 8.04
N PHE A 399 2.19 -40.78 6.81
CA PHE A 399 2.13 -39.89 5.65
C PHE A 399 0.75 -39.23 5.57
N ALA A 400 -0.31 -40.04 5.71
CA ALA A 400 -1.66 -39.48 5.63
C ALA A 400 -1.87 -38.40 6.68
N LYS A 401 -1.49 -38.67 7.93
CA LYS A 401 -1.66 -37.69 9.00
C LYS A 401 -0.81 -36.43 8.77
N ALA A 402 0.43 -36.63 8.34
CA ALA A 402 1.34 -35.52 8.09
C ALA A 402 0.89 -34.65 6.92
N TRP A 403 0.35 -35.28 5.88
CA TRP A 403 -0.12 -34.54 4.71
C TRP A 403 -1.31 -33.66 5.10
N TYR A 404 -2.19 -34.20 5.95
CA TYR A 404 -3.34 -33.45 6.42
C TYR A 404 -2.86 -32.26 7.24
N LYS A 405 -1.92 -32.50 8.15
CA LYS A 405 -1.36 -31.45 8.99
C LYS A 405 -0.70 -30.38 8.13
N LEU A 406 0.17 -30.81 7.24
CA LEU A 406 0.88 -29.89 6.35
C LEU A 406 -0.04 -28.90 5.65
N THR A 407 -1.11 -29.43 5.08
CA THR A 407 -2.05 -28.65 4.30
C THR A 407 -3.16 -27.93 5.05
N HIS A 408 -3.24 -28.11 6.37
CA HIS A 408 -4.27 -27.47 7.16
C HIS A 408 -3.79 -26.74 8.42
N LEU A 409 -2.49 -26.76 8.68
CA LEU A 409 -2.00 -26.15 9.91
C LEU A 409 -2.16 -24.64 10.07
N ASP A 410 -2.43 -23.92 8.99
CA ASP A 410 -2.63 -22.47 9.10
C ASP A 410 -4.10 -22.06 8.95
N MET A 411 -5.00 -23.03 9.14
CA MET A 411 -6.43 -22.74 9.01
C MET A 411 -7.13 -22.40 10.34
N GLY A 412 -6.41 -22.47 11.45
CA GLY A 412 -7.01 -22.14 12.73
C GLY A 412 -7.67 -23.31 13.43
N PRO A 413 -8.54 -23.03 14.41
CA PRO A 413 -9.25 -24.07 15.18
C PRO A 413 -10.29 -24.84 14.37
N PRO A 414 -10.73 -25.98 14.90
CA PRO A 414 -11.71 -26.84 14.22
C PRO A 414 -12.98 -26.19 13.67
N GLU A 415 -13.46 -25.11 14.30
CA GLU A 415 -14.67 -24.47 13.81
C GLU A 415 -14.49 -23.89 12.42
N ARG A 416 -13.24 -23.64 12.02
CA ARG A 416 -12.96 -23.08 10.71
C ARG A 416 -12.81 -24.12 9.59
N PHE A 417 -12.85 -25.41 9.97
CA PHE A 417 -12.73 -26.49 8.99
C PHE A 417 -14.10 -26.82 8.42
N LEU A 418 -14.28 -26.58 7.13
CA LEU A 418 -15.57 -26.77 6.47
C LEU A 418 -15.69 -27.94 5.50
N GLY A 419 -16.92 -28.40 5.30
CA GLY A 419 -17.15 -29.46 4.35
C GLY A 419 -17.41 -30.86 4.84
N PRO A 420 -17.91 -31.73 3.94
CA PRO A 420 -18.22 -33.13 4.22
C PRO A 420 -17.03 -34.05 4.44
N GLU A 421 -15.82 -33.59 4.11
CA GLU A 421 -14.65 -34.44 4.28
C GLU A 421 -13.80 -34.14 5.51
N VAL A 422 -14.28 -33.27 6.38
CA VAL A 422 -13.55 -32.95 7.61
C VAL A 422 -13.66 -34.19 8.51
N PRO A 423 -12.53 -34.68 9.02
CA PRO A 423 -12.53 -35.86 9.90
C PRO A 423 -13.25 -35.57 11.22
N ASP A 424 -13.84 -36.62 11.81
CA ASP A 424 -14.53 -36.44 13.08
C ASP A 424 -13.48 -36.20 14.16
N GLU A 425 -12.30 -36.75 13.95
CA GLU A 425 -11.19 -36.62 14.89
C GLU A 425 -10.52 -35.26 14.77
N GLU A 426 -10.34 -34.59 15.91
CA GLU A 426 -9.66 -33.29 15.92
C GLU A 426 -8.23 -33.55 16.37
N MET A 427 -7.27 -32.89 15.71
CA MET A 427 -5.87 -33.08 16.03
C MET A 427 -5.36 -31.97 16.94
N ILE A 428 -4.35 -32.30 17.75
CA ILE A 428 -3.80 -31.34 18.71
C ILE A 428 -3.25 -30.07 18.07
N TRP A 429 -2.73 -30.16 16.83
CA TRP A 429 -2.20 -28.98 16.17
C TRP A 429 -3.31 -27.99 15.76
N GLN A 430 -4.56 -28.41 15.90
CA GLN A 430 -5.68 -27.54 15.59
C GLN A 430 -5.99 -26.65 16.80
N ASP A 431 -5.28 -26.89 17.91
CA ASP A 431 -5.50 -26.15 19.16
C ASP A 431 -7.00 -26.22 19.45
N PRO A 432 -7.54 -27.45 19.53
CA PRO A 432 -8.97 -27.65 19.80
C PRO A 432 -9.50 -27.05 21.11
N LEU A 433 -10.81 -26.81 21.14
CA LEU A 433 -11.45 -26.24 22.33
C LEU A 433 -12.61 -27.12 22.74
N PRO A 434 -12.80 -27.30 24.06
CA PRO A 434 -13.90 -28.14 24.55
C PRO A 434 -15.24 -27.45 24.38
N ASP A 435 -16.32 -28.22 24.42
CA ASP A 435 -17.66 -27.67 24.30
C ASP A 435 -18.06 -27.11 25.67
N ALA A 436 -18.99 -26.16 25.68
CA ALA A 436 -19.45 -25.58 26.93
C ALA A 436 -20.62 -26.45 27.39
N ASP A 437 -20.36 -27.31 28.37
CA ASP A 437 -21.40 -28.19 28.90
C ASP A 437 -22.16 -27.49 30.01
N TYR A 438 -22.74 -26.34 29.68
CA TYR A 438 -23.52 -25.56 30.63
C TYR A 438 -24.18 -24.39 29.90
N ASP A 439 -25.08 -23.71 30.59
CA ASP A 439 -25.79 -22.57 30.00
C ASP A 439 -24.95 -21.31 30.15
N LEU A 440 -24.99 -20.45 29.14
CA LEU A 440 -24.23 -19.20 29.18
C LEU A 440 -24.93 -18.16 30.02
N ILE A 441 -24.15 -17.32 30.69
CA ILE A 441 -24.71 -16.28 31.54
C ILE A 441 -25.37 -15.18 30.71
N GLY A 442 -26.38 -14.55 31.29
CA GLY A 442 -27.09 -13.49 30.59
C GLY A 442 -26.66 -12.11 31.05
N ASP A 443 -27.30 -11.08 30.51
CA ASP A 443 -26.97 -9.71 30.86
C ASP A 443 -26.95 -9.48 32.36
N GLU A 444 -27.90 -10.08 33.08
CA GLU A 444 -27.97 -9.93 34.52
C GLU A 444 -26.71 -10.44 35.21
N GLU A 445 -26.31 -11.68 34.90
CA GLU A 445 -25.12 -12.26 35.50
C GLU A 445 -23.86 -11.51 35.06
N ILE A 446 -23.86 -11.04 33.82
CA ILE A 446 -22.72 -10.29 33.28
C ILE A 446 -22.45 -9.08 34.18
N ALA A 447 -23.47 -8.23 34.33
CA ALA A 447 -23.34 -7.04 35.16
C ALA A 447 -22.89 -7.42 36.56
N GLU A 448 -23.50 -8.49 37.08
CA GLU A 448 -23.19 -8.99 38.41
C GLU A 448 -21.70 -9.32 38.54
N LEU A 449 -21.20 -10.15 37.63
CA LEU A 449 -19.79 -10.53 37.65
C LEU A 449 -18.86 -9.34 37.46
N LYS A 450 -19.26 -8.39 36.62
CA LYS A 450 -18.44 -7.22 36.39
C LYS A 450 -18.24 -6.43 37.67
N GLU A 451 -19.31 -6.28 38.45
CA GLU A 451 -19.23 -5.54 39.70
C GLU A 451 -18.34 -6.28 40.69
N GLU A 452 -18.46 -7.60 40.71
CA GLU A 452 -17.66 -8.42 41.61
C GLU A 452 -16.17 -8.26 41.32
N ILE A 453 -15.82 -8.20 40.04
CA ILE A 453 -14.43 -8.03 39.66
C ILE A 453 -13.94 -6.66 40.09
N LEU A 454 -14.76 -5.64 39.85
CA LEU A 454 -14.40 -4.26 40.21
C LEU A 454 -14.33 -4.09 41.73
N ASP A 455 -15.08 -4.89 42.46
CA ASP A 455 -15.09 -4.81 43.92
C ASP A 455 -13.94 -5.59 44.55
N SER A 456 -13.17 -6.30 43.72
CA SER A 456 -12.05 -7.08 44.20
C SER A 456 -10.85 -6.17 44.45
N ASP A 457 -9.75 -6.73 44.94
CA ASP A 457 -8.57 -5.93 45.22
C ASP A 457 -7.71 -5.75 43.96
N LEU A 458 -8.24 -6.16 42.81
CA LEU A 458 -7.52 -6.02 41.55
C LEU A 458 -7.60 -4.60 41.03
N SER A 459 -6.47 -4.07 40.58
CA SER A 459 -6.40 -2.71 40.04
C SER A 459 -6.75 -2.67 38.57
N VAL A 460 -7.03 -1.46 38.08
CA VAL A 460 -7.37 -1.26 36.68
C VAL A 460 -6.22 -1.80 35.81
N SER A 461 -4.99 -1.52 36.24
CA SER A 461 -3.81 -1.98 35.50
C SER A 461 -3.68 -3.49 35.48
N GLN A 462 -3.90 -4.15 36.61
CA GLN A 462 -3.81 -5.60 36.66
C GLN A 462 -4.81 -6.26 35.71
N LEU A 463 -6.03 -5.73 35.72
CA LEU A 463 -7.10 -6.27 34.88
C LEU A 463 -6.83 -6.06 33.39
N VAL A 464 -6.36 -4.89 33.01
CA VAL A 464 -6.07 -4.61 31.61
C VAL A 464 -4.87 -5.43 31.15
N LYS A 465 -3.83 -5.48 31.98
CA LYS A 465 -2.62 -6.24 31.64
C LYS A 465 -2.94 -7.72 31.42
N THR A 466 -3.79 -8.28 32.27
CA THR A 466 -4.15 -9.69 32.17
C THR A 466 -5.02 -9.98 30.95
N ALA A 467 -5.99 -9.12 30.68
CA ALA A 467 -6.85 -9.31 29.52
C ALA A 467 -6.00 -9.22 28.25
N TRP A 468 -5.03 -8.29 28.25
CA TRP A 468 -4.17 -8.13 27.08
C TRP A 468 -3.27 -9.36 26.90
N ALA A 469 -2.71 -9.85 28.00
CA ALA A 469 -1.84 -11.02 27.96
C ALA A 469 -2.61 -12.20 27.36
N SER A 470 -3.90 -12.26 27.66
CA SER A 470 -4.74 -13.35 27.15
C SER A 470 -5.06 -13.22 25.66
N ALA A 471 -5.54 -12.06 25.24
CA ALA A 471 -5.92 -11.85 23.85
C ALA A 471 -4.82 -11.57 22.84
N SER A 472 -3.71 -11.00 23.30
CA SER A 472 -2.63 -10.59 22.40
C SER A 472 -1.81 -11.68 21.69
N THR A 473 -2.03 -12.94 22.03
CA THR A 473 -1.28 -14.02 21.38
C THR A 473 -1.89 -14.38 20.02
N TYR A 474 -3.04 -13.83 19.72
CA TYR A 474 -3.69 -14.12 18.44
C TYR A 474 -2.90 -13.62 17.25
N ARG A 475 -2.84 -14.43 16.20
CA ARG A 475 -2.18 -13.98 14.99
C ARG A 475 -3.06 -14.37 13.81
N ASP A 476 -3.37 -13.38 12.99
CA ASP A 476 -4.24 -13.58 11.85
C ASP A 476 -3.62 -14.43 10.75
N SER A 477 -2.30 -14.59 10.80
CA SER A 477 -1.57 -15.40 9.82
C SER A 477 -2.05 -16.84 9.80
N ASP A 478 -1.99 -17.53 10.94
CA ASP A 478 -2.46 -18.91 10.99
C ASP A 478 -3.63 -19.13 11.95
N LYS A 479 -4.21 -18.02 12.42
CA LYS A 479 -5.37 -18.04 13.30
C LYS A 479 -5.17 -18.78 14.62
N ARG A 480 -3.93 -18.80 15.11
CA ARG A 480 -3.65 -19.43 16.38
C ARG A 480 -3.68 -18.34 17.44
N GLY A 481 -3.87 -18.73 18.70
CA GLY A 481 -3.87 -17.77 19.78
C GLY A 481 -5.18 -17.04 20.07
N GLY A 482 -5.14 -16.19 21.07
CA GLY A 482 -6.33 -15.44 21.44
C GLY A 482 -6.79 -15.77 22.84
N ALA A 483 -7.81 -15.05 23.30
CA ALA A 483 -8.35 -15.22 24.65
C ALA A 483 -9.21 -16.46 24.86
N ASN A 484 -9.80 -16.99 23.78
CA ASN A 484 -10.65 -18.17 23.95
C ASN A 484 -9.80 -19.37 24.37
N GLY A 485 -10.22 -20.05 25.44
CA GLY A 485 -9.49 -21.19 25.96
C GLY A 485 -8.76 -20.89 27.25
N ALA A 486 -8.53 -19.62 27.53
CA ALA A 486 -7.80 -19.20 28.73
C ALA A 486 -6.49 -19.96 28.85
N ARG A 487 -5.78 -20.13 27.73
CA ARG A 487 -4.51 -20.84 27.76
C ARG A 487 -3.43 -20.04 28.49
N LEU A 488 -3.75 -18.80 28.81
CA LEU A 488 -2.82 -17.94 29.54
C LEU A 488 -2.47 -18.60 30.88
N ARG A 489 -3.43 -19.35 31.43
CA ARG A 489 -3.24 -20.03 32.72
C ARG A 489 -2.48 -21.35 32.64
N LEU A 490 -2.22 -21.82 31.42
CA LEU A 490 -1.54 -23.09 31.21
C LEU A 490 -0.11 -22.91 30.73
N GLU A 491 0.63 -24.00 30.69
CA GLU A 491 1.99 -23.96 30.18
C GLU A 491 1.78 -23.77 28.68
N PRO A 492 2.68 -23.02 28.02
CA PRO A 492 3.86 -22.35 28.60
C PRO A 492 3.60 -20.90 28.96
N GLN A 493 2.46 -20.37 28.52
CA GLN A 493 2.13 -18.96 28.75
C GLN A 493 2.18 -18.48 30.19
N LYS A 494 1.75 -19.32 31.13
CA LYS A 494 1.75 -18.91 32.54
C LYS A 494 3.15 -18.64 33.06
N ASN A 495 4.17 -19.12 32.35
CA ASN A 495 5.55 -18.92 32.79
C ASN A 495 6.40 -18.01 31.90
N TRP A 496 5.78 -17.40 30.89
CA TRP A 496 6.53 -16.49 30.03
C TRP A 496 6.94 -15.25 30.83
N GLU A 497 8.18 -14.82 30.65
CA GLU A 497 8.69 -13.64 31.35
C GLU A 497 7.81 -12.41 31.13
N VAL A 498 7.37 -12.20 29.89
CA VAL A 498 6.55 -11.03 29.59
C VAL A 498 5.24 -11.02 30.37
N ASN A 499 4.75 -12.21 30.74
CA ASN A 499 3.50 -12.29 31.48
C ASN A 499 3.65 -12.13 32.99
N GLU A 500 4.89 -11.96 33.46
CA GLU A 500 5.15 -11.76 34.89
C GLU A 500 4.44 -12.83 35.71
N PRO A 501 4.88 -14.10 35.57
CA PRO A 501 4.33 -15.28 36.26
C PRO A 501 3.78 -15.06 37.67
N GLU A 502 4.60 -14.49 38.54
CA GLU A 502 4.20 -14.22 39.92
C GLU A 502 2.96 -13.34 39.99
N GLN A 503 3.02 -12.20 39.30
CA GLN A 503 1.90 -11.25 39.26
C GLN A 503 0.66 -11.85 38.61
N LEU A 504 0.87 -12.63 37.56
CA LEU A 504 -0.23 -13.28 36.85
C LEU A 504 -1.02 -14.21 37.76
N GLU A 505 -0.30 -15.03 38.52
CA GLU A 505 -0.93 -15.99 39.43
C GLU A 505 -1.85 -15.29 40.42
N THR A 506 -1.43 -14.12 40.88
CA THR A 506 -2.26 -13.35 41.83
C THR A 506 -3.59 -12.98 41.18
N VAL A 507 -3.55 -12.44 39.97
CA VAL A 507 -4.77 -12.05 39.28
C VAL A 507 -5.65 -13.25 38.95
N LEU A 508 -5.05 -14.29 38.37
CA LEU A 508 -5.83 -15.48 38.02
C LEU A 508 -6.41 -16.13 39.28
N GLY A 509 -5.66 -16.11 40.36
CA GLY A 509 -6.15 -16.70 41.59
C GLY A 509 -7.43 -16.00 42.05
N THR A 510 -7.42 -14.68 41.97
CA THR A 510 -8.58 -13.88 42.36
C THR A 510 -9.77 -14.12 41.46
N LEU A 511 -9.54 -14.12 40.14
CA LEU A 511 -10.62 -14.34 39.19
C LEU A 511 -11.17 -15.77 39.29
N GLU A 512 -10.30 -16.72 39.61
CA GLU A 512 -10.73 -18.10 39.73
C GLU A 512 -11.64 -18.26 40.96
N ASN A 513 -11.36 -17.49 42.01
CA ASN A 513 -12.19 -17.56 43.21
C ASN A 513 -13.56 -16.97 42.90
N ILE A 514 -13.59 -15.95 42.04
CA ILE A 514 -14.84 -15.32 41.64
C ILE A 514 -15.65 -16.31 40.82
N GLN A 515 -14.95 -17.07 39.96
CA GLN A 515 -15.59 -18.07 39.11
C GLN A 515 -16.24 -19.16 39.98
N THR A 516 -15.47 -19.68 40.94
CA THR A 516 -15.95 -20.73 41.82
C THR A 516 -17.19 -20.25 42.57
N GLU A 517 -17.08 -19.10 43.23
CA GLU A 517 -18.19 -18.53 43.98
C GLU A 517 -19.45 -18.43 43.14
N PHE A 518 -19.31 -17.95 41.91
CA PHE A 518 -20.44 -17.79 41.01
C PHE A 518 -21.05 -19.13 40.58
N ASN A 519 -20.19 -20.03 40.11
CA ASN A 519 -20.64 -21.34 39.66
C ASN A 519 -21.34 -22.15 40.76
N ASP A 520 -20.83 -22.06 41.98
CA ASP A 520 -21.43 -22.80 43.10
C ASP A 520 -22.73 -22.19 43.60
N SER A 521 -22.96 -20.92 43.27
CA SER A 521 -24.18 -20.24 43.70
C SER A 521 -25.32 -20.39 42.70
N ARG A 522 -25.00 -20.94 41.54
CA ARG A 522 -26.00 -21.14 40.50
C ARG A 522 -26.79 -22.41 40.76
N SER A 523 -27.92 -22.55 40.07
CA SER A 523 -28.77 -23.73 40.23
C SER A 523 -29.52 -24.03 38.94
N ASP A 524 -29.47 -23.09 38.00
CA ASP A 524 -30.15 -23.24 36.72
C ASP A 524 -29.23 -23.82 35.64
N GLY A 525 -28.12 -24.40 36.06
CA GLY A 525 -27.19 -25.00 35.12
C GLY A 525 -26.24 -24.02 34.44
N THR A 526 -26.30 -22.75 34.86
CA THR A 526 -25.46 -21.71 34.29
C THR A 526 -24.06 -21.72 34.91
N GLN A 527 -23.06 -21.41 34.09
CA GLN A 527 -21.68 -21.35 34.56
C GLN A 527 -20.95 -20.27 33.75
N VAL A 528 -19.84 -19.79 34.29
CA VAL A 528 -19.03 -18.79 33.61
C VAL A 528 -17.61 -19.38 33.52
N SER A 529 -16.93 -19.09 32.42
CA SER A 529 -15.57 -19.59 32.22
C SER A 529 -14.56 -18.55 32.68
N LEU A 530 -13.36 -19.00 32.98
CA LEU A 530 -12.31 -18.07 33.39
C LEU A 530 -11.98 -17.25 32.15
N ALA A 531 -12.03 -17.88 30.99
CA ALA A 531 -11.72 -17.19 29.74
C ALA A 531 -12.60 -15.94 29.60
N ASP A 532 -13.89 -16.08 29.88
CA ASP A 532 -14.81 -14.94 29.79
C ASP A 532 -14.55 -13.93 30.90
N LEU A 533 -14.25 -14.40 32.11
CA LEU A 533 -14.00 -13.49 33.22
C LEU A 533 -12.80 -12.59 32.95
N ILE A 534 -11.75 -13.18 32.38
CA ILE A 534 -10.56 -12.40 32.08
C ILE A 534 -10.91 -11.22 31.16
N VAL A 535 -11.64 -11.50 30.09
CA VAL A 535 -12.01 -10.45 29.15
C VAL A 535 -13.00 -9.46 29.79
N LEU A 536 -13.95 -9.99 30.56
CA LEU A 536 -14.92 -9.11 31.21
C LEU A 536 -14.22 -8.16 32.16
N GLY A 537 -13.22 -8.68 32.89
CA GLY A 537 -12.49 -7.85 33.83
C GLY A 537 -11.73 -6.75 33.10
N GLY A 538 -11.12 -7.10 31.98
CA GLY A 538 -10.39 -6.11 31.22
C GLY A 538 -11.33 -5.02 30.72
N ASN A 539 -12.49 -5.42 30.22
CA ASN A 539 -13.48 -4.47 29.71
C ASN A 539 -13.96 -3.54 30.81
N ALA A 540 -14.20 -4.10 32.00
CA ALA A 540 -14.67 -3.29 33.12
C ALA A 540 -13.63 -2.26 33.51
N ALA A 541 -12.36 -2.65 33.46
CA ALA A 541 -11.26 -1.77 33.80
C ALA A 541 -11.14 -0.62 32.79
N VAL A 542 -11.31 -0.94 31.51
CA VAL A 542 -11.23 0.09 30.47
C VAL A 542 -12.38 1.07 30.68
N GLU A 543 -13.57 0.52 30.94
CA GLU A 543 -14.74 1.35 31.18
C GLU A 543 -14.52 2.27 32.38
N GLN A 544 -13.86 1.74 33.41
CA GLN A 544 -13.57 2.51 34.61
C GLN A 544 -12.57 3.62 34.33
N ALA A 545 -11.55 3.29 33.55
CA ALA A 545 -10.53 4.26 33.20
C ALA A 545 -11.14 5.40 32.40
N ALA A 546 -12.10 5.07 31.54
CA ALA A 546 -12.77 6.08 30.73
C ALA A 546 -13.63 6.95 31.64
N ALA A 547 -14.24 6.30 32.63
CA ALA A 547 -15.10 7.00 33.60
C ALA A 547 -14.29 7.99 34.42
N ASN A 548 -13.06 7.61 34.77
CA ASN A 548 -12.20 8.49 35.54
C ASN A 548 -11.89 9.76 34.76
N ALA A 549 -11.96 9.64 33.42
CA ALA A 549 -11.68 10.78 32.55
C ALA A 549 -12.95 11.54 32.20
N GLY A 550 -14.08 11.09 32.74
CA GLY A 550 -15.35 11.75 32.49
C GLY A 550 -16.12 11.22 31.30
N TYR A 551 -15.72 10.06 30.78
CA TYR A 551 -16.41 9.48 29.63
C TYR A 551 -17.20 8.22 29.97
N ASP A 552 -18.44 8.17 29.48
CA ASP A 552 -19.31 7.03 29.73
C ASP A 552 -19.28 6.09 28.53
N VAL A 553 -18.55 5.00 28.65
CA VAL A 553 -18.45 4.04 27.56
C VAL A 553 -18.92 2.65 27.99
N GLU A 554 -19.61 1.97 27.07
CA GLU A 554 -20.11 0.62 27.31
C GLU A 554 -19.47 -0.28 26.27
N ILE A 555 -18.65 -1.22 26.72
CA ILE A 555 -17.99 -2.12 25.79
C ILE A 555 -18.84 -3.36 25.59
N PRO A 556 -19.17 -3.67 24.32
CA PRO A 556 -19.98 -4.85 24.00
C PRO A 556 -19.25 -6.13 24.40
N PHE A 557 -19.95 -7.01 25.11
CA PHE A 557 -19.35 -8.26 25.56
C PHE A 557 -20.06 -9.48 25.01
N GLU A 558 -19.27 -10.42 24.48
CA GLU A 558 -19.80 -11.65 23.92
C GLU A 558 -19.36 -12.85 24.74
N PRO A 559 -20.23 -13.35 25.63
CA PRO A 559 -19.87 -14.52 26.45
C PRO A 559 -19.90 -15.77 25.60
N GLY A 560 -19.18 -16.80 26.02
CA GLY A 560 -19.16 -18.03 25.25
C GLY A 560 -17.77 -18.65 25.15
N ARG A 561 -16.76 -17.92 25.58
CA ARG A 561 -15.39 -18.45 25.54
C ARG A 561 -15.34 -19.60 26.54
N VAL A 562 -14.52 -20.61 26.23
CA VAL A 562 -14.41 -21.76 27.13
C VAL A 562 -13.00 -21.88 27.70
N ASP A 563 -12.84 -22.76 28.69
CA ASP A 563 -11.54 -23.00 29.31
C ASP A 563 -10.94 -24.29 28.76
N ALA A 564 -9.85 -24.15 28.02
CA ALA A 564 -9.17 -25.30 27.45
C ALA A 564 -8.26 -25.91 28.50
N GLY A 565 -8.02 -27.21 28.39
CA GLY A 565 -7.15 -27.86 29.36
C GLY A 565 -5.83 -28.23 28.74
N PRO A 566 -4.92 -28.80 29.53
CA PRO A 566 -3.60 -29.20 29.02
C PRO A 566 -3.76 -30.23 27.90
N GLU A 567 -4.83 -31.03 27.97
CA GLU A 567 -5.07 -32.05 26.95
C GLU A 567 -5.45 -31.45 25.59
N HIS A 568 -5.79 -30.17 25.57
CA HIS A 568 -6.17 -29.48 24.32
C HIS A 568 -5.03 -28.58 23.91
N THR A 569 -3.89 -28.71 24.58
CA THR A 569 -2.78 -27.81 24.34
C THR A 569 -1.42 -28.48 24.15
N ASP A 570 -0.81 -28.25 22.97
CA ASP A 570 0.53 -28.78 22.70
C ASP A 570 1.42 -27.62 23.18
N ALA A 571 1.85 -27.68 24.44
CA ALA A 571 2.64 -26.60 25.03
C ALA A 571 3.84 -26.10 24.23
N PRO A 572 4.74 -27.00 23.84
CA PRO A 572 5.91 -26.55 23.06
C PRO A 572 5.54 -25.75 21.81
N SER A 573 4.42 -26.11 21.18
CA SER A 573 4.00 -25.42 19.96
C SER A 573 3.57 -23.97 20.22
N PHE A 574 3.22 -23.66 21.46
CA PHE A 574 2.82 -22.31 21.80
C PHE A 574 4.01 -21.38 22.03
N ASP A 575 5.20 -21.94 22.11
CA ASP A 575 6.42 -21.14 22.28
C ASP A 575 6.50 -20.13 21.14
N ALA A 576 6.06 -20.56 19.96
CA ALA A 576 6.09 -19.74 18.75
C ALA A 576 5.28 -18.45 18.87
N LEU A 577 4.33 -18.40 19.80
CA LEU A 577 3.51 -17.22 19.98
C LEU A 577 4.11 -16.25 21.01
N LYS A 578 5.21 -16.63 21.63
CA LYS A 578 5.86 -15.78 22.63
C LYS A 578 6.37 -14.49 22.00
N PRO A 579 5.95 -13.33 22.54
CA PRO A 579 6.36 -12.02 22.03
C PRO A 579 7.79 -11.64 22.44
N LYS A 580 8.51 -11.04 21.50
CA LYS A 580 9.87 -10.57 21.78
C LYS A 580 9.73 -9.09 22.14
N VAL A 581 8.65 -8.48 21.66
CA VAL A 581 8.35 -7.08 21.92
C VAL A 581 6.84 -6.97 22.09
N ASP A 582 6.40 -6.26 23.12
CA ASP A 582 4.97 -6.06 23.34
C ASP A 582 4.74 -4.57 23.55
N GLY A 583 4.08 -3.95 22.57
CA GLY A 583 3.82 -2.52 22.63
C GLY A 583 2.93 -2.06 23.77
N VAL A 584 1.83 -2.76 23.99
CA VAL A 584 0.91 -2.40 25.06
C VAL A 584 1.56 -2.40 26.45
N ARG A 585 2.45 -3.35 26.68
CA ARG A 585 3.12 -3.46 27.97
C ARG A 585 4.53 -2.89 28.00
N ASN A 586 4.94 -2.27 26.90
CA ASN A 586 6.27 -1.67 26.78
C ASN A 586 7.34 -2.65 27.22
N TYR A 587 7.28 -3.86 26.66
CA TYR A 587 8.23 -4.92 26.95
C TYR A 587 9.13 -5.13 25.73
N ILE A 588 10.44 -5.18 25.97
CA ILE A 588 11.39 -5.41 24.88
C ILE A 588 12.44 -6.42 25.36
N GLN A 589 12.51 -7.57 24.70
CA GLN A 589 13.50 -8.57 25.06
C GLN A 589 14.87 -7.98 24.75
N ASP A 590 15.87 -8.25 25.57
CA ASP A 590 17.19 -7.69 25.33
C ASP A 590 17.88 -8.28 24.11
N ASP A 591 17.55 -9.52 23.76
CA ASP A 591 18.19 -10.18 22.63
C ASP A 591 17.48 -10.02 21.28
N ILE A 592 17.12 -8.78 20.95
CA ILE A 592 16.45 -8.53 19.66
C ILE A 592 17.45 -7.90 18.70
N THR A 593 17.43 -8.34 17.45
CA THR A 593 18.33 -7.79 16.46
C THR A 593 17.71 -6.58 15.77
N ARG A 594 16.43 -6.70 15.40
CA ARG A 594 15.73 -5.62 14.74
C ARG A 594 15.39 -4.50 15.72
N PRO A 595 15.20 -3.26 15.22
CA PRO A 595 14.86 -2.14 16.09
C PRO A 595 13.50 -2.49 16.69
N ALA A 596 13.24 -2.09 17.93
CA ALA A 596 11.97 -2.43 18.56
C ALA A 596 10.73 -2.01 17.77
N GLU A 597 10.75 -0.83 17.15
CA GLU A 597 9.58 -0.39 16.41
C GLU A 597 9.26 -1.27 15.20
N GLU A 598 10.28 -1.91 14.63
CA GLU A 598 10.05 -2.78 13.49
C GLU A 598 9.26 -4.01 13.96
N VAL A 599 9.67 -4.55 15.10
CA VAL A 599 8.99 -5.71 15.67
C VAL A 599 7.57 -5.31 16.07
N LEU A 600 7.41 -4.10 16.58
CA LEU A 600 6.10 -3.60 16.97
C LEU A 600 5.14 -3.63 15.79
N VAL A 601 5.60 -3.12 14.65
CA VAL A 601 4.78 -3.08 13.45
C VAL A 601 4.46 -4.51 12.99
N ASP A 602 5.45 -5.37 13.05
CA ASP A 602 5.28 -6.78 12.65
C ASP A 602 4.19 -7.42 13.51
N ASN A 603 4.26 -7.20 14.81
CA ASN A 603 3.27 -7.78 15.72
C ASN A 603 1.90 -7.15 15.55
N ALA A 604 1.86 -5.86 15.24
CA ALA A 604 0.61 -5.15 15.04
C ALA A 604 -0.13 -5.76 13.84
N ASP A 605 0.64 -6.16 12.83
CA ASP A 605 0.04 -6.76 11.65
C ASP A 605 -0.66 -8.08 12.00
N LEU A 606 -0.08 -8.84 12.92
CA LEU A 606 -0.68 -10.10 13.30
C LEU A 606 -2.02 -9.90 14.00
N LEU A 607 -2.24 -8.71 14.56
CA LEU A 607 -3.50 -8.40 15.22
C LEU A 607 -4.46 -7.65 14.29
N ASN A 608 -4.13 -7.64 12.99
CA ASN A 608 -4.94 -6.99 11.97
C ASN A 608 -5.14 -5.50 12.22
N LEU A 609 -4.15 -4.85 12.82
CA LEU A 609 -4.24 -3.42 13.10
C LEU A 609 -3.72 -2.55 11.98
N THR A 610 -4.33 -1.37 11.85
CA THR A 610 -3.90 -0.39 10.87
C THR A 610 -2.99 0.55 11.67
N ALA A 611 -2.31 1.46 10.97
CA ALA A 611 -1.42 2.40 11.66
C ALA A 611 -2.20 3.25 12.66
N SER A 612 -3.38 3.71 12.28
CA SER A 612 -4.19 4.53 13.18
C SER A 612 -4.71 3.78 14.39
N GLU A 613 -5.06 2.51 14.20
CA GLU A 613 -5.55 1.69 15.31
C GLU A 613 -4.41 1.41 16.28
N LEU A 614 -3.22 1.17 15.73
CA LEU A 614 -2.05 0.92 16.57
C LEU A 614 -1.74 2.15 17.42
N THR A 615 -1.77 3.30 16.78
CA THR A 615 -1.48 4.56 17.44
C THR A 615 -2.47 4.84 18.58
N ALA A 616 -3.76 4.67 18.29
CA ALA A 616 -4.79 4.89 19.32
C ALA A 616 -4.61 3.88 20.47
N LEU A 617 -4.26 2.65 20.13
CA LEU A 617 -4.08 1.62 21.13
C LEU A 617 -2.93 1.93 22.09
N ILE A 618 -1.75 2.19 21.53
CA ILE A 618 -0.58 2.48 22.36
C ILE A 618 -0.74 3.77 23.17
N GLY A 619 -1.14 4.84 22.49
CA GLY A 619 -1.31 6.11 23.16
C GLY A 619 -2.34 6.05 24.28
N GLY A 620 -3.47 5.40 24.00
CA GLY A 620 -4.51 5.28 25.01
C GLY A 620 -4.04 4.43 26.17
N MET A 621 -3.33 3.36 25.85
CA MET A 621 -2.83 2.44 26.87
C MET A 621 -1.86 3.11 27.84
N ARG A 622 -1.03 4.01 27.32
CA ARG A 622 -0.07 4.68 28.15
C ARG A 622 -0.71 5.62 29.17
N SER A 623 -1.96 6.03 28.92
CA SER A 623 -2.64 6.90 29.88
C SER A 623 -3.19 6.02 31.00
N ILE A 624 -3.47 4.77 30.66
CA ILE A 624 -3.96 3.80 31.64
C ILE A 624 -2.77 3.31 32.47
N GLY A 625 -1.69 2.96 31.77
CA GLY A 625 -0.50 2.48 32.44
C GLY A 625 -0.58 0.99 32.75
N ALA A 626 -0.24 0.17 31.76
CA ALA A 626 -0.27 -1.28 31.93
C ALA A 626 1.06 -1.88 31.53
N ASN A 627 2.14 -1.22 31.94
CA ASN A 627 3.48 -1.66 31.61
C ASN A 627 3.99 -2.88 32.36
N TYR A 628 4.87 -3.59 31.66
CA TYR A 628 5.56 -4.75 32.19
C TYR A 628 6.38 -4.19 33.37
N GLN A 629 6.30 -4.87 34.51
CA GLN A 629 7.00 -4.48 35.74
C GLN A 629 6.55 -3.14 36.27
N ASP A 630 5.37 -2.70 35.83
CA ASP A 630 4.77 -1.45 36.26
C ASP A 630 5.68 -0.24 36.15
N THR A 631 6.49 -0.19 35.09
CA THR A 631 7.39 0.95 34.90
C THR A 631 6.59 2.14 34.40
N ASP A 632 7.23 3.30 34.38
CA ASP A 632 6.59 4.53 33.92
C ASP A 632 7.02 4.86 32.49
N LEU A 633 7.60 3.89 31.80
CA LEU A 633 8.07 4.12 30.43
C LEU A 633 6.92 4.48 29.47
N GLY A 634 7.00 5.67 28.91
CA GLY A 634 5.97 6.13 27.99
C GLY A 634 4.70 6.58 28.66
N VAL A 635 4.66 6.51 29.99
CA VAL A 635 3.47 6.92 30.73
C VAL A 635 3.52 8.44 30.92
N PHE A 636 3.21 9.16 29.85
CA PHE A 636 3.25 10.61 29.84
C PHE A 636 1.98 11.25 30.39
N THR A 637 1.68 10.96 31.66
CA THR A 637 0.50 11.52 32.30
C THR A 637 0.72 11.59 33.80
N ASP A 638 0.04 12.53 34.45
CA ASP A 638 0.17 12.68 35.89
C ASP A 638 -1.00 11.96 36.55
N GLU A 639 -1.92 11.47 35.73
CA GLU A 639 -3.11 10.77 36.22
C GLU A 639 -3.26 9.37 35.61
N PRO A 640 -2.38 8.43 36.00
CA PRO A 640 -2.49 7.06 35.46
C PRO A 640 -3.87 6.45 35.74
N GLU A 641 -4.23 5.44 34.95
CA GLU A 641 -5.50 4.75 35.07
C GLU A 641 -6.70 5.64 34.72
N THR A 642 -6.41 6.75 34.04
CA THR A 642 -7.42 7.70 33.58
C THR A 642 -7.21 7.79 32.07
N LEU A 643 -8.13 7.21 31.30
CA LEU A 643 -8.03 7.20 29.84
C LEU A 643 -8.19 8.57 29.19
N THR A 644 -7.09 9.12 28.70
CA THR A 644 -7.08 10.43 28.06
C THR A 644 -6.11 10.43 26.88
N ASN A 645 -5.90 11.62 26.30
CA ASN A 645 -4.97 11.79 25.19
C ASN A 645 -3.67 12.44 25.66
N ASP A 646 -3.41 12.35 26.97
CA ASP A 646 -2.20 12.94 27.55
C ASP A 646 -0.91 12.45 26.88
N PHE A 647 -0.89 11.19 26.45
CA PHE A 647 0.31 10.64 25.82
C PHE A 647 0.71 11.51 24.64
N PHE A 648 -0.27 11.83 23.79
CA PHE A 648 -0.01 12.63 22.62
C PHE A 648 0.31 14.09 22.93
N VAL A 649 -0.46 14.70 23.83
CA VAL A 649 -0.22 16.09 24.19
C VAL A 649 1.20 16.27 24.73
N ASN A 650 1.63 15.38 25.61
CA ASN A 650 2.95 15.48 26.20
C ASN A 650 4.08 15.05 25.26
N LEU A 651 3.82 14.06 24.42
CA LEU A 651 4.84 13.62 23.47
C LEU A 651 5.18 14.74 22.48
N LEU A 652 4.15 15.49 22.07
CA LEU A 652 4.32 16.56 21.08
C LEU A 652 4.78 17.91 21.62
N ASP A 653 4.75 18.09 22.94
CA ASP A 653 5.15 19.35 23.56
C ASP A 653 6.62 19.68 23.29
N MET A 654 6.89 20.74 22.54
CA MET A 654 8.27 21.12 22.25
C MET A 654 9.01 21.65 23.48
N GLY A 655 8.30 21.78 24.60
CA GLY A 655 8.94 22.26 25.81
C GLY A 655 9.78 21.15 26.40
N THR A 656 9.73 19.99 25.75
CA THR A 656 10.48 18.81 26.16
C THR A 656 11.43 18.39 25.04
N GLU A 657 12.66 18.03 25.40
CA GLU A 657 13.64 17.57 24.42
C GLU A 657 13.99 16.15 24.82
N TRP A 658 14.22 15.29 23.85
CA TRP A 658 14.54 13.89 24.13
C TRP A 658 15.97 13.51 23.82
N GLU A 659 16.46 12.53 24.57
CA GLU A 659 17.83 12.03 24.39
C GLU A 659 17.94 10.59 24.88
N PRO A 660 18.88 9.83 24.32
CA PRO A 660 19.05 8.45 24.76
C PRO A 660 19.53 8.48 26.21
N ALA A 661 19.06 7.55 27.03
CA ALA A 661 19.51 7.51 28.42
C ALA A 661 20.90 6.90 28.43
N ALA A 662 21.86 7.59 29.04
CA ALA A 662 23.23 7.10 29.10
C ALA A 662 23.31 5.70 29.70
N ASP A 663 24.20 4.88 29.15
CA ASP A 663 24.40 3.51 29.64
C ASP A 663 23.13 2.68 29.64
N SER A 664 22.23 2.97 28.70
CA SER A 664 20.98 2.24 28.60
C SER A 664 20.83 1.74 27.16
N GLU A 665 20.32 0.53 27.01
CA GLU A 665 20.15 -0.03 25.68
C GLU A 665 18.80 0.31 25.05
N HIS A 666 17.76 0.44 25.87
CA HIS A 666 16.43 0.72 25.35
C HIS A 666 15.75 1.99 25.80
N ARG A 667 16.32 2.66 26.82
CA ARG A 667 15.69 3.86 27.37
C ARG A 667 16.10 5.23 26.83
N TYR A 668 15.15 6.16 26.89
CA TYR A 668 15.33 7.55 26.48
C TYR A 668 14.73 8.45 27.55
N LYS A 669 15.27 9.65 27.68
CA LYS A 669 14.79 10.61 28.67
C LYS A 669 14.18 11.83 27.99
N GLY A 670 13.08 12.32 28.55
CA GLY A 670 12.44 13.51 28.04
C GLY A 670 12.80 14.58 29.06
N LEU A 671 13.60 15.56 28.65
CA LEU A 671 14.04 16.61 29.56
C LEU A 671 13.35 17.94 29.36
N ASP A 672 13.17 18.69 30.45
CA ASP A 672 12.57 20.01 30.31
C ASP A 672 13.62 20.77 29.53
N ARG A 673 13.21 21.38 28.41
CA ARG A 673 14.15 22.07 27.55
C ARG A 673 14.88 23.23 28.22
N ASP A 674 14.24 23.86 29.20
CA ASP A 674 14.85 24.99 29.89
C ASP A 674 15.75 24.62 31.07
N THR A 675 15.24 23.78 31.97
CA THR A 675 15.99 23.38 33.15
C THR A 675 16.88 22.16 32.99
N GLY A 676 16.50 21.26 32.07
CA GLY A 676 17.28 20.05 31.87
C GLY A 676 16.84 18.95 32.81
N GLU A 677 15.80 19.24 33.59
CA GLU A 677 15.27 18.26 34.54
C GLU A 677 14.49 17.16 33.80
N VAL A 678 14.65 15.91 34.24
CA VAL A 678 13.92 14.80 33.60
C VAL A 678 12.43 14.90 33.89
N LYS A 679 11.64 14.81 32.83
CA LYS A 679 10.19 14.87 32.93
C LYS A 679 9.59 13.49 32.72
N TRP A 680 10.12 12.76 31.74
CA TRP A 680 9.64 11.44 31.39
C TRP A 680 10.75 10.48 30.99
N GLU A 681 10.38 9.20 30.92
CA GLU A 681 11.26 8.12 30.49
C GLU A 681 10.47 7.40 29.38
N ALA A 682 11.14 6.83 28.40
CA ALA A 682 10.43 6.15 27.31
C ALA A 682 11.34 5.21 26.52
N THR A 683 10.73 4.42 25.64
CA THR A 683 11.48 3.49 24.78
C THR A 683 11.18 3.89 23.33
N ARG A 684 11.78 3.20 22.38
CA ARG A 684 11.53 3.50 20.98
C ARG A 684 10.07 3.20 20.61
N ILE A 685 9.41 2.33 21.39
CA ILE A 685 8.01 2.01 21.13
C ILE A 685 7.16 3.26 21.32
N ASP A 686 7.51 4.06 22.32
CA ASP A 686 6.77 5.27 22.58
C ASP A 686 7.17 6.39 21.63
N LEU A 687 8.47 6.56 21.45
CA LEU A 687 8.98 7.65 20.62
C LEU A 687 8.78 7.55 19.11
N ILE A 688 8.55 6.35 18.58
CA ILE A 688 8.36 6.24 17.15
C ILE A 688 7.10 7.00 16.70
N PHE A 689 6.13 7.16 17.59
CA PHE A 689 4.90 7.86 17.22
C PHE A 689 5.09 9.36 17.08
N GLY A 690 6.26 9.84 17.48
CA GLY A 690 6.58 11.25 17.37
C GLY A 690 7.76 11.46 16.43
N SER A 691 8.23 10.39 15.81
CA SER A 691 9.38 10.47 14.90
C SER A 691 9.05 10.13 13.44
N ASN A 692 8.35 9.02 13.25
CA ASN A 692 7.96 8.59 11.90
C ASN A 692 7.00 9.63 11.32
N ASP A 693 7.23 10.03 10.08
CA ASP A 693 6.41 11.06 9.44
C ASP A 693 4.91 10.76 9.44
N ARG A 694 4.52 9.54 9.10
CA ARG A 694 3.10 9.19 9.08
C ARG A 694 2.49 9.05 10.46
N LEU A 695 3.20 8.39 11.38
CA LEU A 695 2.67 8.21 12.72
C LEU A 695 2.52 9.54 13.43
N ARG A 696 3.44 10.46 13.14
CA ARG A 696 3.38 11.76 13.77
C ARG A 696 2.13 12.50 13.32
N ALA A 697 1.75 12.34 12.04
CA ALA A 697 0.55 12.99 11.55
C ALA A 697 -0.67 12.48 12.31
N ILE A 698 -0.66 11.19 12.63
CA ILE A 698 -1.76 10.57 13.38
C ILE A 698 -1.75 11.10 14.82
N SER A 699 -0.57 11.14 15.42
CA SER A 699 -0.43 11.63 16.79
C SER A 699 -0.93 13.07 16.92
N GLU A 700 -0.64 13.90 15.92
CA GLU A 700 -1.08 15.29 15.95
C GLU A 700 -2.60 15.41 16.00
N VAL A 701 -3.30 14.49 15.33
CA VAL A 701 -4.76 14.52 15.35
C VAL A 701 -5.23 14.24 16.78
N TYR A 702 -4.74 13.16 17.36
CA TYR A 702 -5.13 12.76 18.71
C TYR A 702 -4.65 13.72 19.80
N GLY A 703 -3.62 14.50 19.50
CA GLY A 703 -3.08 15.43 20.48
C GLY A 703 -3.65 16.82 20.38
N SER A 704 -4.65 17.00 19.52
CA SER A 704 -5.28 18.30 19.36
C SER A 704 -6.29 18.57 20.48
N ALA A 705 -6.57 19.84 20.70
CA ALA A 705 -7.48 20.26 21.76
C ALA A 705 -8.87 19.62 21.80
N ASP A 706 -9.43 19.31 20.64
CA ASP A 706 -10.77 18.74 20.60
C ASP A 706 -10.80 17.28 20.15
N ALA A 707 -9.76 16.52 20.47
CA ALA A 707 -9.70 15.14 20.04
C ALA A 707 -9.72 14.08 21.14
N GLU A 708 -9.77 14.49 22.40
CA GLU A 708 -9.76 13.49 23.47
C GLU A 708 -10.90 12.48 23.39
N LYS A 709 -12.11 12.94 23.15
CA LYS A 709 -13.24 12.02 23.08
C LYS A 709 -13.03 11.03 21.92
N LYS A 710 -12.54 11.54 20.80
CA LYS A 710 -12.29 10.69 19.64
C LYS A 710 -11.27 9.60 19.99
N LEU A 711 -10.19 10.01 20.66
CA LEU A 711 -9.15 9.04 21.03
C LEU A 711 -9.72 7.97 21.95
N VAL A 712 -10.50 8.40 22.94
CA VAL A 712 -11.10 7.45 23.86
C VAL A 712 -11.94 6.42 23.10
N HIS A 713 -12.78 6.88 22.19
CA HIS A 713 -13.60 5.96 21.43
C HIS A 713 -12.81 5.07 20.48
N ASP A 714 -11.73 5.61 19.90
CA ASP A 714 -10.92 4.81 19.00
C ASP A 714 -10.15 3.75 19.77
N PHE A 715 -9.74 4.10 20.99
CA PHE A 715 -9.01 3.15 21.82
C PHE A 715 -9.95 2.00 22.19
N VAL A 716 -11.16 2.36 22.63
CA VAL A 716 -12.14 1.36 23.02
C VAL A 716 -12.48 0.44 21.85
N ASP A 717 -12.67 1.02 20.66
CA ASP A 717 -12.99 0.20 19.50
C ASP A 717 -11.88 -0.80 19.19
N THR A 718 -10.64 -0.34 19.28
CA THR A 718 -9.50 -1.23 19.01
C THR A 718 -9.36 -2.29 20.08
N TRP A 719 -9.55 -1.90 21.34
CA TRP A 719 -9.47 -2.83 22.45
C TRP A 719 -10.48 -3.96 22.23
N SER A 720 -11.72 -3.59 21.95
CA SER A 720 -12.79 -4.56 21.72
C SER A 720 -12.48 -5.47 20.53
N LYS A 721 -11.96 -4.89 19.46
CA LYS A 721 -11.61 -5.66 18.26
C LYS A 721 -10.61 -6.76 18.61
N VAL A 722 -9.56 -6.40 19.34
CA VAL A 722 -8.54 -7.38 19.72
C VAL A 722 -9.10 -8.46 20.64
N MET A 723 -9.97 -8.07 21.57
CA MET A 723 -10.55 -9.05 22.50
C MET A 723 -11.37 -10.11 21.79
N LYS A 724 -11.93 -9.78 20.63
CA LYS A 724 -12.77 -10.73 19.89
C LYS A 724 -12.15 -11.36 18.64
N LEU A 725 -10.85 -11.19 18.44
CA LEU A 725 -10.22 -11.74 17.24
C LEU A 725 -10.40 -13.24 17.00
N ASP A 726 -10.34 -14.06 18.05
CA ASP A 726 -10.46 -15.50 17.84
C ASP A 726 -11.87 -16.04 17.94
N ARG A 727 -12.86 -15.14 17.98
CA ARG A 727 -14.25 -15.58 18.07
C ARG A 727 -14.80 -15.81 16.66
N PHE A 728 -14.50 -16.97 16.11
CA PHE A 728 -14.95 -17.32 14.77
C PHE A 728 -16.40 -17.77 14.76
N ASP A 729 -16.81 -18.49 15.80
CA ASP A 729 -18.19 -18.98 15.91
C ASP A 729 -19.15 -17.79 15.91
N LEU A 730 -18.63 -16.63 16.32
CA LEU A 730 -19.43 -15.41 16.34
C LEU A 730 -19.00 -14.49 15.21
N GLU A 731 -17.87 -14.80 14.59
CA GLU A 731 -17.34 -14.00 13.49
C GLU A 731 -18.32 -13.99 12.31
N LYS B 18 17.38 -7.93 8.65
CA LYS B 18 17.04 -6.67 7.92
C LYS B 18 15.53 -6.57 7.71
N ARG B 19 15.14 -5.95 6.60
CA ARG B 19 13.73 -5.77 6.27
C ARG B 19 13.36 -6.62 5.06
N PRO B 20 12.06 -6.92 4.91
CA PRO B 20 11.59 -7.74 3.78
C PRO B 20 11.79 -7.04 2.44
N LYS B 21 12.57 -7.66 1.56
CA LYS B 21 12.83 -7.10 0.24
C LYS B 21 11.54 -7.06 -0.56
N SER B 22 11.33 -5.96 -1.29
CA SER B 22 10.11 -5.79 -2.07
C SER B 22 10.20 -6.37 -3.48
N ASN B 23 9.04 -6.67 -4.06
CA ASN B 23 8.99 -7.21 -5.40
C ASN B 23 9.54 -6.17 -6.36
N GLN B 24 9.47 -4.90 -5.96
CA GLN B 24 9.98 -3.81 -6.78
C GLN B 24 11.48 -3.95 -6.97
N ASP B 25 12.16 -4.48 -5.95
CA ASP B 25 13.61 -4.67 -6.02
C ASP B 25 13.97 -5.83 -6.94
N TRP B 26 13.26 -6.95 -6.79
CA TRP B 26 13.52 -8.12 -7.62
C TRP B 26 13.15 -7.86 -9.07
N TRP B 27 12.04 -7.15 -9.28
CA TRP B 27 11.55 -6.84 -10.62
C TRP B 27 11.21 -5.36 -10.77
N PRO B 28 12.23 -4.54 -11.07
CA PRO B 28 12.07 -3.09 -11.25
C PRO B 28 10.98 -2.66 -12.21
N SER B 29 10.70 -3.49 -13.22
CA SER B 29 9.68 -3.17 -14.21
C SER B 29 8.27 -3.56 -13.77
N LYS B 30 8.13 -4.15 -12.60
CA LYS B 30 6.82 -4.57 -12.14
C LYS B 30 5.88 -3.38 -11.96
N LEU B 31 4.65 -3.52 -12.45
CA LEU B 31 3.65 -2.46 -12.34
C LEU B 31 3.50 -2.00 -10.90
N ASN B 32 3.45 -0.69 -10.71
CA ASN B 32 3.31 -0.15 -9.37
C ASN B 32 1.83 0.04 -9.04
N LEU B 33 1.13 -1.07 -8.78
CA LEU B 33 -0.29 -1.00 -8.45
C LEU B 33 -0.52 -0.39 -7.08
N GLU B 34 0.56 -0.15 -6.34
CA GLU B 34 0.45 0.44 -5.02
C GLU B 34 -0.21 1.82 -5.14
N ILE B 35 0.04 2.51 -6.24
CA ILE B 35 -0.54 3.83 -6.42
C ILE B 35 -2.07 3.76 -6.47
N LEU B 36 -2.61 2.70 -7.08
CA LEU B 36 -4.06 2.57 -7.15
C LEU B 36 -4.63 2.12 -5.81
N ASP B 37 -3.83 1.42 -5.02
CA ASP B 37 -4.30 0.96 -3.72
C ASP B 37 -4.55 2.16 -2.81
N GLN B 38 -3.87 3.27 -3.07
CA GLN B 38 -4.07 4.48 -2.27
C GLN B 38 -5.49 5.02 -2.45
N ASN B 39 -6.16 4.58 -3.51
CA ASN B 39 -7.52 5.03 -3.78
C ASN B 39 -8.58 4.13 -3.16
N ALA B 40 -8.18 2.95 -2.70
CA ALA B 40 -9.10 1.99 -2.11
C ALA B 40 -9.65 2.41 -0.75
N ARG B 41 -9.08 3.45 -0.15
CA ARG B 41 -9.54 3.93 1.15
C ARG B 41 -8.82 5.21 1.54
N ASP B 42 -9.32 5.88 2.57
CA ASP B 42 -8.72 7.11 3.04
C ASP B 42 -7.85 6.82 4.26
N VAL B 43 -6.53 6.78 4.06
CA VAL B 43 -5.60 6.52 5.15
C VAL B 43 -5.74 7.62 6.20
N GLY B 44 -5.46 7.28 7.46
CA GLY B 44 -5.57 8.26 8.52
C GLY B 44 -6.65 7.89 9.53
N PRO B 45 -6.69 8.55 10.69
CA PRO B 45 -7.67 8.27 11.73
C PRO B 45 -9.02 8.97 11.58
N VAL B 46 -9.13 9.82 10.56
CA VAL B 46 -10.36 10.57 10.32
C VAL B 46 -11.54 9.68 9.93
N GLU B 47 -12.73 10.05 10.41
CA GLU B 47 -13.94 9.30 10.09
C GLU B 47 -14.19 9.36 8.60
N ASP B 48 -14.16 8.21 7.93
CA ASP B 48 -14.39 8.15 6.48
C ASP B 48 -15.84 8.49 6.13
N ASP B 49 -16.24 9.72 6.39
CA ASP B 49 -17.59 10.17 6.12
C ASP B 49 -17.75 11.68 6.36
N PHE B 50 -16.95 12.21 7.27
CA PHE B 50 -17.00 13.63 7.59
C PHE B 50 -16.23 14.42 6.53
N ASP B 51 -16.74 15.59 6.17
CA ASP B 51 -16.08 16.40 5.16
C ASP B 51 -15.42 17.62 5.78
N TYR B 52 -14.19 17.87 5.34
CA TYR B 52 -13.40 18.99 5.84
C TYR B 52 -14.05 20.35 5.63
N ALA B 53 -14.68 20.53 4.47
CA ALA B 53 -15.34 21.80 4.17
C ALA B 53 -16.25 22.25 5.30
N GLU B 54 -17.06 21.32 5.80
CA GLU B 54 -17.98 21.62 6.89
C GLU B 54 -17.29 22.01 8.17
N GLU B 55 -16.13 21.40 8.44
CA GLU B 55 -15.40 21.70 9.65
C GLU B 55 -14.72 23.07 9.55
N PHE B 56 -14.17 23.38 8.39
CA PHE B 56 -13.50 24.66 8.16
C PHE B 56 -14.51 25.79 8.28
N GLN B 57 -15.76 25.50 7.93
CA GLN B 57 -16.83 26.49 7.99
C GLN B 57 -17.07 26.93 9.43
N LYS B 58 -16.67 26.10 10.39
CA LYS B 58 -16.86 26.39 11.80
C LYS B 58 -15.69 27.20 12.35
N LEU B 59 -14.63 27.31 11.56
CA LEU B 59 -13.43 28.02 11.97
C LEU B 59 -13.55 29.55 12.02
N ASP B 60 -12.98 30.15 13.05
CA ASP B 60 -12.98 31.59 13.19
C ASP B 60 -11.63 32.00 12.57
N LEU B 61 -11.64 32.20 11.25
CA LEU B 61 -10.42 32.55 10.53
C LEU B 61 -9.66 33.72 11.14
N GLU B 62 -10.38 34.78 11.49
CA GLU B 62 -9.74 35.95 12.08
C GLU B 62 -8.96 35.59 13.33
N ALA B 63 -9.50 34.68 14.14
CA ALA B 63 -8.85 34.25 15.38
C ALA B 63 -7.52 33.56 15.08
N VAL B 64 -7.51 32.69 14.08
CA VAL B 64 -6.30 31.97 13.70
C VAL B 64 -5.27 32.99 13.19
N LYS B 65 -5.72 33.94 12.38
CA LYS B 65 -4.82 34.95 11.84
C LYS B 65 -4.21 35.78 12.96
N SER B 66 -5.00 36.09 13.98
CA SER B 66 -4.51 36.86 15.11
C SER B 66 -3.41 36.08 15.82
N ASP B 67 -3.64 34.78 16.02
CA ASP B 67 -2.65 33.93 16.68
C ASP B 67 -1.39 33.84 15.82
N LEU B 68 -1.56 33.79 14.51
CA LEU B 68 -0.40 33.71 13.62
C LEU B 68 0.41 35.00 13.69
N GLU B 69 -0.29 36.12 13.77
CA GLU B 69 0.37 37.42 13.85
C GLU B 69 1.23 37.49 15.10
N GLU B 70 0.68 37.02 16.22
CA GLU B 70 1.40 37.01 17.48
C GLU B 70 2.64 36.12 17.39
N LEU B 71 2.48 34.97 16.75
CA LEU B 71 3.58 34.02 16.60
C LEU B 71 4.76 34.60 15.82
N MET B 72 4.47 35.46 14.85
CA MET B 72 5.52 36.06 14.02
C MET B 72 6.67 36.63 14.84
N THR B 73 6.37 37.22 15.99
CA THR B 73 7.41 37.81 16.83
C THR B 73 7.65 37.11 18.16
N SER B 74 7.16 35.88 18.27
CA SER B 74 7.34 35.10 19.51
C SER B 74 8.42 34.06 19.25
N SER B 75 9.68 34.50 19.37
CA SER B 75 10.83 33.64 19.13
C SER B 75 10.98 32.48 20.11
N GLN B 76 11.24 31.29 19.58
CA GLN B 76 11.44 30.11 20.41
C GLN B 76 12.94 29.84 20.44
N ASP B 77 13.49 29.54 21.61
CA ASP B 77 14.93 29.31 21.74
C ASP B 77 15.52 28.20 20.86
N TRP B 78 14.76 27.15 20.58
CA TRP B 78 15.27 26.06 19.76
C TRP B 78 15.41 26.41 18.27
N TRP B 79 14.96 27.61 17.89
CA TRP B 79 15.10 28.09 16.52
C TRP B 79 14.77 29.58 16.53
N PRO B 80 15.70 30.40 17.04
CA PRO B 80 15.61 31.86 17.16
C PRO B 80 15.23 32.55 15.86
N ALA B 81 14.23 33.43 15.93
CA ALA B 81 13.76 34.16 14.76
C ALA B 81 14.74 35.22 14.28
N ASP B 82 15.03 35.21 12.98
CA ASP B 82 15.92 36.19 12.37
C ASP B 82 15.26 37.56 12.53
N TYR B 83 16.06 38.57 12.86
CA TYR B 83 15.55 39.93 13.01
C TYR B 83 14.33 39.99 13.93
N GLY B 84 14.18 38.97 14.76
CA GLY B 84 13.05 38.91 15.68
C GLY B 84 11.70 38.73 15.00
N HIS B 85 11.70 38.25 13.76
CA HIS B 85 10.47 38.05 13.01
C HIS B 85 10.54 36.77 12.16
N TYR B 86 9.62 35.84 12.40
CA TYR B 86 9.57 34.58 11.66
C TYR B 86 8.91 34.69 10.28
N GLY B 87 8.34 35.86 10.00
CA GLY B 87 7.66 36.05 8.73
C GLY B 87 8.31 35.49 7.47
N PRO B 88 9.55 35.89 7.16
CA PRO B 88 10.23 35.38 5.96
C PRO B 88 10.34 33.86 5.93
N LEU B 89 10.62 33.27 7.08
CA LEU B 89 10.75 31.82 7.15
C LEU B 89 9.43 31.16 6.75
N PHE B 90 8.32 31.72 7.23
CA PHE B 90 7.00 31.17 6.89
C PHE B 90 6.65 31.36 5.42
N ILE B 91 7.14 32.46 4.81
CA ILE B 91 6.87 32.69 3.38
C ILE B 91 7.61 31.61 2.59
N ARG B 92 8.85 31.32 2.98
CA ARG B 92 9.62 30.30 2.30
C ARG B 92 8.91 28.95 2.46
N MET B 93 8.40 28.69 3.65
CA MET B 93 7.68 27.44 3.90
C MET B 93 6.49 27.31 2.96
N ALA B 94 5.70 28.38 2.83
CA ALA B 94 4.53 28.36 1.96
C ALA B 94 4.90 28.23 0.50
N TRP B 95 5.94 28.95 0.09
CA TRP B 95 6.40 28.88 -1.28
C TRP B 95 6.85 27.47 -1.62
N HIS B 96 7.56 26.81 -0.71
CA HIS B 96 8.00 25.45 -1.00
C HIS B 96 6.83 24.47 -0.98
N SER B 97 5.84 24.73 -0.15
CA SER B 97 4.68 23.85 -0.09
C SER B 97 3.95 23.85 -1.43
N ALA B 98 3.70 25.02 -1.98
CA ALA B 98 2.99 25.14 -3.25
C ALA B 98 3.93 24.96 -4.45
N GLY B 99 5.22 25.18 -4.21
CA GLY B 99 6.22 25.13 -5.26
C GLY B 99 6.53 23.83 -5.97
N THR B 100 6.02 22.70 -5.48
CA THR B 100 6.29 21.43 -6.14
C THR B 100 5.27 21.07 -7.22
N TYR B 101 4.30 21.95 -7.43
CA TYR B 101 3.25 21.74 -8.42
C TYR B 101 3.76 21.58 -9.86
N ARG B 102 3.21 20.61 -10.57
CA ARG B 102 3.55 20.37 -11.98
C ARG B 102 2.26 20.40 -12.79
N THR B 103 2.23 21.17 -13.88
CA THR B 103 1.04 21.25 -14.71
C THR B 103 0.83 19.95 -15.48
N ALA B 104 1.91 19.25 -15.78
CA ALA B 104 1.86 18.00 -16.52
C ALA B 104 0.83 17.00 -16.00
N ASP B 105 0.80 16.81 -14.68
CA ASP B 105 -0.15 15.87 -14.10
C ASP B 105 -0.94 16.46 -12.94
N GLY B 106 -0.68 17.74 -12.65
CA GLY B 106 -1.39 18.42 -11.58
C GLY B 106 -0.96 17.98 -10.18
N ARG B 107 0.03 17.09 -10.11
CA ARG B 107 0.50 16.60 -8.82
C ARG B 107 1.50 17.56 -8.19
N GLY B 108 1.77 17.36 -6.91
CA GLY B 108 2.67 18.27 -6.21
C GLY B 108 1.78 19.41 -5.80
N GLY B 109 2.34 20.46 -5.21
CA GLY B 109 1.50 21.57 -4.80
C GLY B 109 1.19 21.51 -3.32
N ALA B 110 0.45 22.50 -2.82
CA ALA B 110 0.14 22.57 -1.40
C ALA B 110 -1.21 22.02 -0.93
N ALA B 111 -2.04 21.55 -1.87
CA ALA B 111 -3.37 21.05 -1.54
C ALA B 111 -3.50 19.95 -0.49
N GLY B 112 -2.46 19.13 -0.32
CA GLY B 112 -2.53 18.07 0.67
C GLY B 112 -1.54 18.24 1.81
N GLY B 113 -0.73 19.28 1.75
CA GLY B 113 0.28 19.53 2.78
C GLY B 113 1.31 18.42 2.85
N ARG B 114 1.58 17.78 1.71
CA ARG B 114 2.53 16.67 1.69
C ARG B 114 4.00 17.01 1.92
N GLN B 115 4.29 18.29 2.15
CA GLN B 115 5.66 18.71 2.45
C GLN B 115 6.01 18.07 3.80
N ARG B 116 4.98 17.64 4.52
CA ARG B 116 5.15 17.02 5.84
C ARG B 116 5.61 15.56 5.77
N PHE B 117 5.54 14.96 4.58
CA PHE B 117 5.92 13.56 4.44
C PHE B 117 7.11 13.33 3.52
N ALA B 118 7.78 12.19 3.71
CA ALA B 118 8.91 11.85 2.85
C ALA B 118 8.33 11.67 1.44
N PRO B 119 9.13 11.94 0.40
CA PRO B 119 10.52 12.39 0.44
C PRO B 119 10.66 13.91 0.54
N ILE B 120 9.58 14.62 0.24
CA ILE B 120 9.60 16.07 0.27
C ILE B 120 10.07 16.68 1.59
N ASN B 121 9.66 16.09 2.71
CA ASN B 121 10.07 16.63 4.00
C ASN B 121 11.57 16.54 4.24
N SER B 122 12.26 15.77 3.42
CA SER B 122 13.71 15.60 3.61
C SER B 122 14.56 16.07 2.43
N TRP B 123 13.94 16.76 1.47
CA TRP B 123 14.68 17.28 0.33
C TRP B 123 15.65 18.33 0.86
N PRO B 124 16.84 18.44 0.24
CA PRO B 124 17.79 19.44 0.72
C PRO B 124 17.20 20.86 0.65
N ASP B 125 16.34 21.09 -0.33
CA ASP B 125 15.70 22.40 -0.50
C ASP B 125 14.75 22.73 0.64
N ASN B 126 14.30 21.73 1.38
CA ASN B 126 13.40 22.00 2.47
C ASN B 126 14.08 21.97 3.83
N ALA B 127 15.41 22.12 3.82
CA ALA B 127 16.17 22.11 5.06
C ALA B 127 15.65 23.18 6.02
N ASN B 128 15.44 22.76 7.26
CA ASN B 128 14.96 23.61 8.35
C ASN B 128 13.50 24.06 8.25
N LEU B 129 12.79 23.61 7.24
CA LEU B 129 11.37 23.94 7.15
C LEU B 129 10.68 23.03 8.17
N ASP B 130 11.41 22.05 8.69
CA ASP B 130 10.87 21.16 9.71
C ASP B 130 10.68 22.01 10.96
N LYS B 131 11.58 22.96 11.19
CA LYS B 131 11.45 23.85 12.34
C LYS B 131 10.31 24.82 12.11
N ALA B 132 10.19 25.31 10.87
CA ALA B 132 9.13 26.26 10.55
C ALA B 132 7.77 25.62 10.81
N ARG B 133 7.57 24.41 10.32
CA ARG B 133 6.29 23.74 10.53
C ARG B 133 6.07 23.46 12.01
N ARG B 134 7.15 23.14 12.73
CA ARG B 134 7.04 22.85 14.16
C ARG B 134 6.55 24.08 14.94
N LEU B 135 6.93 25.27 14.50
CA LEU B 135 6.50 26.50 15.18
C LEU B 135 4.98 26.67 15.13
N LEU B 136 4.36 26.07 14.12
CA LEU B 136 2.90 26.15 13.93
C LEU B 136 2.10 25.07 14.66
N LEU B 137 2.78 24.09 15.24
CA LEU B 137 2.08 23.01 15.92
C LEU B 137 1.08 23.45 16.99
N PRO B 138 1.46 24.41 17.86
CA PRO B 138 0.52 24.85 18.89
C PRO B 138 -0.80 25.37 18.31
N ILE B 139 -0.71 26.13 17.22
CA ILE B 139 -1.90 26.66 16.58
C ILE B 139 -2.72 25.53 15.96
N LYS B 140 -2.03 24.58 15.33
CA LYS B 140 -2.73 23.44 14.74
C LYS B 140 -3.51 22.68 15.80
N GLN B 141 -2.86 22.43 16.93
CA GLN B 141 -3.49 21.71 18.04
C GLN B 141 -4.67 22.47 18.61
N LYS B 142 -4.53 23.78 18.72
CA LYS B 142 -5.57 24.62 19.28
C LYS B 142 -6.87 24.57 18.48
N TYR B 143 -6.76 24.61 17.15
CA TYR B 143 -7.95 24.59 16.30
C TYR B 143 -8.35 23.20 15.81
N GLY B 144 -7.46 22.23 15.97
CA GLY B 144 -7.76 20.87 15.55
C GLY B 144 -8.24 20.69 14.13
N GLN B 145 -9.27 19.86 13.95
CA GLN B 145 -9.81 19.56 12.64
C GLN B 145 -10.35 20.76 11.87
N LYS B 146 -10.63 21.85 12.56
CA LYS B 146 -11.16 23.06 11.91
C LYS B 146 -10.22 23.69 10.90
N ILE B 147 -8.93 23.41 10.98
CA ILE B 147 -7.99 23.92 10.00
C ILE B 147 -6.91 22.89 9.73
N SER B 148 -6.75 22.53 8.46
CA SER B 148 -5.77 21.54 8.06
C SER B 148 -4.37 22.13 8.04
N TRP B 149 -3.37 21.24 8.04
CA TRP B 149 -1.98 21.68 7.97
C TRP B 149 -1.81 22.39 6.63
N ALA B 150 -2.43 21.83 5.60
CA ALA B 150 -2.35 22.39 4.26
C ALA B 150 -2.82 23.84 4.24
N ASP B 151 -3.99 24.08 4.83
CA ASP B 151 -4.56 25.43 4.89
C ASP B 151 -3.71 26.32 5.81
N LEU B 152 -3.28 25.77 6.93
CA LEU B 152 -2.49 26.54 7.89
C LEU B 152 -1.14 26.99 7.36
N MET B 153 -0.47 26.16 6.58
CA MET B 153 0.83 26.55 6.05
C MET B 153 0.71 27.74 5.08
N ILE B 154 -0.31 27.72 4.24
CA ILE B 154 -0.51 28.83 3.30
C ILE B 154 -0.94 30.08 4.07
N LEU B 155 -1.83 29.90 5.05
CA LEU B 155 -2.31 31.03 5.84
C LEU B 155 -1.15 31.71 6.59
N ALA B 156 -0.19 30.92 7.07
CA ALA B 156 0.94 31.48 7.77
C ALA B 156 1.75 32.36 6.81
N GLY B 157 1.88 31.91 5.58
CA GLY B 157 2.61 32.67 4.58
C GLY B 157 1.90 34.01 4.34
N ASN B 158 0.59 33.94 4.24
CA ASN B 158 -0.23 35.13 4.02
C ASN B 158 -0.11 36.12 5.17
N VAL B 159 -0.29 35.65 6.40
CA VAL B 159 -0.20 36.54 7.55
C VAL B 159 1.18 37.16 7.66
N ALA B 160 2.22 36.38 7.34
CA ALA B 160 3.58 36.88 7.38
C ALA B 160 3.73 38.08 6.44
N ILE B 161 3.28 37.92 5.20
CA ILE B 161 3.36 38.98 4.21
C ILE B 161 2.58 40.21 4.69
N GLU B 162 1.35 39.99 5.16
CA GLU B 162 0.51 41.09 5.63
C GLU B 162 1.13 41.81 6.83
N SER B 163 1.70 41.04 7.76
CA SER B 163 2.27 41.63 8.96
C SER B 163 3.51 42.47 8.65
N MET B 164 4.09 42.27 7.46
CA MET B 164 5.27 43.02 7.09
C MET B 164 4.97 44.16 6.10
N GLY B 165 3.70 44.55 6.03
CA GLY B 165 3.30 45.67 5.19
C GLY B 165 2.69 45.44 3.81
N PHE B 166 2.29 44.23 3.48
CA PHE B 166 1.73 43.96 2.16
C PHE B 166 0.41 43.20 2.24
N LYS B 167 -0.68 43.86 1.86
CA LYS B 167 -2.00 43.22 1.88
C LYS B 167 -2.08 42.18 0.76
N THR B 168 -2.54 40.99 1.10
CA THR B 168 -2.65 39.93 0.09
C THR B 168 -3.92 40.07 -0.75
N PHE B 169 -3.93 39.41 -1.90
CA PHE B 169 -5.06 39.47 -2.82
C PHE B 169 -6.26 38.72 -2.26
N GLY B 170 -6.01 37.71 -1.45
CA GLY B 170 -7.09 36.94 -0.86
C GLY B 170 -6.58 35.63 -0.30
N TYR B 171 -7.50 34.81 0.20
CA TYR B 171 -7.13 33.52 0.76
C TYR B 171 -8.37 32.64 0.82
N ALA B 172 -8.18 31.37 0.49
CA ALA B 172 -9.29 30.43 0.52
C ALA B 172 -8.86 29.19 1.28
N GLY B 173 -9.75 28.70 2.15
CA GLY B 173 -9.46 27.48 2.88
C GLY B 173 -10.09 26.37 2.07
N GLY B 174 -9.92 25.12 2.51
CA GLY B 174 -10.52 24.02 1.78
C GLY B 174 -9.56 22.93 1.33
N ARG B 175 -8.30 23.02 1.75
CA ARG B 175 -7.30 22.01 1.38
C ARG B 175 -7.34 20.91 2.44
N GLU B 176 -7.81 19.72 2.06
CA GLU B 176 -7.89 18.60 2.98
C GLU B 176 -6.52 17.94 3.14
N ASP B 177 -6.08 17.74 4.38
CA ASP B 177 -4.79 17.11 4.66
C ASP B 177 -4.68 15.68 4.18
N ALA B 178 -3.51 15.32 3.67
CA ALA B 178 -3.24 13.96 3.24
C ALA B 178 -2.55 13.33 4.45
N PHE B 179 -2.50 12.00 4.50
CA PHE B 179 -1.85 11.33 5.62
C PHE B 179 -0.66 10.50 5.19
N GLU B 180 -0.23 10.71 3.95
CA GLU B 180 0.93 10.01 3.43
C GLU B 180 1.36 10.68 2.13
N GLU B 181 2.51 10.27 1.61
CA GLU B 181 3.02 10.87 0.38
C GLU B 181 2.17 10.43 -0.81
N ASP B 182 2.34 11.13 -1.93
CA ASP B 182 1.61 10.80 -3.15
C ASP B 182 2.54 9.84 -3.90
N LYS B 183 2.23 8.55 -3.82
CA LYS B 183 3.07 7.54 -4.46
C LYS B 183 3.08 7.57 -5.97
N ALA B 184 2.15 8.30 -6.57
CA ALA B 184 2.07 8.36 -8.02
C ALA B 184 3.03 9.37 -8.65
N VAL B 185 3.67 10.20 -7.83
CA VAL B 185 4.58 11.21 -8.37
C VAL B 185 5.96 10.71 -8.74
N ASN B 186 6.36 10.98 -9.99
CA ASN B 186 7.67 10.62 -10.48
C ASN B 186 8.50 11.90 -10.35
N TRP B 187 9.35 11.97 -9.33
CA TRP B 187 10.17 13.15 -9.09
C TRP B 187 11.43 13.26 -9.92
N GLY B 188 11.76 12.21 -10.66
CA GLY B 188 12.95 12.24 -11.48
C GLY B 188 13.69 10.91 -11.50
N PRO B 189 14.67 10.76 -12.42
CA PRO B 189 15.46 9.53 -12.55
C PRO B 189 16.71 9.43 -11.70
N GLU B 190 17.13 10.54 -11.09
CA GLU B 190 18.34 10.57 -10.27
C GLU B 190 18.31 9.61 -9.09
N ASP B 191 19.49 9.14 -8.70
CA ASP B 191 19.63 8.21 -7.58
C ASP B 191 20.20 8.94 -6.36
N GLU B 192 20.40 10.25 -6.51
CA GLU B 192 20.96 11.04 -5.42
C GLU B 192 20.42 12.47 -5.42
N PHE B 193 20.12 12.98 -4.22
CA PHE B 193 19.62 14.34 -4.08
C PHE B 193 20.71 15.33 -4.46
N GLU B 194 20.29 16.50 -4.95
CA GLU B 194 21.22 17.55 -5.35
C GLU B 194 22.06 17.20 -6.57
N THR B 195 21.58 16.26 -7.37
CA THR B 195 22.27 15.86 -8.60
C THR B 195 21.24 15.94 -9.71
N GLN B 196 21.69 16.03 -10.96
CA GLN B 196 20.76 16.09 -12.07
C GLN B 196 21.20 15.28 -13.26
N GLU B 197 20.26 14.53 -13.82
CA GLU B 197 20.49 13.70 -14.99
C GLU B 197 19.25 13.90 -15.85
N ARG B 198 18.77 15.14 -15.88
CA ARG B 198 17.57 15.46 -16.63
C ARG B 198 17.72 16.57 -17.67
N PHE B 199 18.92 17.17 -17.76
CA PHE B 199 19.14 18.19 -18.77
C PHE B 199 20.61 18.28 -19.19
N ASP B 200 20.83 18.38 -20.50
CA ASP B 200 22.18 18.51 -21.03
C ASP B 200 22.45 19.99 -21.17
N GLU B 201 21.50 20.69 -21.80
CA GLU B 201 21.59 22.12 -22.00
C GLU B 201 20.46 22.79 -21.22
N PRO B 202 20.76 23.92 -20.55
CA PRO B 202 19.75 24.64 -19.79
C PRO B 202 18.56 25.01 -20.66
N GLY B 203 17.35 24.74 -20.15
CA GLY B 203 16.16 25.06 -20.91
C GLY B 203 15.66 23.86 -21.68
N GLU B 204 16.33 22.71 -21.51
CA GLU B 204 15.95 21.49 -22.19
C GLU B 204 15.80 20.32 -21.22
N ILE B 205 15.04 20.54 -20.15
CA ILE B 205 14.81 19.51 -19.13
C ILE B 205 13.84 18.46 -19.67
N GLN B 206 14.06 17.19 -19.31
CA GLN B 206 13.18 16.14 -19.78
C GLN B 206 11.73 16.43 -19.40
N GLU B 207 10.82 16.09 -20.32
CA GLU B 207 9.39 16.32 -20.13
C GLU B 207 8.82 15.74 -18.85
N GLY B 208 7.82 16.44 -18.30
CA GLY B 208 7.17 15.96 -17.09
C GLY B 208 7.69 16.45 -15.76
N LEU B 209 8.98 16.81 -15.70
CA LEU B 209 9.58 17.28 -14.46
C LEU B 209 9.44 18.79 -14.24
N GLY B 210 9.15 19.17 -13.00
CA GLY B 210 8.98 20.58 -12.68
C GLY B 210 10.22 21.26 -12.15
N ALA B 211 11.29 20.49 -11.92
CA ALA B 211 12.53 21.04 -11.41
C ALA B 211 13.70 20.59 -12.28
N SER B 212 14.82 21.29 -12.17
CA SER B 212 16.01 20.96 -12.97
C SER B 212 16.98 20.07 -12.20
N VAL B 213 16.69 19.83 -10.92
CA VAL B 213 17.54 19.02 -10.07
C VAL B 213 16.69 18.21 -9.09
N MET B 214 17.12 16.98 -8.81
CA MET B 214 16.41 16.13 -7.87
C MET B 214 16.56 16.68 -6.47
N GLY B 215 15.43 16.89 -5.78
CA GLY B 215 15.49 17.41 -4.43
C GLY B 215 15.35 18.92 -4.30
N LEU B 216 15.22 19.63 -5.43
CA LEU B 216 15.06 21.07 -5.41
C LEU B 216 13.66 21.44 -5.88
N ILE B 217 13.17 22.61 -5.50
CA ILE B 217 11.84 23.04 -5.89
C ILE B 217 11.78 23.37 -7.39
N TYR B 218 12.65 24.26 -7.85
CA TYR B 218 12.68 24.60 -9.28
C TYR B 218 14.08 24.46 -9.86
N VAL B 219 15.01 25.29 -9.41
CA VAL B 219 16.38 25.24 -9.93
C VAL B 219 17.45 25.38 -8.86
N ASN B 220 18.70 25.21 -9.27
CA ASN B 220 19.86 25.31 -8.38
C ASN B 220 20.17 26.80 -8.17
N PRO B 221 20.17 27.26 -6.91
CA PRO B 221 20.44 28.67 -6.60
C PRO B 221 21.84 29.17 -6.97
N GLU B 222 22.79 28.24 -7.14
CA GLU B 222 24.15 28.63 -7.49
C GLU B 222 24.32 28.72 -8.99
N GLY B 223 23.37 28.16 -9.74
CA GLY B 223 23.45 28.17 -11.19
C GLY B 223 23.38 26.76 -11.72
N PRO B 224 23.14 26.58 -13.03
CA PRO B 224 23.07 25.23 -13.60
C PRO B 224 24.35 24.43 -13.38
N ASP B 225 24.18 23.20 -12.90
CA ASP B 225 25.31 22.31 -12.63
C ASP B 225 26.27 22.94 -11.62
N GLY B 226 25.77 23.87 -10.83
CA GLY B 226 26.60 24.51 -9.82
C GLY B 226 27.52 25.61 -10.32
N ASN B 227 27.35 26.00 -11.57
CA ASN B 227 28.17 27.07 -12.15
C ASN B 227 27.42 28.39 -12.14
N PRO B 228 28.05 29.46 -11.61
CA PRO B 228 27.43 30.78 -11.52
C PRO B 228 27.23 31.48 -12.86
N ASP B 229 26.45 30.86 -13.73
CA ASP B 229 26.16 31.41 -15.05
C ASP B 229 24.70 31.90 -15.05
N PRO B 230 24.50 33.20 -14.82
CA PRO B 230 23.15 33.80 -14.79
C PRO B 230 22.32 33.62 -16.06
N GLU B 231 22.93 33.83 -17.21
CA GLU B 231 22.21 33.67 -18.47
C GLU B 231 21.64 32.26 -18.61
N ALA B 232 22.45 31.26 -18.28
CA ALA B 232 22.04 29.87 -18.37
C ALA B 232 20.98 29.55 -17.31
N SER B 233 21.15 30.12 -16.13
CA SER B 233 20.19 29.91 -15.05
C SER B 233 18.80 30.34 -15.50
N ALA B 234 18.72 31.53 -16.11
CA ALA B 234 17.46 32.07 -16.59
C ALA B 234 16.70 31.09 -17.49
N LYS B 235 17.43 30.29 -18.26
CA LYS B 235 16.78 29.33 -19.14
C LYS B 235 16.08 28.24 -18.34
N ASN B 236 16.70 27.82 -17.24
CA ASN B 236 16.11 26.78 -16.41
C ASN B 236 15.00 27.35 -15.55
N ILE B 237 15.14 28.61 -15.14
CA ILE B 237 14.13 29.28 -14.34
C ILE B 237 12.87 29.39 -15.18
N ARG B 238 13.02 29.88 -16.41
CA ARG B 238 11.90 30.04 -17.30
C ARG B 238 11.16 28.74 -17.61
N GLN B 239 11.91 27.67 -17.88
CA GLN B 239 11.27 26.41 -18.21
C GLN B 239 10.57 25.78 -17.02
N THR B 240 11.23 25.77 -15.86
CA THR B 240 10.64 25.18 -14.68
C THR B 240 9.40 25.93 -14.22
N PHE B 241 9.45 27.26 -14.22
CA PHE B 241 8.30 28.03 -13.82
C PHE B 241 7.15 27.86 -14.81
N ASP B 242 7.48 27.71 -16.10
CA ASP B 242 6.45 27.51 -17.11
C ASP B 242 5.74 26.18 -16.83
N ARG B 243 6.51 25.19 -16.40
CA ARG B 243 5.95 23.88 -16.10
C ARG B 243 5.16 23.92 -14.80
N MET B 244 5.24 25.03 -14.10
CA MET B 244 4.50 25.22 -12.86
C MET B 244 3.42 26.28 -13.10
N ALA B 245 3.07 26.44 -14.37
CA ALA B 245 2.04 27.36 -14.86
C ALA B 245 2.28 28.86 -14.75
N MET B 246 3.54 29.29 -14.65
CA MET B 246 3.85 30.70 -14.54
C MET B 246 4.62 31.29 -15.73
N ASN B 247 4.24 32.48 -16.15
CA ASN B 247 4.92 33.15 -17.26
C ASN B 247 6.01 34.08 -16.73
N ASP B 248 6.68 34.79 -17.63
CA ASP B 248 7.77 35.71 -17.27
C ASP B 248 7.44 36.75 -16.20
N LYS B 249 6.35 37.47 -16.40
CA LYS B 249 5.95 38.51 -15.46
C LYS B 249 5.59 37.92 -14.08
N GLU B 250 4.92 36.78 -14.07
CA GLU B 250 4.53 36.14 -12.82
C GLU B 250 5.78 35.61 -12.09
N THR B 251 6.70 35.03 -12.85
CA THR B 251 7.93 34.47 -12.31
C THR B 251 8.82 35.54 -11.69
N ALA B 252 9.02 36.64 -12.42
CA ALA B 252 9.85 37.73 -11.92
C ALA B 252 9.20 38.34 -10.69
N ALA B 253 7.88 38.48 -10.73
CA ALA B 253 7.14 39.07 -9.61
C ALA B 253 7.26 38.19 -8.37
N LEU B 254 7.16 36.87 -8.54
CA LEU B 254 7.25 35.95 -7.41
C LEU B 254 8.64 35.92 -6.78
N ILE B 255 9.68 35.82 -7.61
CA ILE B 255 11.03 35.77 -7.07
C ILE B 255 11.43 37.09 -6.41
N ALA B 256 11.12 38.20 -7.06
CA ALA B 256 11.47 39.52 -6.50
C ALA B 256 10.66 39.82 -5.24
N GLY B 257 9.38 39.43 -5.25
CA GLY B 257 8.54 39.68 -4.09
C GLY B 257 8.98 38.85 -2.91
N GLY B 258 9.30 37.58 -3.16
CA GLY B 258 9.73 36.70 -2.10
C GLY B 258 11.06 37.12 -1.51
N HIS B 259 12.03 37.40 -2.37
CA HIS B 259 13.35 37.76 -1.89
C HIS B 259 13.45 39.18 -1.35
N THR B 260 12.31 39.86 -1.32
CA THR B 260 12.24 41.20 -0.75
C THR B 260 12.33 40.96 0.75
N PHE B 261 12.02 39.74 1.16
CA PHE B 261 12.03 39.35 2.57
C PHE B 261 13.10 38.35 2.97
N GLY B 262 13.57 38.48 4.21
CA GLY B 262 14.53 37.53 4.75
C GLY B 262 15.97 37.47 4.27
N LYS B 263 16.57 36.30 4.46
CA LYS B 263 17.95 36.06 4.09
C LYS B 263 18.19 34.59 3.83
N VAL B 264 19.39 34.28 3.33
CA VAL B 264 19.79 32.90 3.08
C VAL B 264 20.79 32.56 4.19
N HIS B 265 20.80 31.30 4.63
CA HIS B 265 21.68 30.91 5.73
C HIS B 265 22.79 29.95 5.36
N GLY B 266 24.03 30.37 5.64
CA GLY B 266 25.18 29.54 5.34
C GLY B 266 26.40 29.93 6.15
N ALA B 267 26.26 29.95 7.47
CA ALA B 267 27.37 30.31 8.36
C ALA B 267 28.59 29.43 8.10
N ASP B 268 28.36 28.20 7.64
CA ASP B 268 29.42 27.26 7.32
C ASP B 268 28.87 26.23 6.33
N ASP B 269 29.71 25.32 5.88
CA ASP B 269 29.31 24.29 4.91
C ASP B 269 28.31 23.30 5.49
N PRO B 270 27.10 23.22 4.89
CA PRO B 270 26.06 22.31 5.38
C PRO B 270 26.47 20.84 5.27
N GLU B 271 27.34 20.54 4.32
CA GLU B 271 27.80 19.18 4.09
C GLU B 271 28.51 18.58 5.32
N GLU B 272 29.21 19.43 6.06
CA GLU B 272 29.95 18.96 7.22
C GLU B 272 29.44 19.45 8.57
N ASN B 273 28.52 20.40 8.57
CA ASN B 273 27.99 20.92 9.83
C ASN B 273 26.54 20.61 10.13
N LEU B 274 25.82 20.01 9.19
CA LEU B 274 24.42 19.66 9.43
C LEU B 274 24.23 18.16 9.53
N GLY B 275 23.46 17.75 10.54
CA GLY B 275 23.18 16.34 10.74
C GLY B 275 22.25 15.80 9.68
N PRO B 276 21.88 14.51 9.75
CA PRO B 276 20.99 13.90 8.76
C PRO B 276 19.61 14.53 8.60
N GLU B 277 19.07 14.43 7.38
CA GLU B 277 17.74 14.96 7.07
C GLU B 277 16.73 14.21 7.96
N PRO B 278 15.53 14.77 8.15
CA PRO B 278 14.51 14.13 8.99
C PRO B 278 14.31 12.62 8.86
N GLU B 279 14.12 12.13 7.65
CA GLU B 279 13.90 10.69 7.46
C GLU B 279 15.08 9.82 7.89
N ALA B 280 16.27 10.40 8.01
CA ALA B 280 17.45 9.64 8.40
C ALA B 280 17.95 10.00 9.80
N ALA B 281 17.27 10.93 10.46
CA ALA B 281 17.68 11.40 11.78
C ALA B 281 17.32 10.47 12.93
N PRO B 282 18.07 10.58 14.06
CA PRO B 282 17.84 9.76 15.25
C PRO B 282 16.40 9.90 15.72
N ILE B 283 15.88 8.85 16.33
CA ILE B 283 14.51 8.86 16.81
C ILE B 283 14.26 9.99 17.82
N GLU B 284 15.27 10.33 18.61
CA GLU B 284 15.10 11.39 19.63
C GLU B 284 14.89 12.78 19.04
N GLN B 285 15.20 12.96 17.76
CA GLN B 285 15.02 14.25 17.08
C GLN B 285 13.53 14.52 16.86
N GLN B 286 12.72 13.48 17.04
CA GLN B 286 11.27 13.58 16.90
C GLN B 286 10.77 14.31 15.66
N GLY B 287 11.19 13.84 14.49
CA GLY B 287 10.74 14.44 13.24
C GLY B 287 11.57 15.57 12.69
N LEU B 288 12.47 16.13 13.50
CA LEU B 288 13.31 17.20 13.01
C LEU B 288 14.58 16.62 12.40
N GLY B 289 15.30 17.44 11.64
CA GLY B 289 16.52 16.98 11.02
C GLY B 289 17.51 18.11 10.88
N TRP B 290 18.58 17.86 10.12
CA TRP B 290 19.61 18.87 9.88
C TRP B 290 20.11 19.49 11.19
N GLN B 291 20.30 18.65 12.21
CA GLN B 291 20.78 19.16 13.50
C GLN B 291 22.16 19.79 13.31
N ASN B 292 22.28 21.05 13.72
CA ASN B 292 23.54 21.77 13.58
C ASN B 292 24.59 21.29 14.59
N MET B 302 23.58 29.49 12.14
CA MET B 302 22.44 28.92 11.42
C MET B 302 22.87 28.57 10.00
N ILE B 303 22.58 27.33 9.58
CA ILE B 303 22.93 26.87 8.24
C ILE B 303 21.75 26.18 7.60
N THR B 304 21.40 26.58 6.38
CA THR B 304 20.30 25.97 5.68
C THR B 304 20.77 25.59 4.28
N SER B 305 20.86 26.57 3.38
CA SER B 305 21.29 26.30 2.00
C SER B 305 22.81 26.27 1.82
N GLY B 306 23.53 26.95 2.71
CA GLY B 306 24.97 26.99 2.58
C GLY B 306 25.37 28.35 2.00
N ILE B 307 24.37 29.12 1.58
CA ILE B 307 24.58 30.46 1.04
C ILE B 307 24.25 31.41 2.20
N GLU B 308 25.00 32.49 2.35
CA GLU B 308 24.78 33.41 3.47
C GLU B 308 24.57 34.89 3.19
N GLY B 309 23.54 35.46 3.82
CA GLY B 309 23.28 36.88 3.66
C GLY B 309 21.89 37.31 3.24
N PRO B 310 21.53 38.56 3.55
CA PRO B 310 20.22 39.13 3.21
C PRO B 310 20.26 39.75 1.81
N TRP B 311 19.08 39.95 1.22
CA TRP B 311 18.98 40.56 -0.09
C TRP B 311 18.79 42.07 0.07
N THR B 312 18.08 42.46 1.12
CA THR B 312 17.76 43.86 1.36
C THR B 312 18.23 44.44 2.69
N GLN B 313 18.13 45.76 2.80
CA GLN B 313 18.53 46.47 4.01
C GLN B 313 17.52 46.31 5.15
N SER B 314 16.27 46.06 4.79
CA SER B 314 15.20 45.88 5.79
C SER B 314 14.46 44.59 5.42
N PRO B 315 15.04 43.43 5.77
CA PRO B 315 14.48 42.09 5.49
C PRO B 315 13.08 41.77 5.99
N THR B 316 12.54 42.57 6.90
CA THR B 316 11.20 42.30 7.42
C THR B 316 10.19 43.37 7.05
N GLU B 317 10.46 44.09 5.97
CA GLU B 317 9.58 45.14 5.51
C GLU B 317 9.36 45.07 4.01
N TRP B 318 8.12 45.26 3.57
CA TRP B 318 7.85 45.26 2.14
C TRP B 318 8.30 46.60 1.60
N ASP B 319 9.07 46.55 0.51
CA ASP B 319 9.58 47.76 -0.14
C ASP B 319 10.23 47.37 -1.46
N MET B 320 10.91 48.32 -2.08
CA MET B 320 11.56 48.08 -3.37
C MET B 320 13.02 47.68 -3.22
N GLY B 321 13.41 47.36 -1.98
CA GLY B 321 14.78 46.99 -1.68
C GLY B 321 15.46 45.95 -2.54
N TYR B 322 14.75 44.88 -2.88
CA TYR B 322 15.35 43.83 -3.70
C TYR B 322 15.60 44.32 -5.13
N ILE B 323 14.57 44.87 -5.76
CA ILE B 323 14.71 45.34 -7.13
C ILE B 323 15.76 46.45 -7.21
N ASN B 324 15.79 47.34 -6.23
CA ASN B 324 16.77 48.42 -6.23
C ASN B 324 18.19 47.91 -6.07
N ASN B 325 18.40 47.01 -5.10
CA ASN B 325 19.73 46.47 -4.89
C ASN B 325 20.23 45.70 -6.10
N LEU B 326 19.32 44.95 -6.73
CA LEU B 326 19.67 44.16 -7.91
C LEU B 326 20.00 44.99 -9.13
N LEU B 327 19.17 45.98 -9.43
CA LEU B 327 19.35 46.81 -10.62
C LEU B 327 20.27 48.03 -10.51
N ASP B 328 20.35 48.64 -9.34
CA ASP B 328 21.18 49.83 -9.18
C ASP B 328 22.65 49.61 -8.84
N TYR B 329 23.07 48.36 -8.72
CA TYR B 329 24.47 48.07 -8.40
C TYR B 329 25.03 46.91 -9.22
N GLU B 330 26.34 46.91 -9.41
CA GLU B 330 27.01 45.85 -10.16
C GLU B 330 27.40 44.75 -9.17
N TRP B 331 27.18 43.50 -9.56
CA TRP B 331 27.50 42.37 -8.68
C TRP B 331 28.57 41.45 -9.26
N GLU B 332 29.34 40.82 -8.38
CA GLU B 332 30.40 39.91 -8.77
C GLU B 332 30.28 38.57 -8.05
N PRO B 333 30.55 37.46 -8.74
CA PRO B 333 30.47 36.12 -8.17
C PRO B 333 31.63 35.82 -7.22
N GLU B 334 31.32 35.19 -6.09
CA GLU B 334 32.33 34.86 -5.09
C GLU B 334 31.92 33.60 -4.33
N LYS B 335 32.83 33.11 -3.50
CA LYS B 335 32.57 31.93 -2.68
C LYS B 335 32.21 32.44 -1.29
N GLY B 336 31.02 32.10 -0.82
CA GLY B 336 30.58 32.55 0.48
C GLY B 336 31.17 31.76 1.65
N PRO B 337 30.84 32.15 2.90
CA PRO B 337 31.35 31.46 4.09
C PRO B 337 30.92 30.00 4.16
N GLY B 338 29.86 29.66 3.43
CA GLY B 338 29.38 28.29 3.41
C GLY B 338 29.98 27.49 2.27
N GLY B 339 30.86 28.13 1.50
CA GLY B 339 31.50 27.46 0.39
C GLY B 339 30.68 27.40 -0.89
N ALA B 340 29.59 28.17 -0.94
CA ALA B 340 28.75 28.17 -2.12
C ALA B 340 28.89 29.45 -2.93
N TRP B 341 28.52 29.36 -4.21
CA TRP B 341 28.57 30.51 -5.09
C TRP B 341 27.48 31.52 -4.74
N GLN B 342 27.86 32.78 -4.62
CA GLN B 342 26.92 33.85 -4.33
C GLN B 342 27.53 35.14 -4.88
N TRP B 343 26.73 36.20 -4.92
CA TRP B 343 27.21 37.45 -5.47
C TRP B 343 27.30 38.60 -4.48
N ALA B 344 28.35 39.39 -4.62
CA ALA B 344 28.57 40.54 -3.74
C ALA B 344 28.66 41.80 -4.59
N PRO B 345 28.29 42.95 -4.03
CA PRO B 345 28.33 44.22 -4.77
C PRO B 345 29.74 44.78 -4.79
N LYS B 346 30.12 45.41 -5.91
CA LYS B 346 31.43 46.01 -6.03
C LYS B 346 31.52 47.24 -5.12
N SER B 347 30.53 48.12 -5.26
CA SER B 347 30.46 49.34 -4.46
C SER B 347 30.54 49.04 -2.97
N GLU B 348 31.12 49.96 -2.22
CA GLU B 348 31.25 49.82 -0.77
C GLU B 348 30.11 50.54 -0.06
N GLU B 349 29.18 51.07 -0.85
CA GLU B 349 28.03 51.79 -0.31
C GLU B 349 27.10 50.84 0.44
N LEU B 350 27.01 49.60 -0.04
CA LEU B 350 26.15 48.60 0.58
C LEU B 350 26.87 47.80 1.66
N LYS B 351 28.15 48.08 1.85
CA LYS B 351 28.95 47.37 2.85
C LYS B 351 28.36 47.55 4.25
N ASN B 352 28.07 46.42 4.90
CA ASN B 352 27.50 46.43 6.25
C ASN B 352 26.29 47.34 6.38
N SER B 353 25.44 47.34 5.35
CA SER B 353 24.26 48.18 5.35
C SER B 353 23.05 47.51 6.00
N VAL B 354 23.18 46.23 6.34
CA VAL B 354 22.08 45.49 6.96
C VAL B 354 22.44 45.01 8.35
N PRO B 355 21.51 45.15 9.31
CA PRO B 355 21.82 44.70 10.67
C PRO B 355 21.91 43.18 10.69
N ASP B 356 22.73 42.64 11.59
CA ASP B 356 22.88 41.19 11.70
C ASP B 356 21.55 40.62 12.20
N ALA B 357 21.23 39.41 11.75
CA ALA B 357 19.98 38.76 12.13
C ALA B 357 19.82 38.44 13.61
N HIS B 358 20.94 38.29 14.32
CA HIS B 358 20.87 37.98 15.74
C HIS B 358 21.77 38.80 16.65
N ASP B 359 22.91 39.25 16.14
CA ASP B 359 23.85 40.05 16.94
C ASP B 359 23.52 41.54 16.76
N PRO B 360 22.93 42.16 17.79
CA PRO B 360 22.55 43.59 17.74
C PRO B 360 23.70 44.57 17.48
N ASP B 361 24.94 44.13 17.73
CA ASP B 361 26.09 45.01 17.51
C ASP B 361 26.94 44.60 16.32
N GLU B 362 26.31 44.02 15.31
CA GLU B 362 27.02 43.60 14.12
C GLU B 362 26.22 43.93 12.87
N LYS B 363 26.92 44.17 11.76
CA LYS B 363 26.28 44.50 10.51
C LYS B 363 26.60 43.45 9.45
N GLN B 364 25.89 43.50 8.33
CA GLN B 364 26.10 42.54 7.25
C GLN B 364 25.86 43.18 5.89
N THR B 365 26.58 42.71 4.88
CA THR B 365 26.44 43.23 3.52
C THR B 365 25.46 42.40 2.71
N PRO B 366 24.63 43.07 1.88
CA PRO B 366 23.64 42.37 1.04
C PRO B 366 24.30 41.40 0.06
N MET B 367 23.54 40.39 -0.36
CA MET B 367 24.05 39.41 -1.32
C MET B 367 22.96 39.09 -2.32
N MET B 368 23.35 38.49 -3.45
CA MET B 368 22.42 38.12 -4.49
C MET B 368 22.75 36.70 -4.93
N LEU B 369 21.74 35.94 -5.35
CA LEU B 369 21.96 34.58 -5.81
C LEU B 369 22.16 34.62 -7.32
N THR B 370 22.74 33.55 -7.86
CA THR B 370 22.95 33.49 -9.30
C THR B 370 21.58 33.61 -9.97
N THR B 371 20.57 33.02 -9.34
CA THR B 371 19.21 33.04 -9.86
C THR B 371 18.56 34.42 -9.79
N ASP B 372 19.11 35.30 -8.97
CA ASP B 372 18.60 36.67 -8.87
C ASP B 372 19.25 37.47 -9.99
N ILE B 373 20.56 37.28 -10.16
CA ILE B 373 21.30 37.99 -11.20
C ILE B 373 20.72 37.59 -12.56
N ALA B 374 20.15 36.40 -12.64
CA ALA B 374 19.56 35.90 -13.88
C ALA B 374 18.42 36.80 -14.35
N LEU B 375 17.71 37.41 -13.40
CA LEU B 375 16.59 38.29 -13.72
C LEU B 375 17.07 39.63 -14.27
N LYS B 376 18.33 39.93 -14.01
CA LYS B 376 18.93 41.18 -14.45
C LYS B 376 19.68 41.00 -15.78
N ARG B 377 20.27 39.83 -15.97
CA ARG B 377 21.03 39.53 -17.19
C ARG B 377 20.12 39.15 -18.36
N ASP B 378 19.12 38.30 -18.09
CA ASP B 378 18.20 37.87 -19.13
C ASP B 378 17.43 39.07 -19.67
N PRO B 379 17.48 39.28 -21.00
CA PRO B 379 16.80 40.40 -21.69
C PRO B 379 15.33 40.59 -21.34
N ASP B 380 14.55 39.51 -21.42
CA ASP B 380 13.13 39.58 -21.13
C ASP B 380 12.82 39.83 -19.66
N TYR B 381 13.52 39.14 -18.77
CA TYR B 381 13.31 39.33 -17.33
C TYR B 381 13.71 40.76 -16.95
N ARG B 382 14.83 41.21 -17.52
CA ARG B 382 15.35 42.54 -17.23
C ARG B 382 14.32 43.63 -17.54
N GLU B 383 13.63 43.50 -18.66
CA GLU B 383 12.62 44.49 -19.04
C GLU B 383 11.49 44.51 -18.01
N VAL B 384 11.10 43.33 -17.53
CA VAL B 384 10.04 43.24 -16.52
C VAL B 384 10.49 43.92 -15.24
N MET B 385 11.71 43.61 -14.79
CA MET B 385 12.26 44.17 -13.58
C MET B 385 12.38 45.69 -13.64
N GLU B 386 12.86 46.20 -14.77
CA GLU B 386 13.02 47.65 -14.94
C GLU B 386 11.65 48.32 -14.83
N THR B 387 10.64 47.69 -15.42
CA THR B 387 9.28 48.23 -15.38
C THR B 387 8.75 48.21 -13.95
N PHE B 388 9.07 47.14 -13.21
CA PHE B 388 8.62 47.02 -11.82
C PHE B 388 9.24 48.14 -10.99
N GLN B 389 10.53 48.37 -11.20
CA GLN B 389 11.25 49.39 -10.45
C GLN B 389 10.68 50.79 -10.69
N GLU B 390 10.26 51.04 -11.92
CA GLU B 390 9.69 52.34 -12.28
C GLU B 390 8.25 52.45 -11.81
N ASN B 391 7.60 51.30 -11.60
CA ASN B 391 6.21 51.28 -11.16
C ASN B 391 5.97 50.34 -9.99
N PRO B 392 6.33 50.76 -8.77
CA PRO B 392 6.15 49.95 -7.56
C PRO B 392 4.74 49.36 -7.45
N MET B 393 3.74 50.10 -7.90
CA MET B 393 2.35 49.63 -7.85
C MET B 393 2.13 48.39 -8.70
N GLU B 394 2.69 48.40 -9.91
CA GLU B 394 2.56 47.26 -10.81
C GLU B 394 3.25 46.04 -10.24
N PHE B 395 4.39 46.28 -9.58
CA PHE B 395 5.15 45.21 -8.95
C PHE B 395 4.24 44.57 -7.90
N GLY B 396 3.69 45.41 -7.03
CA GLY B 396 2.80 44.91 -5.99
C GLY B 396 1.61 44.14 -6.54
N MET B 397 0.93 44.73 -7.53
CA MET B 397 -0.22 44.08 -8.14
C MET B 397 0.10 42.71 -8.70
N ASN B 398 1.18 42.64 -9.46
CA ASN B 398 1.59 41.38 -10.06
C ASN B 398 2.01 40.35 -9.02
N PHE B 399 2.71 40.78 -7.98
CA PHE B 399 3.14 39.84 -6.95
C PHE B 399 1.94 39.29 -6.17
N ALA B 400 1.03 40.17 -5.78
CA ALA B 400 -0.15 39.74 -5.02
C ALA B 400 -0.96 38.71 -5.81
N LYS B 401 -1.19 38.99 -7.08
CA LYS B 401 -1.95 38.07 -7.91
C LYS B 401 -1.22 36.76 -8.17
N ALA B 402 0.10 36.83 -8.33
CA ALA B 402 0.89 35.62 -8.58
C ALA B 402 0.95 34.74 -7.33
N TRP B 403 1.06 35.38 -6.17
CA TRP B 403 1.14 34.64 -4.91
C TRP B 403 -0.17 33.89 -4.66
N TYR B 404 -1.28 34.54 -5.00
CA TYR B 404 -2.59 33.92 -4.83
C TYR B 404 -2.71 32.73 -5.78
N LYS B 405 -2.29 32.91 -7.03
CA LYS B 405 -2.35 31.83 -8.02
C LYS B 405 -1.47 30.66 -7.58
N LEU B 406 -0.22 30.96 -7.21
CA LEU B 406 0.73 29.95 -6.76
C LEU B 406 0.17 29.05 -5.66
N THR B 407 -0.45 29.69 -4.66
CA THR B 407 -0.98 28.96 -3.52
C THR B 407 -2.40 28.39 -3.63
N HIS B 408 -3.09 28.64 -4.75
CA HIS B 408 -4.45 28.14 -4.92
C HIS B 408 -4.73 27.42 -6.25
N LEU B 409 -3.75 27.37 -7.14
CA LEU B 409 -3.97 26.75 -8.44
C LEU B 409 -4.33 25.27 -8.46
N ASP B 410 -4.10 24.54 -7.37
CA ASP B 410 -4.44 23.12 -7.36
C ASP B 410 -5.69 22.81 -6.54
N MET B 411 -6.48 23.83 -6.24
CA MET B 411 -7.69 23.64 -5.45
C MET B 411 -8.96 23.42 -6.26
N GLY B 412 -8.86 23.56 -7.59
CA GLY B 412 -10.02 23.33 -8.43
C GLY B 412 -10.86 24.56 -8.71
N PRO B 413 -12.15 24.38 -9.05
CA PRO B 413 -13.08 25.47 -9.36
C PRO B 413 -13.48 26.29 -8.13
N PRO B 414 -13.99 27.51 -8.35
CA PRO B 414 -14.42 28.40 -7.28
C PRO B 414 -15.29 27.79 -6.19
N GLU B 415 -16.09 26.80 -6.54
CA GLU B 415 -16.96 26.15 -5.56
C GLU B 415 -16.17 25.58 -4.38
N ARG B 416 -14.91 25.23 -4.62
CA ARG B 416 -14.05 24.64 -3.60
C ARG B 416 -13.29 25.65 -2.75
N PHE B 417 -13.40 26.93 -3.10
CA PHE B 417 -12.71 27.99 -2.36
C PHE B 417 -13.60 28.44 -1.19
N LEU B 418 -13.17 28.15 0.03
CA LEU B 418 -13.95 28.45 1.23
C LEU B 418 -13.46 29.61 2.11
N GLY B 419 -14.38 30.20 2.85
CA GLY B 419 -13.98 31.27 3.74
C GLY B 419 -14.38 32.69 3.39
N PRO B 420 -14.21 33.62 4.35
CA PRO B 420 -14.52 35.03 4.22
C PRO B 420 -13.48 35.87 3.48
N GLU B 421 -12.33 35.28 3.17
CA GLU B 421 -11.29 36.03 2.47
C GLU B 421 -11.17 35.69 1.00
N VAL B 422 -12.10 34.90 0.48
CA VAL B 422 -12.08 34.53 -0.92
C VAL B 422 -12.46 35.76 -1.75
N PRO B 423 -11.63 36.13 -2.73
CA PRO B 423 -11.92 37.30 -3.56
C PRO B 423 -13.23 37.11 -4.32
N ASP B 424 -13.89 38.21 -4.64
CA ASP B 424 -15.13 38.14 -5.40
C ASP B 424 -14.79 37.79 -6.84
N GLU B 425 -13.63 38.24 -7.30
CA GLU B 425 -13.18 37.97 -8.65
C GLU B 425 -12.75 36.51 -8.84
N GLU B 426 -13.20 35.91 -9.93
CA GLU B 426 -12.82 34.53 -10.23
C GLU B 426 -11.71 34.61 -11.27
N MET B 427 -10.65 33.83 -11.07
CA MET B 427 -9.53 33.85 -11.99
C MET B 427 -9.66 32.77 -13.05
N ILE B 428 -9.08 33.03 -14.22
CA ILE B 428 -9.15 32.10 -15.33
C ILE B 428 -8.56 30.73 -15.01
N TRP B 429 -7.55 30.69 -14.16
CA TRP B 429 -6.92 29.42 -13.79
C TRP B 429 -7.79 28.55 -12.89
N GLN B 430 -8.98 29.06 -12.54
CA GLN B 430 -9.90 28.31 -11.72
C GLN B 430 -10.88 27.56 -12.65
N ASP B 431 -10.69 27.71 -13.96
CA ASP B 431 -11.55 27.07 -14.96
C ASP B 431 -13.01 27.23 -14.52
N PRO B 432 -13.42 28.47 -14.24
CA PRO B 432 -14.79 28.78 -13.79
C PRO B 432 -15.92 28.33 -14.71
N LEU B 433 -17.06 28.06 -14.08
CA LEU B 433 -18.25 27.63 -14.79
C LEU B 433 -19.34 28.68 -14.60
N PRO B 434 -20.12 28.96 -15.66
CA PRO B 434 -21.18 29.95 -15.58
C PRO B 434 -22.38 29.44 -14.81
N ASP B 435 -23.24 30.36 -14.38
CA ASP B 435 -24.45 30.01 -13.65
C ASP B 435 -25.46 29.52 -14.68
N ALA B 436 -26.44 28.76 -14.23
CA ALA B 436 -27.48 28.27 -15.14
C ALA B 436 -28.68 29.19 -15.03
N ASP B 437 -28.94 29.96 -16.09
CA ASP B 437 -30.07 30.89 -16.11
C ASP B 437 -31.32 30.20 -16.64
N TYR B 438 -31.73 29.14 -15.95
CA TYR B 438 -32.91 28.38 -16.34
C TYR B 438 -33.22 27.29 -15.30
N ASP B 439 -34.41 26.70 -15.40
CA ASP B 439 -34.81 25.64 -14.48
C ASP B 439 -34.26 24.30 -14.95
N LEU B 440 -33.90 23.43 -14.01
CA LEU B 440 -33.36 22.12 -14.34
C LEU B 440 -34.43 21.10 -14.69
N ILE B 441 -34.12 20.18 -15.60
CA ILE B 441 -35.05 19.15 -16.00
C ILE B 441 -35.36 18.20 -14.85
N GLY B 442 -36.56 17.63 -14.86
CA GLY B 442 -36.96 16.69 -13.82
C GLY B 442 -36.87 15.26 -14.32
N ASP B 443 -37.37 14.32 -13.50
CA ASP B 443 -37.34 12.90 -13.85
C ASP B 443 -38.01 12.58 -15.19
N GLU B 444 -39.19 13.18 -15.42
CA GLU B 444 -39.91 12.94 -16.66
C GLU B 444 -39.11 13.40 -17.87
N GLU B 445 -38.53 14.60 -17.76
CA GLU B 445 -37.73 15.17 -18.85
C GLU B 445 -36.50 14.29 -19.09
N ILE B 446 -35.88 13.83 -18.01
CA ILE B 446 -34.70 12.99 -18.11
C ILE B 446 -34.97 11.71 -18.92
N ALA B 447 -36.01 10.98 -18.56
CA ALA B 447 -36.35 9.75 -19.27
C ALA B 447 -36.66 10.07 -20.73
N GLU B 448 -37.30 11.21 -20.94
CA GLU B 448 -37.67 11.68 -22.26
C GLU B 448 -36.43 11.88 -23.13
N LEU B 449 -35.44 12.59 -22.59
CA LEU B 449 -34.21 12.85 -23.31
C LEU B 449 -33.39 11.59 -23.57
N LYS B 450 -33.43 10.66 -22.64
CA LYS B 450 -32.69 9.42 -22.81
C LYS B 450 -33.28 8.63 -23.97
N GLU B 451 -34.60 8.63 -24.06
CA GLU B 451 -35.29 7.93 -25.13
C GLU B 451 -34.93 8.52 -26.49
N GLU B 452 -34.96 9.86 -26.57
CA GLU B 452 -34.65 10.55 -27.82
C GLU B 452 -33.21 10.36 -28.28
N ILE B 453 -32.29 10.37 -27.32
CA ILE B 453 -30.88 10.18 -27.66
C ILE B 453 -30.66 8.79 -28.24
N LEU B 454 -31.26 7.77 -27.62
CA LEU B 454 -31.10 6.41 -28.11
C LEU B 454 -31.79 6.19 -29.45
N ASP B 455 -32.85 6.96 -29.71
CA ASP B 455 -33.59 6.84 -30.97
C ASP B 455 -32.91 7.56 -32.12
N SER B 456 -31.88 8.35 -31.82
CA SER B 456 -31.17 9.09 -32.85
C SER B 456 -30.32 8.14 -33.69
N ASP B 457 -29.51 8.72 -34.58
CA ASP B 457 -28.65 7.93 -35.45
C ASP B 457 -27.32 7.62 -34.77
N LEU B 458 -27.23 7.96 -33.48
CA LEU B 458 -26.01 7.72 -32.71
C LEU B 458 -26.03 6.31 -32.13
N SER B 459 -24.93 5.59 -32.30
CA SER B 459 -24.83 4.23 -31.78
C SER B 459 -24.43 4.24 -30.32
N VAL B 460 -24.60 3.09 -29.66
CA VAL B 460 -24.23 2.95 -28.25
C VAL B 460 -22.75 3.29 -28.11
N SER B 461 -21.94 2.78 -29.04
CA SER B 461 -20.51 3.02 -29.01
C SER B 461 -20.15 4.50 -29.13
N GLN B 462 -20.83 5.21 -30.02
CA GLN B 462 -20.58 6.63 -30.21
C GLN B 462 -20.92 7.41 -28.93
N LEU B 463 -22.04 7.08 -28.32
CA LEU B 463 -22.49 7.73 -27.09
C LEU B 463 -21.53 7.50 -25.94
N VAL B 464 -21.10 6.25 -25.76
CA VAL B 464 -20.18 5.90 -24.69
C VAL B 464 -18.84 6.61 -24.88
N LYS B 465 -18.31 6.58 -26.10
CA LYS B 465 -17.04 7.21 -26.42
C LYS B 465 -17.04 8.71 -26.15
N THR B 466 -18.14 9.38 -26.53
CA THR B 466 -18.26 10.81 -26.34
C THR B 466 -18.38 11.19 -24.86
N ALA B 467 -19.16 10.43 -24.10
CA ALA B 467 -19.32 10.71 -22.67
C ALA B 467 -17.97 10.51 -21.99
N TRP B 468 -17.23 9.49 -22.41
CA TRP B 468 -15.92 9.23 -21.82
C TRP B 468 -14.94 10.35 -22.16
N ALA B 469 -14.97 10.79 -23.42
CA ALA B 469 -14.10 11.86 -23.86
C ALA B 469 -14.31 13.11 -23.01
N SER B 470 -15.56 13.35 -22.62
CA SER B 470 -15.90 14.51 -21.83
C SER B 470 -15.45 14.42 -20.37
N ALA B 471 -15.73 13.29 -19.73
CA ALA B 471 -15.40 13.10 -18.32
C ALA B 471 -13.98 12.67 -17.99
N SER B 472 -13.35 11.91 -18.88
CA SER B 472 -12.01 11.39 -18.62
C SER B 472 -10.85 12.37 -18.44
N THR B 473 -11.10 13.66 -18.67
CA THR B 473 -10.04 14.66 -18.52
C THR B 473 -9.83 15.07 -17.07
N TYR B 474 -10.76 14.65 -16.21
CA TYR B 474 -10.65 15.01 -14.80
C TYR B 474 -9.46 14.36 -14.11
N ARG B 475 -8.82 15.14 -13.24
CA ARG B 475 -7.69 14.61 -12.48
C ARG B 475 -7.86 15.10 -11.05
N ASP B 476 -7.87 14.15 -10.12
CA ASP B 476 -8.06 14.47 -8.72
C ASP B 476 -6.88 15.19 -8.09
N SER B 477 -5.77 15.23 -8.81
CA SER B 477 -4.56 15.89 -8.32
C SER B 477 -4.80 17.38 -8.11
N ASP B 478 -5.28 18.06 -9.14
CA ASP B 478 -5.55 19.49 -9.01
C ASP B 478 -6.99 19.85 -9.33
N LYS B 479 -7.85 18.85 -9.38
CA LYS B 479 -9.28 19.03 -9.61
C LYS B 479 -9.65 19.72 -10.91
N ARG B 480 -8.82 19.58 -11.94
CA ARG B 480 -9.13 20.19 -13.23
C ARG B 480 -9.75 19.13 -14.14
N GLY B 481 -10.48 19.59 -15.15
CA GLY B 481 -11.11 18.67 -16.09
C GLY B 481 -12.46 18.16 -15.66
N GLY B 482 -13.02 17.24 -16.46
CA GLY B 482 -14.32 16.69 -16.14
C GLY B 482 -15.39 17.06 -17.14
N ALA B 483 -16.55 16.45 -17.02
CA ALA B 483 -17.67 16.69 -17.93
C ALA B 483 -18.43 18.00 -17.71
N ASN B 484 -18.30 18.59 -16.52
CA ASN B 484 -19.03 19.83 -16.28
C ASN B 484 -18.39 20.97 -17.09
N GLY B 485 -19.22 21.68 -17.85
CA GLY B 485 -18.71 22.77 -18.66
C GLY B 485 -18.69 22.42 -20.13
N ALA B 486 -18.74 21.12 -20.44
CA ALA B 486 -18.72 20.65 -21.82
C ALA B 486 -17.58 21.30 -22.62
N ARG B 487 -16.42 21.43 -21.99
CA ARG B 487 -15.27 22.02 -22.66
C ARG B 487 -14.74 21.10 -23.76
N LEU B 488 -15.31 19.90 -23.86
CA LEU B 488 -14.92 18.95 -24.89
C LEU B 488 -15.22 19.57 -26.27
N ARG B 489 -16.26 20.39 -26.33
CA ARG B 489 -16.68 21.03 -27.58
C ARG B 489 -15.87 22.27 -27.94
N LEU B 490 -15.00 22.69 -27.04
CA LEU B 490 -14.17 23.87 -27.25
C LEU B 490 -12.71 23.52 -27.52
N GLU B 491 -11.94 24.53 -27.88
CA GLU B 491 -10.50 24.33 -28.10
C GLU B 491 -9.93 24.16 -26.69
N PRO B 492 -8.90 23.31 -26.53
CA PRO B 492 -8.25 22.54 -27.60
C PRO B 492 -8.81 21.13 -27.75
N GLN B 493 -9.63 20.71 -26.79
CA GLN B 493 -10.19 19.37 -26.79
C GLN B 493 -10.92 18.91 -28.04
N LYS B 494 -11.70 19.81 -28.66
CA LYS B 494 -12.43 19.42 -29.85
C LYS B 494 -11.52 19.00 -30.99
N ASN B 495 -10.26 19.39 -30.94
CA ASN B 495 -9.31 19.03 -31.99
C ASN B 495 -8.23 18.03 -31.57
N TRP B 496 -8.37 17.45 -30.38
CA TRP B 496 -7.38 16.46 -29.94
C TRP B 496 -7.51 15.20 -30.78
N GLU B 497 -6.39 14.70 -31.26
CA GLU B 497 -6.37 13.48 -32.07
C GLU B 497 -7.19 12.36 -31.43
N VAL B 498 -6.95 12.11 -30.14
CA VAL B 498 -7.65 11.05 -29.43
C VAL B 498 -9.17 11.20 -29.47
N ASN B 499 -9.66 12.42 -29.56
CA ASN B 499 -11.11 12.66 -29.58
C ASN B 499 -11.74 12.51 -30.97
N GLU B 500 -10.90 12.25 -31.97
CA GLU B 500 -11.39 12.08 -33.35
C GLU B 500 -12.31 13.25 -33.73
N PRO B 501 -11.73 14.44 -33.92
CA PRO B 501 -12.42 15.67 -34.29
C PRO B 501 -13.58 15.54 -35.27
N GLU B 502 -13.33 14.89 -36.40
CA GLU B 502 -14.33 14.69 -37.44
C GLU B 502 -15.57 14.01 -36.87
N GLN B 503 -15.36 12.84 -36.25
CA GLN B 503 -16.44 12.07 -35.66
C GLN B 503 -17.11 12.83 -34.52
N LEU B 504 -16.30 13.50 -33.70
CA LEU B 504 -16.83 14.25 -32.56
C LEU B 504 -17.84 15.31 -32.97
N GLU B 505 -17.51 16.08 -34.00
CA GLU B 505 -18.42 17.14 -34.47
C GLU B 505 -19.76 16.57 -34.88
N THR B 506 -19.76 15.37 -35.46
CA THR B 506 -20.99 14.72 -35.89
C THR B 506 -21.86 14.40 -34.69
N VAL B 507 -21.26 13.79 -33.66
CA VAL B 507 -21.99 13.43 -32.45
C VAL B 507 -22.51 14.67 -31.73
N LEU B 508 -21.64 15.66 -31.54
CA LEU B 508 -22.04 16.88 -30.86
C LEU B 508 -23.13 17.57 -31.65
N GLY B 509 -23.06 17.45 -32.98
CA GLY B 509 -24.05 18.07 -33.83
C GLY B 509 -25.43 17.50 -33.55
N THR B 510 -25.52 16.18 -33.47
CA THR B 510 -26.78 15.51 -33.20
C THR B 510 -27.30 15.83 -31.80
N LEU B 511 -26.40 15.85 -30.81
CA LEU B 511 -26.81 16.15 -29.45
C LEU B 511 -27.28 17.60 -29.33
N GLU B 512 -26.63 18.49 -30.08
CA GLU B 512 -27.01 19.89 -30.06
C GLU B 512 -28.40 20.07 -30.64
N ASN B 513 -28.71 19.31 -31.68
CA ASN B 513 -30.04 19.39 -32.30
C ASN B 513 -31.11 18.93 -31.31
N ILE B 514 -30.77 17.92 -30.50
CA ILE B 514 -31.70 17.42 -29.50
C ILE B 514 -31.88 18.50 -28.42
N GLN B 515 -30.79 19.15 -28.06
CA GLN B 515 -30.83 20.21 -27.04
C GLN B 515 -31.76 21.31 -27.53
N THR B 516 -31.59 21.72 -28.79
CA THR B 516 -32.41 22.76 -29.40
C THR B 516 -33.89 22.39 -29.40
N GLU B 517 -34.20 21.20 -29.90
CA GLU B 517 -35.58 20.74 -29.97
C GLU B 517 -36.19 20.67 -28.57
N PHE B 518 -35.43 20.19 -27.60
CA PHE B 518 -35.94 20.09 -26.24
C PHE B 518 -36.24 21.49 -25.69
N ASN B 519 -35.24 22.38 -25.76
CA ASN B 519 -35.40 23.73 -25.27
C ASN B 519 -36.56 24.47 -25.93
N ASP B 520 -36.72 24.31 -27.24
CA ASP B 520 -37.81 24.99 -27.95
C ASP B 520 -39.19 24.44 -27.61
N SER B 521 -39.26 23.18 -27.18
CA SER B 521 -40.55 22.57 -26.85
C SER B 521 -41.01 22.86 -25.43
N ARG B 522 -40.15 23.50 -24.63
CA ARG B 522 -40.50 23.83 -23.26
C ARG B 522 -41.30 25.12 -23.18
N SER B 523 -42.20 25.19 -22.21
CA SER B 523 -43.02 26.39 -22.01
C SER B 523 -43.10 26.71 -20.53
N ASP B 524 -41.99 26.54 -19.83
CA ASP B 524 -41.95 26.80 -18.39
C ASP B 524 -40.60 27.31 -17.90
N GLY B 525 -39.69 27.60 -18.83
CA GLY B 525 -38.38 28.10 -18.44
C GLY B 525 -37.32 27.04 -18.26
N THR B 526 -37.67 25.78 -18.51
CA THR B 526 -36.73 24.69 -18.37
C THR B 526 -35.84 24.56 -19.61
N GLN B 527 -34.57 24.27 -19.39
CA GLN B 527 -33.60 24.08 -20.46
C GLN B 527 -32.65 22.98 -20.03
N VAL B 528 -31.95 22.40 -21.00
CA VAL B 528 -30.96 21.38 -20.70
C VAL B 528 -29.64 21.82 -21.34
N SER B 529 -28.53 21.52 -20.68
CA SER B 529 -27.22 21.89 -21.19
C SER B 529 -26.67 20.76 -22.04
N LEU B 530 -25.72 21.09 -22.91
CA LEU B 530 -25.10 20.08 -23.76
C LEU B 530 -24.27 19.20 -22.83
N ALA B 531 -23.72 19.80 -21.78
CA ALA B 531 -22.91 19.06 -20.82
C ALA B 531 -23.71 17.90 -20.23
N ASP B 532 -24.94 18.17 -19.83
CA ASP B 532 -25.79 17.13 -19.27
C ASP B 532 -26.21 16.09 -20.30
N LEU B 533 -26.50 16.54 -21.53
CA LEU B 533 -26.90 15.60 -22.57
C LEU B 533 -25.79 14.62 -22.92
N ILE B 534 -24.55 15.07 -22.91
CA ILE B 534 -23.42 14.20 -23.23
C ILE B 534 -23.35 13.08 -22.20
N VAL B 535 -23.47 13.43 -20.92
CA VAL B 535 -23.42 12.43 -19.86
C VAL B 535 -24.66 11.55 -19.89
N LEU B 536 -25.83 12.18 -20.04
CA LEU B 536 -27.08 11.43 -20.08
C LEU B 536 -27.07 10.44 -21.25
N GLY B 537 -26.47 10.86 -22.35
CA GLY B 537 -26.38 10.00 -23.52
C GLY B 537 -25.52 8.79 -23.21
N GLY B 538 -24.40 9.03 -22.52
CA GLY B 538 -23.51 7.94 -22.16
C GLY B 538 -24.22 6.96 -21.25
N ASN B 539 -24.93 7.48 -20.25
CA ASN B 539 -25.66 6.64 -19.30
C ASN B 539 -26.70 5.79 -20.03
N ALA B 540 -27.44 6.44 -20.92
CA ALA B 540 -28.48 5.74 -21.69
C ALA B 540 -27.88 4.58 -22.48
N ALA B 541 -26.74 4.84 -23.12
CA ALA B 541 -26.06 3.83 -23.92
C ALA B 541 -25.58 2.65 -23.09
N VAL B 542 -25.11 2.93 -21.87
CA VAL B 542 -24.64 1.87 -20.99
C VAL B 542 -25.83 1.02 -20.54
N GLU B 543 -26.93 1.67 -20.20
CA GLU B 543 -28.12 0.97 -19.78
C GLU B 543 -28.59 0.07 -20.92
N GLN B 544 -28.53 0.60 -22.15
CA GLN B 544 -28.94 -0.15 -23.33
C GLN B 544 -28.04 -1.36 -23.57
N ALA B 545 -26.74 -1.17 -23.37
CA ALA B 545 -25.78 -2.25 -23.56
C ALA B 545 -26.06 -3.35 -22.54
N ALA B 546 -26.43 -2.96 -21.33
CA ALA B 546 -26.74 -3.91 -20.27
C ALA B 546 -28.03 -4.65 -20.63
N ALA B 547 -29.00 -3.90 -21.15
CA ALA B 547 -30.28 -4.47 -21.55
C ALA B 547 -30.08 -5.51 -22.64
N ASN B 548 -29.18 -5.22 -23.58
CA ASN B 548 -28.92 -6.16 -24.66
C ASN B 548 -28.40 -7.49 -24.10
N ALA B 549 -27.77 -7.42 -22.93
CA ALA B 549 -27.22 -8.60 -22.28
C ALA B 549 -28.20 -9.27 -21.34
N GLY B 550 -29.37 -8.65 -21.16
CA GLY B 550 -30.38 -9.23 -20.29
C GLY B 550 -30.43 -8.66 -18.88
N TYR B 551 -29.76 -7.54 -18.66
CA TYR B 551 -29.74 -6.93 -17.34
C TYR B 551 -30.45 -5.58 -17.29
N ASP B 552 -31.25 -5.38 -16.26
CA ASP B 552 -31.98 -4.14 -16.09
C ASP B 552 -31.25 -3.26 -15.08
N VAL B 553 -30.51 -2.27 -15.58
CA VAL B 553 -29.76 -1.38 -14.72
C VAL B 553 -30.19 0.07 -14.94
N GLU B 554 -30.24 0.84 -13.85
CA GLU B 554 -30.61 2.24 -13.92
C GLU B 554 -29.47 3.04 -13.33
N ILE B 555 -28.91 3.95 -14.12
CA ILE B 555 -27.80 4.77 -13.67
C ILE B 555 -28.32 6.05 -13.04
N PRO B 556 -27.95 6.31 -11.77
CA PRO B 556 -28.43 7.54 -11.14
C PRO B 556 -27.88 8.74 -11.92
N PHE B 557 -28.73 9.72 -12.19
CA PHE B 557 -28.30 10.90 -12.94
C PHE B 557 -28.58 12.18 -12.18
N GLU B 558 -27.58 13.05 -12.12
CA GLU B 558 -27.71 14.33 -11.42
C GLU B 558 -27.59 15.49 -12.40
N PRO B 559 -28.72 16.11 -12.78
CA PRO B 559 -28.68 17.23 -13.73
C PRO B 559 -28.08 18.46 -13.05
N GLY B 560 -27.57 19.40 -13.86
CA GLY B 560 -27.00 20.60 -13.28
C GLY B 560 -25.70 21.05 -13.94
N ARG B 561 -25.14 20.22 -14.81
CA ARG B 561 -23.92 20.61 -15.49
C ARG B 561 -24.27 21.76 -16.42
N VAL B 562 -23.32 22.66 -16.64
CA VAL B 562 -23.54 23.81 -17.51
C VAL B 562 -22.54 23.83 -18.65
N ASP B 563 -22.78 24.69 -19.64
CA ASP B 563 -21.87 24.80 -20.77
C ASP B 563 -21.01 26.05 -20.61
N ALA B 564 -19.71 25.84 -20.46
CA ALA B 564 -18.76 26.95 -20.31
C ALA B 564 -18.34 27.44 -21.69
N GLY B 565 -17.95 28.72 -21.77
CA GLY B 565 -17.54 29.29 -23.04
C GLY B 565 -16.04 29.50 -23.19
N PRO B 566 -15.59 29.91 -24.39
CA PRO B 566 -14.17 30.14 -24.69
C PRO B 566 -13.58 31.30 -23.87
N GLU B 567 -14.41 32.30 -23.61
CA GLU B 567 -13.99 33.47 -22.86
C GLU B 567 -13.39 33.12 -21.50
N HIS B 568 -13.97 32.11 -20.85
CA HIS B 568 -13.51 31.69 -19.54
C HIS B 568 -12.75 30.36 -19.58
N THR B 569 -12.07 30.13 -20.69
CA THR B 569 -11.31 28.90 -20.87
C THR B 569 -9.91 29.23 -21.39
N ASP B 570 -8.89 28.92 -20.60
CA ASP B 570 -7.50 29.15 -20.99
C ASP B 570 -7.12 27.92 -21.84
N ALA B 571 -7.42 27.99 -23.14
CA ALA B 571 -7.14 26.87 -24.03
C ALA B 571 -5.77 26.22 -23.87
N PRO B 572 -4.69 27.01 -23.96
CA PRO B 572 -3.34 26.45 -23.82
C PRO B 572 -3.14 25.64 -22.54
N SER B 573 -3.77 26.06 -21.45
CA SER B 573 -3.62 25.38 -20.17
C SER B 573 -4.27 23.99 -20.14
N PHE B 574 -5.24 23.74 -21.03
CA PHE B 574 -5.90 22.45 -21.06
C PHE B 574 -5.10 21.38 -21.81
N ASP B 575 -4.04 21.78 -22.50
CA ASP B 575 -3.21 20.82 -23.22
C ASP B 575 -2.57 19.84 -22.25
N ALA B 576 -2.36 20.27 -21.02
CA ALA B 576 -1.76 19.41 -19.99
C ALA B 576 -2.68 18.25 -19.63
N LEU B 577 -3.94 18.35 -20.02
CA LEU B 577 -4.92 17.29 -19.72
C LEU B 577 -5.05 16.28 -20.86
N LYS B 578 -4.35 16.51 -21.96
CA LYS B 578 -4.42 15.61 -23.11
C LYS B 578 -3.79 14.26 -22.77
N PRO B 579 -4.56 13.17 -22.95
CA PRO B 579 -4.05 11.82 -22.66
C PRO B 579 -3.07 11.33 -23.71
N LYS B 580 -2.07 10.56 -23.28
CA LYS B 580 -1.08 10.00 -24.19
C LYS B 580 -1.50 8.55 -24.38
N VAL B 581 -2.24 8.05 -23.41
CA VAL B 581 -2.75 6.69 -23.42
C VAL B 581 -4.15 6.70 -22.82
N ASP B 582 -5.11 6.11 -23.52
CA ASP B 582 -6.48 6.06 -23.03
C ASP B 582 -6.94 4.60 -23.08
N GLY B 583 -7.04 4.00 -21.90
CA GLY B 583 -7.43 2.60 -21.81
C GLY B 583 -8.82 2.28 -22.31
N VAL B 584 -9.79 3.12 -21.97
CA VAL B 584 -11.17 2.90 -22.40
C VAL B 584 -11.28 2.86 -23.92
N ARG B 585 -10.58 3.77 -24.60
CA ARG B 585 -10.63 3.83 -26.05
C ARG B 585 -9.47 3.11 -26.73
N ASN B 586 -8.66 2.43 -25.92
CA ASN B 586 -7.51 1.69 -26.44
C ASN B 586 -6.71 2.55 -27.40
N TYR B 587 -6.32 3.73 -26.90
CA TYR B 587 -5.54 4.69 -27.67
C TYR B 587 -4.14 4.78 -27.10
N ILE B 588 -3.13 4.67 -27.97
CA ILE B 588 -1.73 4.77 -27.54
C ILE B 588 -0.95 5.68 -28.48
N GLN B 589 -0.49 6.81 -27.96
CA GLN B 589 0.28 7.76 -28.75
C GLN B 589 1.64 7.15 -29.09
N ASP B 590 2.07 7.29 -30.34
CA ASP B 590 3.34 6.72 -30.78
C ASP B 590 4.59 7.30 -30.10
N ASP B 591 4.43 8.44 -29.44
CA ASP B 591 5.56 9.09 -28.77
C ASP B 591 6.01 8.46 -27.45
N ILE B 592 5.05 8.02 -26.64
CA ILE B 592 5.33 7.43 -25.33
C ILE B 592 6.67 6.70 -25.19
N THR B 593 7.34 6.95 -24.07
CA THR B 593 8.63 6.31 -23.77
C THR B 593 8.38 5.17 -22.78
N ARG B 594 7.49 5.41 -21.83
CA ARG B 594 7.15 4.40 -20.82
C ARG B 594 6.25 3.35 -21.44
N PRO B 595 6.22 2.14 -20.88
CA PRO B 595 5.35 1.09 -21.43
C PRO B 595 3.91 1.59 -21.29
N ALA B 596 3.05 1.22 -22.24
CA ALA B 596 1.66 1.67 -22.22
C ALA B 596 0.92 1.40 -20.92
N GLU B 597 1.09 0.21 -20.34
CA GLU B 597 0.41 -0.13 -19.10
C GLU B 597 0.82 0.76 -17.94
N GLU B 598 2.05 1.27 -17.97
CA GLU B 598 2.52 2.15 -16.91
C GLU B 598 1.73 3.45 -16.95
N VAL B 599 1.53 3.98 -18.16
CA VAL B 599 0.79 5.21 -18.33
C VAL B 599 -0.67 4.98 -17.95
N LEU B 600 -1.17 3.79 -18.28
CA LEU B 600 -2.56 3.42 -17.98
C LEU B 600 -2.82 3.54 -16.48
N VAL B 601 -1.93 2.98 -15.67
CA VAL B 601 -2.08 3.03 -14.23
C VAL B 601 -1.95 4.46 -13.70
N ASP B 602 -1.03 5.22 -14.30
CA ASP B 602 -0.82 6.61 -13.91
C ASP B 602 -2.12 7.40 -14.13
N ASN B 603 -2.70 7.23 -15.30
CA ASN B 603 -3.95 7.94 -15.61
C ASN B 603 -5.11 7.41 -14.79
N ALA B 604 -5.09 6.12 -14.46
CA ALA B 604 -6.18 5.55 -13.67
C ALA B 604 -6.20 6.20 -12.28
N ASP B 605 -5.03 6.53 -11.76
CA ASP B 605 -4.94 7.15 -10.44
C ASP B 605 -5.57 8.55 -10.45
N LEU B 606 -5.42 9.26 -11.55
CA LEU B 606 -5.99 10.60 -11.66
C LEU B 606 -7.51 10.54 -11.58
N LEU B 607 -8.08 9.39 -11.93
CA LEU B 607 -9.53 9.23 -11.87
C LEU B 607 -9.94 8.55 -10.55
N ASN B 608 -9.00 8.47 -9.62
CA ASN B 608 -9.25 7.86 -8.31
C ASN B 608 -9.71 6.41 -8.41
N LEU B 609 -9.23 5.68 -9.41
CA LEU B 609 -9.62 4.29 -9.58
C LEU B 609 -8.74 3.31 -8.82
N THR B 610 -9.34 2.20 -8.37
CA THR B 610 -8.61 1.14 -7.70
C THR B 610 -8.29 0.13 -8.81
N ALA B 611 -7.47 -0.86 -8.49
CA ALA B 611 -7.11 -1.88 -9.48
C ALA B 611 -8.35 -2.63 -9.94
N SER B 612 -9.24 -2.98 -9.02
CA SER B 612 -10.45 -3.69 -9.37
C SER B 612 -11.39 -2.84 -10.22
N GLU B 613 -11.49 -1.56 -9.90
CA GLU B 613 -12.36 -0.67 -10.67
C GLU B 613 -11.84 -0.49 -12.08
N LEU B 614 -10.52 -0.32 -12.21
CA LEU B 614 -9.90 -0.16 -13.51
C LEU B 614 -10.15 -1.42 -14.34
N THR B 615 -9.99 -2.58 -13.71
CA THR B 615 -10.19 -3.84 -14.42
C THR B 615 -11.64 -4.01 -14.90
N ALA B 616 -12.60 -3.69 -14.05
CA ALA B 616 -14.01 -3.80 -14.42
C ALA B 616 -14.33 -2.83 -15.54
N LEU B 617 -13.78 -1.62 -15.44
CA LEU B 617 -14.02 -0.59 -16.44
C LEU B 617 -13.50 -1.00 -17.81
N ILE B 618 -12.23 -1.40 -17.89
CA ILE B 618 -11.66 -1.79 -19.16
C ILE B 618 -12.33 -3.04 -19.74
N GLY B 619 -12.49 -4.06 -18.89
CA GLY B 619 -13.11 -5.29 -19.36
C GLY B 619 -14.53 -5.12 -19.87
N GLY B 620 -15.33 -4.37 -19.13
CA GLY B 620 -16.71 -4.14 -19.54
C GLY B 620 -16.74 -3.31 -20.81
N MET B 621 -15.88 -2.30 -20.88
CA MET B 621 -15.82 -1.42 -22.03
C MET B 621 -15.52 -2.17 -23.33
N ARG B 622 -14.66 -3.19 -23.25
CA ARG B 622 -14.31 -3.95 -24.44
C ARG B 622 -15.49 -4.76 -24.98
N SER B 623 -16.46 -5.09 -24.13
CA SER B 623 -17.63 -5.83 -24.61
C SER B 623 -18.54 -4.86 -25.34
N ILE B 624 -18.51 -3.60 -24.95
CA ILE B 624 -19.32 -2.55 -25.58
C ILE B 624 -18.62 -2.16 -26.89
N GLY B 625 -17.30 -1.99 -26.81
CA GLY B 625 -16.52 -1.61 -27.97
C GLY B 625 -16.59 -0.12 -28.25
N ALA B 626 -15.73 0.64 -27.57
CA ALA B 626 -15.69 2.09 -27.76
C ALA B 626 -14.27 2.53 -28.11
N ASN B 627 -13.64 1.79 -29.02
CA ASN B 627 -12.28 2.08 -29.42
C ASN B 627 -12.06 3.27 -30.35
N TYR B 628 -10.90 3.88 -30.19
CA TYR B 628 -10.46 4.99 -31.02
C TYR B 628 -10.36 4.40 -32.42
N GLN B 629 -10.89 5.11 -33.41
CA GLN B 629 -10.89 4.67 -34.80
C GLN B 629 -11.64 3.34 -34.97
N ASP B 630 -12.49 3.03 -34.01
CA ASP B 630 -13.31 1.83 -34.01
C ASP B 630 -12.57 0.53 -34.35
N THR B 631 -11.37 0.37 -33.80
CA THR B 631 -10.60 -0.84 -34.06
C THR B 631 -11.23 -2.00 -33.29
N ASP B 632 -10.73 -3.21 -33.52
CA ASP B 632 -11.26 -4.39 -32.83
C ASP B 632 -10.29 -4.82 -31.73
N LEU B 633 -9.35 -3.94 -31.42
CA LEU B 633 -8.35 -4.21 -30.40
C LEU B 633 -8.96 -4.47 -29.02
N GLY B 634 -8.71 -5.67 -28.50
CA GLY B 634 -9.24 -6.03 -27.20
C GLY B 634 -10.72 -6.34 -27.16
N VAL B 635 -11.40 -6.21 -28.30
CA VAL B 635 -12.82 -6.48 -28.37
C VAL B 635 -13.05 -7.97 -28.53
N PHE B 636 -12.79 -8.71 -27.45
CA PHE B 636 -12.93 -10.17 -27.44
C PHE B 636 -14.38 -10.62 -27.24
N THR B 637 -15.21 -10.35 -28.23
CA THR B 637 -16.62 -10.73 -28.16
C THR B 637 -17.20 -10.76 -29.56
N ASP B 638 -18.23 -11.60 -29.75
CA ASP B 638 -18.86 -11.71 -31.06
C ASP B 638 -20.16 -10.90 -31.07
N GLU B 639 -20.41 -10.19 -29.97
CA GLU B 639 -21.61 -9.36 -29.86
C GLU B 639 -21.31 -7.99 -29.24
N PRO B 640 -20.65 -7.10 -30.01
CA PRO B 640 -20.32 -5.77 -29.50
C PRO B 640 -21.58 -5.02 -29.08
N GLU B 641 -21.41 -4.04 -28.20
CA GLU B 641 -22.50 -3.23 -27.68
C GLU B 641 -23.45 -4.03 -26.78
N THR B 642 -22.92 -5.13 -26.26
CA THR B 642 -23.66 -5.99 -25.34
C THR B 642 -22.73 -6.16 -24.14
N LEU B 643 -23.07 -5.52 -23.03
CA LEU B 643 -22.25 -5.57 -21.82
C LEU B 643 -22.22 -6.95 -21.18
N THR B 644 -21.07 -7.61 -21.27
CA THR B 644 -20.90 -8.94 -20.70
C THR B 644 -19.48 -9.06 -20.15
N ASN B 645 -19.11 -10.27 -19.73
CA ASN B 645 -17.77 -10.51 -19.22
C ASN B 645 -16.97 -11.29 -20.25
N ASP B 646 -17.38 -11.19 -21.51
CA ASP B 646 -16.70 -11.89 -22.60
C ASP B 646 -15.21 -11.55 -22.70
N PHE B 647 -14.83 -10.33 -22.36
CA PHE B 647 -13.42 -9.94 -22.42
C PHE B 647 -12.58 -10.88 -21.56
N PHE B 648 -13.03 -11.11 -20.33
CA PHE B 648 -12.30 -11.97 -19.41
C PHE B 648 -12.37 -13.44 -19.79
N VAL B 649 -13.54 -13.91 -20.19
CA VAL B 649 -13.69 -15.30 -20.57
C VAL B 649 -12.74 -15.63 -21.72
N ASN B 650 -12.69 -14.77 -22.73
CA ASN B 650 -11.83 -15.00 -23.87
C ASN B 650 -10.35 -14.68 -23.63
N LEU B 651 -10.09 -13.72 -22.76
CA LEU B 651 -8.70 -13.38 -22.45
C LEU B 651 -8.02 -14.55 -21.72
N LEU B 652 -8.77 -15.17 -20.82
CA LEU B 652 -8.23 -16.28 -20.02
C LEU B 652 -8.24 -17.66 -20.65
N ASP B 653 -8.89 -17.80 -21.81
CA ASP B 653 -8.99 -19.08 -22.49
C ASP B 653 -7.61 -19.54 -22.99
N MET B 654 -7.09 -20.63 -22.43
CA MET B 654 -5.78 -21.12 -22.86
C MET B 654 -5.77 -21.66 -24.27
N GLY B 655 -6.96 -21.83 -24.85
CA GLY B 655 -7.04 -22.33 -26.21
C GLY B 655 -6.46 -21.31 -27.18
N THR B 656 -6.17 -20.13 -26.66
CA THR B 656 -5.62 -19.04 -27.46
C THR B 656 -4.19 -18.71 -27.00
N GLU B 657 -3.30 -18.51 -27.98
CA GLU B 657 -1.91 -18.18 -27.69
C GLU B 657 -1.64 -16.79 -28.26
N TRP B 658 -0.92 -15.96 -27.51
CA TRP B 658 -0.63 -14.59 -27.94
C TRP B 658 0.81 -14.34 -28.35
N GLU B 659 0.98 -13.43 -29.31
CA GLU B 659 2.31 -13.07 -29.81
C GLU B 659 2.28 -11.67 -30.43
N PRO B 660 3.42 -10.97 -30.40
CA PRO B 660 3.50 -9.62 -30.97
C PRO B 660 3.25 -9.66 -32.47
N ALA B 661 2.53 -8.68 -32.97
CA ALA B 661 2.23 -8.62 -34.41
C ALA B 661 3.47 -8.14 -35.15
N ALA B 662 3.67 -8.70 -36.35
CA ALA B 662 4.81 -8.33 -37.17
C ALA B 662 4.61 -6.95 -37.77
N ASP B 663 5.68 -6.16 -37.82
CA ASP B 663 5.63 -4.82 -38.38
C ASP B 663 4.65 -3.92 -37.63
N SER B 664 4.42 -4.22 -36.36
CA SER B 664 3.50 -3.44 -35.54
C SER B 664 4.19 -2.99 -34.25
N GLU B 665 3.88 -1.78 -33.81
CA GLU B 665 4.49 -1.24 -32.61
C GLU B 665 3.65 -1.45 -31.35
N HIS B 666 2.33 -1.56 -31.52
CA HIS B 666 1.45 -1.74 -30.38
C HIS B 666 0.50 -2.93 -30.44
N ARG B 667 0.45 -3.63 -31.56
CA ARG B 667 -0.46 -4.76 -31.68
C ARG B 667 0.08 -6.16 -31.39
N TYR B 668 -0.83 -7.02 -30.92
CA TYR B 668 -0.54 -8.41 -30.61
C TYR B 668 -1.68 -9.23 -31.21
N LYS B 669 -1.37 -10.47 -31.61
CA LYS B 669 -2.38 -11.35 -32.18
C LYS B 669 -2.71 -12.52 -31.27
N GLY B 670 -3.99 -12.86 -31.19
CA GLY B 670 -4.43 -13.99 -30.39
C GLY B 670 -4.76 -15.10 -31.37
N LEU B 671 -3.89 -16.11 -31.43
CA LEU B 671 -4.06 -17.21 -32.36
C LEU B 671 -4.61 -18.48 -31.71
N ASP B 672 -5.42 -19.23 -32.45
CA ASP B 672 -5.97 -20.47 -31.93
C ASP B 672 -4.78 -21.40 -31.78
N ARG B 673 -4.47 -21.76 -30.54
CA ARG B 673 -3.33 -22.62 -30.24
C ARG B 673 -3.24 -23.86 -31.13
N ASP B 674 -4.38 -24.40 -31.53
CA ASP B 674 -4.39 -25.59 -32.39
C ASP B 674 -4.40 -25.23 -33.88
N THR B 675 -5.51 -24.69 -34.37
CA THR B 675 -5.64 -24.33 -35.78
C THR B 675 -4.62 -23.29 -36.22
N GLY B 676 -4.26 -22.38 -35.34
CA GLY B 676 -3.29 -21.34 -35.68
C GLY B 676 -3.95 -20.19 -36.39
N GLU B 677 -5.29 -20.20 -36.40
CA GLU B 677 -6.07 -19.15 -37.05
C GLU B 677 -6.21 -17.96 -36.10
N VAL B 678 -6.09 -16.75 -36.64
CA VAL B 678 -6.22 -15.54 -35.84
C VAL B 678 -7.60 -15.40 -35.24
N LYS B 679 -7.65 -15.29 -33.91
CA LYS B 679 -8.92 -15.14 -33.20
C LYS B 679 -9.19 -13.70 -32.82
N TRP B 680 -8.19 -13.06 -32.22
CA TRP B 680 -8.32 -11.67 -31.80
C TRP B 680 -7.05 -10.88 -32.03
N GLU B 681 -7.13 -9.58 -31.77
CA GLU B 681 -6.00 -8.67 -31.87
C GLU B 681 -6.11 -7.80 -30.62
N ALA B 682 -4.97 -7.35 -30.09
CA ALA B 682 -5.00 -6.54 -28.88
C ALA B 682 -3.74 -5.71 -28.68
N THR B 683 -3.75 -4.89 -27.63
CA THR B 683 -2.61 -4.05 -27.28
C THR B 683 -2.16 -4.46 -25.88
N ARG B 684 -1.09 -3.82 -25.39
CA ARG B 684 -0.60 -4.12 -24.05
C ARG B 684 -1.63 -3.74 -22.99
N ILE B 685 -2.49 -2.78 -23.34
CA ILE B 685 -3.53 -2.33 -22.42
C ILE B 685 -4.46 -3.49 -22.09
N ASP B 686 -4.83 -4.24 -23.11
CA ASP B 686 -5.72 -5.38 -22.94
C ASP B 686 -5.01 -6.55 -22.27
N LEU B 687 -3.83 -6.88 -22.78
CA LEU B 687 -3.09 -8.02 -22.26
C LEU B 687 -2.52 -7.91 -20.86
N ILE B 688 -2.29 -6.71 -20.37
CA ILE B 688 -1.73 -6.59 -19.03
C ILE B 688 -2.64 -7.22 -17.98
N PHE B 689 -3.95 -7.27 -18.27
CA PHE B 689 -4.89 -7.84 -17.32
C PHE B 689 -4.82 -9.36 -17.23
N GLY B 690 -4.06 -9.95 -18.15
CA GLY B 690 -3.89 -11.39 -18.13
C GLY B 690 -2.44 -11.75 -17.88
N SER B 691 -1.61 -10.74 -17.64
CA SER B 691 -0.18 -10.93 -17.41
C SER B 691 0.27 -10.60 -15.98
N ASN B 692 -0.10 -9.41 -15.50
CA ASN B 692 0.25 -8.96 -14.16
C ASN B 692 -0.41 -9.91 -13.15
N ASP B 693 0.35 -10.37 -12.16
CA ASP B 693 -0.20 -11.32 -11.19
C ASP B 693 -1.45 -10.86 -10.45
N ARG B 694 -1.46 -9.61 -10.00
CA ARG B 694 -2.63 -9.12 -9.28
C ARG B 694 -3.82 -8.85 -10.19
N LEU B 695 -3.57 -8.28 -11.36
CA LEU B 695 -4.67 -8.00 -12.28
C LEU B 695 -5.29 -9.30 -12.77
N ARG B 696 -4.45 -10.32 -12.96
CA ARG B 696 -4.94 -11.60 -13.43
C ARG B 696 -5.90 -12.22 -12.40
N ALA B 697 -5.58 -12.07 -11.12
CA ALA B 697 -6.46 -12.64 -10.08
C ALA B 697 -7.82 -11.94 -10.15
N ILE B 698 -7.84 -10.65 -10.46
CA ILE B 698 -9.09 -9.91 -10.57
C ILE B 698 -9.84 -10.40 -11.81
N SER B 699 -9.11 -10.54 -12.92
CA SER B 699 -9.71 -11.01 -14.16
C SER B 699 -10.34 -12.39 -13.99
N GLU B 700 -9.72 -13.25 -13.19
CA GLU B 700 -10.25 -14.58 -12.98
C GLU B 700 -11.59 -14.54 -12.25
N VAL B 701 -11.79 -13.55 -11.40
CA VAL B 701 -13.05 -13.44 -10.69
C VAL B 701 -14.15 -13.08 -11.69
N TYR B 702 -13.89 -12.06 -12.49
CA TYR B 702 -14.86 -11.60 -13.48
C TYR B 702 -15.09 -12.60 -14.62
N GLY B 703 -14.10 -13.43 -14.90
CA GLY B 703 -14.22 -14.40 -15.97
C GLY B 703 -14.83 -15.73 -15.54
N SER B 704 -15.32 -15.79 -14.31
CA SER B 704 -15.93 -17.02 -13.81
C SER B 704 -17.36 -17.18 -14.34
N ALA B 705 -17.83 -18.42 -14.37
CA ALA B 705 -19.16 -18.74 -14.88
C ALA B 705 -20.32 -17.94 -14.32
N ASP B 706 -20.32 -17.66 -13.02
CA ASP B 706 -21.43 -16.90 -12.43
C ASP B 706 -21.06 -15.50 -11.96
N ALA B 707 -20.19 -14.83 -12.70
CA ALA B 707 -19.76 -13.49 -12.30
C ALA B 707 -20.16 -12.39 -13.29
N GLU B 708 -20.93 -12.75 -14.32
CA GLU B 708 -21.32 -11.74 -15.31
C GLU B 708 -22.14 -10.59 -14.71
N LYS B 709 -23.14 -10.92 -13.89
CA LYS B 709 -23.96 -9.89 -13.28
C LYS B 709 -23.09 -8.98 -12.41
N LYS B 710 -22.16 -9.59 -11.67
CA LYS B 710 -21.28 -8.81 -10.82
C LYS B 710 -20.43 -7.83 -11.64
N LEU B 711 -19.89 -8.31 -12.75
CA LEU B 711 -19.08 -7.45 -13.60
C LEU B 711 -19.92 -6.31 -14.15
N VAL B 712 -21.13 -6.63 -14.62
CA VAL B 712 -21.99 -5.59 -15.15
C VAL B 712 -22.24 -4.50 -14.11
N HIS B 713 -22.57 -4.92 -12.89
CA HIS B 713 -22.83 -3.96 -11.83
C HIS B 713 -21.57 -3.17 -11.43
N ASP B 714 -20.42 -3.84 -11.40
CA ASP B 714 -19.18 -3.15 -11.05
C ASP B 714 -18.77 -2.17 -12.14
N PHE B 715 -19.04 -2.53 -13.40
CA PHE B 715 -18.72 -1.65 -14.52
C PHE B 715 -19.57 -0.40 -14.39
N VAL B 716 -20.86 -0.60 -14.16
CA VAL B 716 -21.80 0.49 -14.04
C VAL B 716 -21.43 1.41 -12.87
N ASP B 717 -21.05 0.83 -11.74
CA ASP B 717 -20.67 1.65 -10.59
C ASP B 717 -19.45 2.52 -10.91
N THR B 718 -18.49 1.96 -11.63
CA THR B 718 -17.28 2.70 -11.97
C THR B 718 -17.59 3.77 -13.01
N TRP B 719 -18.44 3.43 -13.96
CA TRP B 719 -18.84 4.39 -15.00
C TRP B 719 -19.48 5.58 -14.32
N SER B 720 -20.45 5.31 -13.44
CA SER B 720 -21.15 6.37 -12.72
C SER B 720 -20.17 7.21 -11.91
N LYS B 721 -19.24 6.56 -11.24
CA LYS B 721 -18.25 7.25 -10.44
C LYS B 721 -17.51 8.30 -11.25
N VAL B 722 -16.96 7.87 -12.39
CA VAL B 722 -16.19 8.76 -13.25
C VAL B 722 -17.03 9.93 -13.79
N MET B 723 -18.27 9.64 -14.18
CA MET B 723 -19.13 10.69 -14.71
C MET B 723 -19.40 11.80 -13.71
N LYS B 724 -19.32 11.50 -12.42
CA LYS B 724 -19.59 12.49 -11.38
C LYS B 724 -18.38 13.05 -10.63
N LEU B 725 -17.17 12.72 -11.07
CA LEU B 725 -15.98 13.20 -10.37
C LEU B 725 -15.85 14.71 -10.15
N ASP B 726 -16.28 15.51 -11.11
CA ASP B 726 -16.16 16.96 -10.95
C ASP B 726 -17.41 17.66 -10.41
N ARG B 727 -18.33 16.90 -9.85
CA ARG B 727 -19.54 17.48 -9.28
C ARG B 727 -19.32 17.70 -7.78
N PHE B 728 -18.66 18.81 -7.44
CA PHE B 728 -18.39 19.12 -6.05
C PHE B 728 -19.58 19.76 -5.34
N ASP B 729 -20.70 19.85 -6.05
CA ASP B 729 -21.91 20.43 -5.47
C ASP B 729 -22.42 19.58 -4.31
N LEU B 730 -21.75 18.46 -4.07
CA LEU B 730 -22.12 17.57 -2.98
C LEU B 730 -20.89 17.14 -2.17
N GLU B 731 -19.91 18.03 -2.08
CA GLU B 731 -18.68 17.75 -1.34
C GLU B 731 -18.50 18.75 -0.19
CHA HEM C . 9.40 -33.01 -7.07
CHB HEM C . 12.74 -31.73 -3.88
CHC HEM C . 9.80 -32.65 -0.37
CHD HEM C . 6.45 -34.13 -3.47
C1A HEM C . 10.59 -32.45 -6.58
C2A HEM C . 11.72 -31.89 -7.26
C3A HEM C . 12.74 -31.51 -6.45
C4A HEM C . 12.19 -31.86 -5.14
CMA HEM C . 14.06 -30.84 -6.71
CAA HEM C . 11.75 -31.77 -8.78
CBA HEM C . 11.05 -30.57 -9.46
CGA HEM C . 11.21 -30.85 -10.83
O1A HEM C . 12.35 -30.83 -11.45
O2A HEM C . 10.22 -31.15 -11.52
C1B HEM C . 12.31 -31.75 -2.56
C2B HEM C . 13.09 -31.50 -1.37
C3B HEM C . 12.25 -31.86 -0.37
C4B HEM C . 11.00 -32.32 -0.97
CMB HEM C . 14.47 -30.90 -1.39
CAB HEM C . 12.49 -31.70 1.11
CBB HEM C . 13.75 -32.22 1.85
C1C HEM C . 8.56 -33.02 -0.79
C2C HEM C . 7.34 -33.33 -0.06
C3C HEM C . 6.44 -33.71 -0.98
C4C HEM C . 7.01 -33.67 -2.30
CMC HEM C . 7.21 -33.07 1.42
CAC HEM C . 4.99 -34.12 -0.71
CBC HEM C . 4.23 -34.89 0.38
C1D HEM C . 7.02 -34.15 -4.73
C2D HEM C . 6.40 -34.65 -5.95
C3D HEM C . 7.24 -34.34 -6.95
C4D HEM C . 8.37 -33.65 -6.36
CMD HEM C . 5.17 -35.51 -6.00
CAD HEM C . 7.17 -34.80 -8.39
CBD HEM C . 6.56 -33.71 -9.38
CGD HEM C . 6.38 -34.16 -10.70
O1D HEM C . 6.16 -33.26 -11.58
O2D HEM C . 6.40 -35.37 -11.05
NA HEM C . 10.93 -32.41 -5.24
NB HEM C . 11.05 -32.25 -2.35
NC HEM C . 8.29 -33.24 -2.14
ND HEM C . 8.22 -33.54 -5.01
FE HEM C . 9.71 -33.08 -3.67
NAA DDJ D . 14.64 -27.57 -6.01
OAB DDJ D . 20.17 -23.56 -11.21
OAC DDJ D . 13.33 -27.34 -8.41
CAD DDJ D . 18.23 -24.40 -10.10
CAE DDJ D . 15.04 -25.87 -9.19
CAF DDJ D . 14.49 -26.67 -8.19
CAG DDJ D . 15.17 -26.82 -6.97
CAH DDJ D . 16.27 -25.26 -8.99
CAI DDJ D . 16.94 -25.42 -7.79
CAJ DDJ D . 16.39 -26.20 -6.78
CAK DDJ D . 18.81 -23.66 -11.12
CAL DDJ D . 16.85 -24.53 -10.03
CAM DDJ D . 18.01 -23.02 -12.07
CAN DDJ D . 16.62 -23.15 -12.00
CAO DDJ D . 16.04 -23.90 -10.97
CAP DDJ D . 20.63 -22.43 -10.48
CAQ DDJ D . 12.21 -26.52 -8.08
NAR DDJ D . 18.56 -22.30 -13.04
C CYN E . 8.94 -30.49 -4.15
N CYN E . 7.90 -30.54 -4.40
CHA HEM F . 14.98 31.81 0.68
CHB HEM F . 16.13 30.23 -3.55
CHC HEM F . 12.09 31.60 -5.30
CHD HEM F . 10.99 33.29 -1.04
C1A HEM F . 15.86 31.16 -0.19
C2A HEM F . 17.10 30.42 -0.18
C3A HEM F . 17.47 29.93 -1.38
C4A HEM F . 16.37 30.42 -2.20
CMA HEM F . 18.80 29.32 -1.68
CAA HEM F . 17.73 30.33 1.20
CBA HEM F . 17.36 29.19 2.19
CGA HEM F . 18.17 29.40 3.32
O1A HEM F . 19.45 29.24 3.34
O2A HEM F . 17.59 29.75 4.37
C1B HEM F . 15.19 30.38 -4.56
C2B HEM F . 15.29 30.03 -5.96
C3B HEM F . 14.13 30.52 -6.47
C4B HEM F . 13.38 31.13 -5.39
CMB HEM F . 16.43 29.29 -6.62
CAB HEM F . 13.65 30.47 -7.91
CBB HEM F . 14.33 30.76 -9.26
C1C HEM F . 11.20 32.14 -4.41
C2C HEM F . 9.81 32.56 -4.42
C3C HEM F . 9.55 32.97 -3.18
C4C HEM F . 10.69 32.85 -2.31
CMC HEM F . 9.02 32.27 -5.67
CAC HEM F . 8.22 33.49 -2.60
CBC HEM F . 7.14 34.33 -3.34
C1D HEM F . 11.98 33.30 -0.06
C2D HEM F . 11.93 33.88 1.26
C3D HEM F . 13.12 33.41 1.69
C4D HEM F . 13.83 32.61 0.70
CMD HEM F . 10.98 34.85 1.91
CAD HEM F . 13.88 33.72 2.95
CBD HEM F . 13.56 32.72 4.15
CGD HEM F . 14.16 33.14 5.35
O1D HEM F . 14.43 32.28 6.25
O2D HEM F . 14.48 34.31 5.69
NA HEM F . 15.43 31.14 -1.50
NB HEM F . 14.05 31.05 -4.19
NC HEM F . 11.69 32.33 -3.11
ND HEM F . 13.08 32.53 -0.43
FE HEM F . 13.63 31.91 -2.36
NAA DDJ G . 15.86 27.03 -2.87
OAB DDJ G . 23.39 23.17 -1.33
OAC DDJ G . 15.49 25.92 -0.41
CAD DDJ G . 21.17 24.04 -1.24
CAE DDJ G . 17.73 25.07 -0.46
CAF DDJ G . 16.68 25.78 -1.05
CAG DDJ G . 16.85 26.35 -2.31
CAH DDJ G . 18.93 24.91 -1.14
CAI DDJ G . 19.09 25.47 -2.41
CAJ DDJ G . 18.06 26.19 -3.00
CAK DDJ G . 22.20 23.28 -0.69
CAL DDJ G . 19.96 24.16 -0.58
CAM DDJ G . 22.01 22.62 0.53
CAN DDJ G . 20.79 22.75 1.19
CAO DDJ G . 19.77 23.52 0.65
CAP DDJ G . 23.36 22.05 -2.23
CAQ DDJ G . 15.51 27.12 0.37
NAR DDJ G . 22.98 21.89 1.05
C CYN H . 12.88 29.37 -0.96
N CYN H . 12.93 29.69 -1.97
#